data_1V64
#
_entry.id   1V64
#
_entity_poly.entity_id   1
_entity_poly.type   'polypeptide(L)'
_entity_poly.pdbx_seq_one_letter_code
;GSSGSSGQLKDKFDGRPTKPPPNSYSLYCAELMANMKDVPSTERMVLCSQQWKLLSQKEKDAYHKKCDQKKKDYEVELLR
FLESLPEEEQQRVLGEEKMLNISGPSSG
;
_entity_poly.pdbx_strand_id   A
#
# COMPACT_ATOMS: atom_id res chain seq x y z
N GLY A 1 -23.89 -9.16 15.71
CA GLY A 1 -23.83 -8.72 14.30
C GLY A 1 -22.75 -9.43 13.50
N SER A 2 -21.55 -8.85 13.51
CA SER A 2 -20.42 -9.43 12.80
C SER A 2 -19.37 -9.97 13.76
N SER A 3 -19.40 -11.28 13.99
CA SER A 3 -18.46 -11.93 14.90
C SER A 3 -17.32 -12.58 14.12
N GLY A 4 -16.97 -11.99 12.99
CA GLY A 4 -15.89 -12.52 12.18
C GLY A 4 -16.22 -13.89 11.61
N SER A 5 -16.98 -13.91 10.52
CA SER A 5 -17.37 -15.17 9.88
C SER A 5 -16.15 -15.89 9.32
N SER A 6 -15.31 -15.15 8.59
CA SER A 6 -14.11 -15.73 8.00
C SER A 6 -12.88 -14.91 8.38
N GLY A 7 -11.71 -15.51 8.20
CA GLY A 7 -10.47 -14.83 8.53
C GLY A 7 -9.51 -14.77 7.35
N GLN A 8 -8.27 -14.39 7.62
CA GLN A 8 -7.26 -14.28 6.57
C GLN A 8 -5.97 -14.98 6.99
N LEU A 9 -4.98 -14.98 6.10
CA LEU A 9 -3.70 -15.62 6.37
C LEU A 9 -2.55 -14.65 6.11
N LYS A 10 -2.83 -13.36 6.22
CA LYS A 10 -1.81 -12.34 6.00
C LYS A 10 -1.52 -11.57 7.29
N ASP A 11 -2.57 -11.24 8.03
CA ASP A 11 -2.43 -10.51 9.28
C ASP A 11 -1.77 -9.15 9.04
N LYS A 12 -2.34 -8.38 8.11
CA LYS A 12 -1.80 -7.06 7.80
C LYS A 12 -2.75 -5.96 8.28
N PHE A 13 -4.04 -6.27 8.31
CA PHE A 13 -5.05 -5.32 8.75
C PHE A 13 -5.36 -5.50 10.23
N ASP A 14 -4.32 -5.66 11.04
CA ASP A 14 -4.49 -5.85 12.48
C ASP A 14 -3.32 -5.23 13.24
N GLY A 15 -2.10 -5.54 12.81
CA GLY A 15 -0.92 -5.01 13.46
C GLY A 15 -0.57 -3.61 12.99
N ARG A 16 -0.79 -3.37 11.70
CA ARG A 16 -0.49 -2.06 11.11
C ARG A 16 -1.67 -1.56 10.28
N PRO A 17 -1.78 -0.22 10.11
CA PRO A 17 -2.85 0.38 9.33
C PRO A 17 -2.75 0.05 7.85
N THR A 18 -3.63 0.65 7.05
CA THR A 18 -3.63 0.42 5.61
C THR A 18 -2.31 0.81 4.98
N LYS A 19 -1.51 -0.19 4.61
CA LYS A 19 -0.21 0.06 4.00
C LYS A 19 -0.37 0.70 2.62
N PRO A 20 0.14 1.94 2.44
CA PRO A 20 0.04 2.65 1.17
C PRO A 20 1.06 2.15 0.14
N PRO A 21 0.67 2.09 -1.14
CA PRO A 21 1.57 1.62 -2.22
C PRO A 21 2.84 2.46 -2.30
N PRO A 22 3.84 2.00 -3.07
CA PRO A 22 5.11 2.71 -3.23
C PRO A 22 4.95 4.02 -4.00
N ASN A 23 4.21 3.96 -5.10
CA ASN A 23 3.98 5.14 -5.93
C ASN A 23 2.71 4.99 -6.76
N SER A 24 2.48 5.94 -7.65
CA SER A 24 1.29 5.91 -8.51
C SER A 24 1.34 4.73 -9.48
N TYR A 25 2.54 4.40 -9.95
CA TYR A 25 2.71 3.29 -10.88
C TYR A 25 2.16 1.99 -10.29
N SER A 26 2.66 1.62 -9.12
CA SER A 26 2.20 0.40 -8.45
C SER A 26 0.73 0.52 -8.06
N LEU A 27 0.32 1.72 -7.67
CA LEU A 27 -1.06 1.97 -7.27
C LEU A 27 -2.01 1.70 -8.44
N TYR A 28 -1.71 2.30 -9.59
CA TYR A 28 -2.53 2.13 -10.77
C TYR A 28 -2.63 0.65 -11.16
N CYS A 29 -1.55 -0.08 -10.91
CA CYS A 29 -1.51 -1.51 -11.23
C CYS A 29 -2.66 -2.24 -10.56
N ALA A 30 -2.87 -1.96 -9.27
CA ALA A 30 -3.94 -2.60 -8.53
C ALA A 30 -5.30 -2.07 -8.95
N GLU A 31 -5.33 -0.81 -9.37
CA GLU A 31 -6.57 -0.18 -9.80
C GLU A 31 -7.05 -0.77 -11.13
N LEU A 32 -6.11 -0.96 -12.05
CA LEU A 32 -6.44 -1.53 -13.37
C LEU A 32 -6.84 -2.99 -13.23
N MET A 33 -6.02 -3.76 -12.53
CA MET A 33 -6.30 -5.19 -12.33
C MET A 33 -7.68 -5.39 -11.72
N ALA A 34 -8.08 -4.47 -10.85
CA ALA A 34 -9.38 -4.54 -10.21
C ALA A 34 -10.50 -4.35 -11.22
N ASN A 35 -10.22 -3.56 -12.26
CA ASN A 35 -11.21 -3.28 -13.30
C ASN A 35 -11.10 -4.31 -14.41
N MET A 36 -9.89 -4.84 -14.62
CA MET A 36 -9.65 -5.83 -15.65
C MET A 36 -10.10 -7.21 -15.19
N LYS A 37 -11.40 -7.33 -14.86
CA LYS A 37 -11.95 -8.61 -14.40
C LYS A 37 -11.85 -9.67 -15.49
N ASP A 38 -11.96 -9.24 -16.74
CA ASP A 38 -11.89 -10.16 -17.87
C ASP A 38 -10.46 -10.22 -18.42
N VAL A 39 -9.49 -10.29 -17.53
CA VAL A 39 -8.09 -10.36 -17.93
C VAL A 39 -7.26 -11.10 -16.88
N PRO A 40 -6.41 -12.05 -17.31
CA PRO A 40 -5.57 -12.84 -16.40
C PRO A 40 -4.47 -11.98 -15.77
N SER A 41 -4.11 -12.32 -14.53
CA SER A 41 -3.08 -11.59 -13.79
C SER A 41 -1.85 -11.34 -14.67
N THR A 42 -1.61 -12.24 -15.62
CA THR A 42 -0.48 -12.11 -16.52
C THR A 42 -0.72 -11.00 -17.52
N GLU A 43 -1.95 -10.88 -17.98
CA GLU A 43 -2.32 -9.84 -18.94
C GLU A 43 -2.54 -8.51 -18.22
N ARG A 44 -3.09 -8.59 -17.01
CA ARG A 44 -3.35 -7.40 -16.22
C ARG A 44 -2.04 -6.66 -15.91
N MET A 45 -1.10 -7.38 -15.29
CA MET A 45 0.20 -6.82 -14.95
C MET A 45 0.85 -6.20 -16.19
N VAL A 46 0.75 -6.88 -17.32
CA VAL A 46 1.33 -6.39 -18.57
C VAL A 46 0.55 -5.19 -19.09
N LEU A 47 -0.76 -5.20 -18.86
CA LEU A 47 -1.62 -4.11 -19.30
C LEU A 47 -1.31 -2.83 -18.53
N CYS A 48 -1.13 -2.96 -17.22
CA CYS A 48 -0.83 -1.82 -16.37
C CYS A 48 0.37 -1.04 -16.90
N SER A 49 1.29 -1.76 -17.53
CA SER A 49 2.49 -1.15 -18.09
C SER A 49 2.15 -0.33 -19.33
N GLN A 50 1.26 -0.87 -20.16
CA GLN A 50 0.85 -0.18 -21.38
C GLN A 50 -0.10 0.96 -21.07
N GLN A 51 -1.13 0.67 -20.26
CA GLN A 51 -2.11 1.67 -19.88
C GLN A 51 -1.45 2.85 -19.17
N TRP A 52 -0.35 2.57 -18.47
CA TRP A 52 0.37 3.60 -17.74
C TRP A 52 1.27 4.39 -18.68
N LYS A 53 1.71 3.75 -19.76
CA LYS A 53 2.58 4.39 -20.73
C LYS A 53 1.78 5.30 -21.66
N LEU A 54 0.53 4.96 -21.89
CA LEU A 54 -0.34 5.74 -22.76
C LEU A 54 -0.99 6.89 -22.00
N LEU A 55 -1.20 6.70 -20.70
CA LEU A 55 -1.81 7.72 -19.86
C LEU A 55 -1.01 9.02 -19.92
N SER A 56 -1.73 10.15 -19.97
CA SER A 56 -1.09 11.46 -20.03
C SER A 56 -0.61 11.90 -18.64
N GLN A 57 0.14 12.99 -18.60
CA GLN A 57 0.66 13.51 -17.34
C GLN A 57 -0.47 13.86 -16.38
N LYS A 58 -1.52 14.49 -16.91
CA LYS A 58 -2.67 14.88 -16.12
C LYS A 58 -3.36 13.65 -15.53
N GLU A 59 -3.31 12.54 -16.26
CA GLU A 59 -3.91 11.30 -15.81
C GLU A 59 -3.06 10.63 -14.73
N LYS A 60 -1.76 10.58 -14.97
CA LYS A 60 -0.83 9.97 -14.02
C LYS A 60 -0.78 10.76 -12.72
N ASP A 61 -0.99 12.07 -12.82
CA ASP A 61 -0.97 12.94 -11.65
C ASP A 61 -2.13 12.62 -10.72
N ALA A 62 -3.26 12.24 -11.30
CA ALA A 62 -4.45 11.90 -10.52
C ALA A 62 -4.17 10.73 -9.60
N TYR A 63 -3.48 9.72 -10.12
CA TYR A 63 -3.15 8.53 -9.33
C TYR A 63 -2.14 8.87 -8.24
N HIS A 64 -1.28 9.84 -8.52
CA HIS A 64 -0.27 10.26 -7.57
C HIS A 64 -0.91 10.75 -6.27
N LYS A 65 -2.04 11.45 -6.40
CA LYS A 65 -2.75 11.96 -5.24
C LYS A 65 -3.26 10.83 -4.36
N LYS A 66 -3.77 9.78 -5.00
CA LYS A 66 -4.28 8.63 -4.27
C LYS A 66 -3.17 7.95 -3.47
N CYS A 67 -2.02 7.78 -4.12
CA CYS A 67 -0.87 7.15 -3.46
C CYS A 67 -0.44 7.97 -2.26
N ASP A 68 -0.23 9.27 -2.47
CA ASP A 68 0.18 10.16 -1.39
C ASP A 68 -0.89 10.23 -0.32
N GLN A 69 -2.15 10.21 -0.75
CA GLN A 69 -3.27 10.27 0.18
C GLN A 69 -3.24 9.07 1.13
N LYS A 70 -2.94 7.90 0.58
CA LYS A 70 -2.88 6.68 1.38
C LYS A 70 -1.79 6.80 2.44
N LYS A 71 -0.73 7.53 2.13
CA LYS A 71 0.37 7.73 3.05
C LYS A 71 -0.07 8.60 4.22
N LYS A 72 -0.88 9.61 3.93
CA LYS A 72 -1.38 10.52 4.95
C LYS A 72 -2.21 9.76 5.98
N ASP A 73 -3.10 8.90 5.49
CA ASP A 73 -3.96 8.10 6.37
C ASP A 73 -3.12 7.07 7.11
N TYR A 74 -2.15 6.49 6.41
CA TYR A 74 -1.27 5.48 7.00
C TYR A 74 -0.53 6.06 8.20
N GLU A 75 -0.07 7.30 8.07
CA GLU A 75 0.66 7.97 9.14
C GLU A 75 -0.25 8.17 10.35
N VAL A 76 -1.44 8.71 10.11
CA VAL A 76 -2.39 8.95 11.19
C VAL A 76 -2.85 7.65 11.83
N GLU A 77 -3.29 6.71 10.99
CA GLU A 77 -3.74 5.40 11.48
C GLU A 77 -2.63 4.69 12.22
N LEU A 78 -1.39 4.94 11.80
CA LEU A 78 -0.23 4.32 12.43
C LEU A 78 0.14 5.04 13.72
N LEU A 79 -0.07 6.36 13.73
CA LEU A 79 0.23 7.16 14.91
C LEU A 79 -0.75 6.88 16.03
N ARG A 80 -2.04 6.98 15.71
CA ARG A 80 -3.09 6.74 16.70
C ARG A 80 -2.99 5.31 17.25
N PHE A 81 -2.54 4.39 16.42
CA PHE A 81 -2.38 3.00 16.82
C PHE A 81 -1.15 2.82 17.69
N LEU A 82 -0.02 3.39 17.25
CA LEU A 82 1.23 3.29 18.00
C LEU A 82 1.06 3.81 19.42
N GLU A 83 0.68 5.09 19.54
CA GLU A 83 0.48 5.70 20.85
C GLU A 83 -0.44 4.85 21.71
N SER A 84 -1.37 4.18 21.07
CA SER A 84 -2.32 3.33 21.77
C SER A 84 -1.60 2.17 22.46
N LEU A 85 -0.52 1.71 21.84
CA LEU A 85 0.26 0.61 22.38
C LEU A 85 1.36 1.13 23.32
N PRO A 86 1.84 0.29 24.23
CA PRO A 86 2.89 0.67 25.19
C PRO A 86 4.23 0.95 24.50
N GLU A 87 5.22 1.35 25.28
CA GLU A 87 6.55 1.65 24.75
C GLU A 87 7.13 0.42 24.07
N GLU A 88 7.08 -0.72 24.76
CA GLU A 88 7.62 -1.96 24.22
C GLU A 88 7.01 -2.27 22.86
N GLU A 89 5.68 -2.18 22.77
CA GLU A 89 4.98 -2.44 21.52
C GLU A 89 5.34 -1.39 20.48
N GLN A 90 5.27 -0.12 20.88
CA GLN A 90 5.58 0.98 19.98
C GLN A 90 7.02 0.85 19.45
N GLN A 91 7.90 0.30 20.27
CA GLN A 91 9.30 0.11 19.89
C GLN A 91 9.41 -0.86 18.72
N ARG A 92 8.75 -2.00 18.82
CA ARG A 92 8.78 -3.00 17.77
C ARG A 92 8.21 -2.44 16.47
N VAL A 93 7.03 -1.85 16.55
CA VAL A 93 6.37 -1.27 15.39
C VAL A 93 7.18 -0.11 14.82
N LEU A 94 7.70 0.73 15.72
CA LEU A 94 8.49 1.89 15.31
C LEU A 94 9.86 1.46 14.77
N GLY A 95 10.38 0.37 15.33
CA GLY A 95 11.67 -0.14 14.89
C GLY A 95 11.59 -0.94 13.61
N GLU A 96 10.38 -1.09 13.08
CA GLU A 96 10.18 -1.85 11.84
C GLU A 96 9.60 -0.96 10.74
N GLU A 97 8.67 -0.08 11.12
CA GLU A 97 8.04 0.81 10.17
C GLU A 97 8.73 2.17 10.17
N LYS A 98 8.87 2.77 11.34
CA LYS A 98 9.52 4.07 11.46
C LYS A 98 10.94 4.04 10.91
N MET A 99 11.61 2.90 11.08
CA MET A 99 12.98 2.74 10.60
C MET A 99 13.01 2.78 9.08
N LEU A 100 11.94 2.32 8.45
CA LEU A 100 11.85 2.30 6.99
C LEU A 100 11.00 3.45 6.48
N ASN A 101 11.60 4.62 6.38
CA ASN A 101 10.89 5.81 5.90
C ASN A 101 11.12 6.02 4.40
N ILE A 102 11.10 4.94 3.64
CA ILE A 102 11.32 5.00 2.21
C ILE A 102 12.71 5.51 1.88
N SER A 103 13.72 4.66 2.11
CA SER A 103 15.10 5.03 1.85
C SER A 103 15.98 3.79 1.73
N GLY A 104 17.18 3.97 1.19
CA GLY A 104 18.10 2.86 1.02
C GLY A 104 19.42 3.09 1.72
N PRO A 105 20.54 2.64 1.13
CA PRO A 105 21.88 2.81 1.72
C PRO A 105 22.14 4.25 2.13
N SER A 106 21.77 5.19 1.26
CA SER A 106 21.97 6.61 1.53
C SER A 106 21.25 7.47 0.50
N SER A 107 21.13 8.76 0.78
CA SER A 107 20.47 9.68 -0.13
C SER A 107 21.23 9.81 -1.44
N GLY A 108 22.55 9.67 -1.37
CA GLY A 108 23.37 9.77 -2.56
C GLY A 108 23.48 11.18 -3.08
N GLY A 1 -20.81 -6.57 15.18
CA GLY A 1 -20.99 -7.24 13.86
C GLY A 1 -21.90 -8.45 13.95
N SER A 2 -22.74 -8.63 12.94
CA SER A 2 -23.66 -9.77 12.90
C SER A 2 -22.99 -11.00 12.30
N SER A 3 -22.53 -10.86 11.06
CA SER A 3 -21.87 -11.96 10.37
C SER A 3 -21.29 -11.50 9.04
N GLY A 4 -20.03 -11.05 9.08
CA GLY A 4 -19.38 -10.58 7.86
C GLY A 4 -18.04 -9.93 8.15
N SER A 5 -16.96 -10.65 7.86
CA SER A 5 -15.61 -10.14 8.08
C SER A 5 -14.63 -10.76 7.09
N SER A 6 -13.35 -10.40 7.24
CA SER A 6 -12.31 -10.93 6.36
C SER A 6 -11.66 -12.17 6.98
N GLY A 7 -10.75 -12.77 6.23
CA GLY A 7 -10.07 -13.96 6.71
C GLY A 7 -8.84 -14.29 5.89
N GLN A 8 -7.67 -13.87 6.37
CA GLN A 8 -6.41 -14.12 5.68
C GLN A 8 -5.46 -14.91 6.55
N LEU A 9 -4.31 -15.29 5.99
CA LEU A 9 -3.31 -16.05 6.72
C LEU A 9 -2.02 -15.26 6.89
N LYS A 10 -2.14 -13.93 6.85
CA LYS A 10 -0.98 -13.06 6.99
C LYS A 10 -1.13 -12.16 8.21
N ASP A 11 -2.34 -11.66 8.44
CA ASP A 11 -2.60 -10.79 9.58
C ASP A 11 -1.78 -9.50 9.48
N LYS A 12 -1.50 -9.08 8.25
CA LYS A 12 -0.73 -7.87 8.02
C LYS A 12 -1.64 -6.65 7.93
N PHE A 13 -2.89 -6.87 7.53
CA PHE A 13 -3.86 -5.79 7.41
C PHE A 13 -4.72 -5.68 8.66
N ASP A 14 -4.15 -6.04 9.80
CA ASP A 14 -4.87 -5.97 11.06
C ASP A 14 -4.04 -5.26 12.13
N GLY A 15 -2.86 -5.79 12.39
CA GLY A 15 -1.98 -5.18 13.39
C GLY A 15 -1.55 -3.78 13.00
N ARG A 16 -1.44 -3.53 11.70
CA ARG A 16 -1.04 -2.22 11.21
C ARG A 16 -2.14 -1.60 10.34
N PRO A 17 -2.12 -0.28 10.18
CA PRO A 17 -3.12 0.43 9.38
C PRO A 17 -2.99 0.13 7.88
N THR A 18 -3.81 0.80 7.07
CA THR A 18 -3.79 0.59 5.63
C THR A 18 -2.41 0.91 5.06
N LYS A 19 -1.69 -0.14 4.65
CA LYS A 19 -0.36 0.03 4.08
C LYS A 19 -0.43 0.70 2.70
N PRO A 20 0.12 1.92 2.57
CA PRO A 20 0.11 2.65 1.30
C PRO A 20 1.12 2.11 0.30
N PRO A 21 0.76 2.02 -0.99
CA PRO A 21 1.66 1.52 -2.04
C PRO A 21 2.95 2.32 -2.12
N PRO A 22 3.95 1.82 -2.86
CA PRO A 22 5.24 2.49 -3.02
C PRO A 22 5.12 3.77 -3.84
N ASN A 23 4.36 3.71 -4.93
CA ASN A 23 4.16 4.87 -5.80
C ASN A 23 2.90 4.70 -6.64
N SER A 24 2.70 5.62 -7.58
CA SER A 24 1.52 5.57 -8.45
C SER A 24 1.58 4.38 -9.39
N TYR A 25 2.79 4.04 -9.84
CA TYR A 25 2.98 2.90 -10.74
C TYR A 25 2.42 1.62 -10.13
N SER A 26 2.83 1.34 -8.89
CA SER A 26 2.36 0.15 -8.20
C SER A 26 0.88 0.27 -7.84
N LEU A 27 0.45 1.49 -7.54
CA LEU A 27 -0.94 1.74 -7.18
C LEU A 27 -1.85 1.53 -8.38
N TYR A 28 -1.45 2.06 -9.54
CA TYR A 28 -2.23 1.93 -10.75
C TYR A 28 -2.30 0.47 -11.20
N CYS A 29 -1.20 -0.25 -11.00
CA CYS A 29 -1.13 -1.66 -11.38
C CYS A 29 -2.21 -2.46 -10.66
N ALA A 30 -2.34 -2.25 -9.36
CA ALA A 30 -3.33 -2.95 -8.56
C ALA A 30 -4.73 -2.41 -8.84
N GLU A 31 -4.80 -1.12 -9.17
CA GLU A 31 -6.08 -0.48 -9.46
C GLU A 31 -6.64 -1.00 -10.79
N LEU A 32 -5.80 -1.05 -11.80
CA LEU A 32 -6.21 -1.54 -13.11
C LEU A 32 -6.65 -2.99 -13.04
N MET A 33 -5.80 -3.84 -12.45
CA MET A 33 -6.12 -5.25 -12.32
C MET A 33 -7.47 -5.44 -11.65
N ALA A 34 -7.74 -4.65 -10.62
CA ALA A 34 -9.00 -4.72 -9.89
C ALA A 34 -10.17 -4.44 -10.83
N ASN A 35 -9.93 -3.62 -11.84
CA ASN A 35 -10.96 -3.27 -12.80
C ASN A 35 -10.99 -4.28 -13.94
N MET A 36 -9.82 -4.82 -14.27
CA MET A 36 -9.70 -5.80 -15.34
C MET A 36 -10.17 -7.18 -14.87
N LYS A 37 -11.43 -7.26 -14.44
CA LYS A 37 -11.99 -8.51 -13.97
C LYS A 37 -12.00 -9.57 -15.07
N ASP A 38 -12.26 -9.13 -16.30
CA ASP A 38 -12.30 -10.04 -17.44
C ASP A 38 -10.95 -10.08 -18.16
N VAL A 39 -9.88 -10.18 -17.37
CA VAL A 39 -8.53 -10.21 -17.92
C VAL A 39 -7.59 -11.03 -17.03
N PRO A 40 -6.86 -11.99 -17.60
CA PRO A 40 -5.92 -12.83 -16.84
C PRO A 40 -4.77 -12.02 -16.26
N SER A 41 -4.30 -12.44 -15.08
CA SER A 41 -3.20 -11.74 -14.40
C SER A 41 -2.06 -11.44 -15.37
N THR A 42 -1.91 -12.28 -16.38
CA THR A 42 -0.87 -12.10 -17.39
C THR A 42 -1.17 -10.87 -18.24
N GLU A 43 -2.43 -10.72 -18.62
CA GLU A 43 -2.85 -9.59 -19.45
C GLU A 43 -2.97 -8.33 -18.61
N ARG A 44 -3.37 -8.50 -17.34
CA ARG A 44 -3.52 -7.37 -16.43
C ARG A 44 -2.17 -6.70 -16.19
N MET A 45 -1.21 -7.48 -15.70
CA MET A 45 0.13 -6.97 -15.42
C MET A 45 0.73 -6.29 -16.65
N VAL A 46 0.53 -6.91 -17.81
CA VAL A 46 1.05 -6.36 -19.07
C VAL A 46 0.27 -5.12 -19.48
N LEU A 47 -1.01 -5.09 -19.12
CA LEU A 47 -1.86 -3.96 -19.45
C LEU A 47 -1.48 -2.73 -18.64
N CYS A 48 -1.21 -2.94 -17.35
CA CYS A 48 -0.83 -1.85 -16.46
C CYS A 48 0.35 -1.07 -17.02
N SER A 49 1.18 -1.74 -17.81
CA SER A 49 2.34 -1.11 -18.41
C SER A 49 1.93 -0.25 -19.61
N GLN A 50 1.01 -0.77 -20.41
CA GLN A 50 0.51 -0.06 -21.58
C GLN A 50 -0.40 1.09 -21.17
N GLN A 51 -1.39 0.78 -20.35
CA GLN A 51 -2.34 1.79 -19.89
C GLN A 51 -1.62 2.93 -19.18
N TRP A 52 -0.52 2.61 -18.52
CA TRP A 52 0.27 3.60 -17.80
C TRP A 52 1.13 4.43 -18.75
N LYS A 53 1.48 3.82 -19.89
CA LYS A 53 2.30 4.49 -20.88
C LYS A 53 1.46 5.45 -21.74
N LEU A 54 0.20 5.09 -21.94
CA LEU A 54 -0.69 5.91 -22.75
C LEU A 54 -1.30 7.04 -21.91
N LEU A 55 -1.43 6.80 -20.62
CA LEU A 55 -1.99 7.80 -19.71
C LEU A 55 -1.18 9.09 -19.75
N SER A 56 -1.87 10.22 -19.80
CA SER A 56 -1.22 11.52 -19.85
C SER A 56 -0.73 11.93 -18.45
N GLN A 57 0.00 13.05 -18.39
CA GLN A 57 0.52 13.55 -17.13
C GLN A 57 -0.61 13.87 -16.16
N LYS A 58 -1.67 14.48 -16.68
CA LYS A 58 -2.82 14.84 -15.86
C LYS A 58 -3.45 13.61 -15.23
N GLU A 59 -3.46 12.50 -15.99
CA GLU A 59 -4.03 11.26 -15.51
C GLU A 59 -3.13 10.62 -14.45
N LYS A 60 -1.85 10.52 -14.77
CA LYS A 60 -0.88 9.93 -13.86
C LYS A 60 -0.83 10.70 -12.54
N ASP A 61 -0.99 12.02 -12.64
CA ASP A 61 -0.97 12.88 -11.47
C ASP A 61 -2.10 12.50 -10.50
N ALA A 62 -3.22 12.07 -11.05
CA ALA A 62 -4.36 11.68 -10.23
C ALA A 62 -4.00 10.52 -9.32
N TYR A 63 -3.31 9.53 -9.86
CA TYR A 63 -2.90 8.37 -9.08
C TYR A 63 -1.77 8.73 -8.11
N HIS A 64 -0.94 9.69 -8.51
CA HIS A 64 0.17 10.13 -7.68
C HIS A 64 -0.33 10.69 -6.36
N LYS A 65 -1.50 11.33 -6.40
CA LYS A 65 -2.10 11.91 -5.20
C LYS A 65 -2.69 10.82 -4.32
N LYS A 66 -3.26 9.79 -4.95
CA LYS A 66 -3.85 8.68 -4.22
C LYS A 66 -2.80 7.95 -3.39
N CYS A 67 -1.65 7.68 -4.01
CA CYS A 67 -0.56 7.00 -3.34
C CYS A 67 -0.08 7.81 -2.14
N ASP A 68 0.14 9.10 -2.36
CA ASP A 68 0.59 9.99 -1.30
C ASP A 68 -0.50 10.16 -0.25
N GLN A 69 -1.75 10.18 -0.71
CA GLN A 69 -2.90 10.34 0.18
C GLN A 69 -2.97 9.18 1.17
N LYS A 70 -2.72 7.98 0.67
CA LYS A 70 -2.74 6.79 1.50
C LYS A 70 -1.70 6.89 2.62
N LYS A 71 -0.56 7.50 2.30
CA LYS A 71 0.51 7.67 3.27
C LYS A 71 0.05 8.56 4.42
N LYS A 72 -0.72 9.59 4.09
CA LYS A 72 -1.23 10.51 5.09
C LYS A 72 -2.12 9.77 6.09
N ASP A 73 -3.00 8.92 5.59
CA ASP A 73 -3.89 8.15 6.44
C ASP A 73 -3.11 7.07 7.19
N TYR A 74 -2.12 6.49 6.51
CA TYR A 74 -1.29 5.45 7.12
C TYR A 74 -0.58 5.99 8.35
N GLU A 75 -0.05 7.21 8.23
CA GLU A 75 0.66 7.85 9.34
C GLU A 75 -0.28 8.12 10.50
N VAL A 76 -1.47 8.65 10.18
CA VAL A 76 -2.46 8.96 11.20
C VAL A 76 -2.98 7.69 11.85
N GLU A 77 -3.38 6.72 11.03
CA GLU A 77 -3.89 5.45 11.52
C GLU A 77 -2.82 4.71 12.31
N LEU A 78 -1.57 4.90 11.91
CA LEU A 78 -0.45 4.26 12.58
C LEU A 78 -0.11 4.98 13.88
N LEU A 79 -0.23 6.30 13.86
CA LEU A 79 0.05 7.11 15.04
C LEU A 79 -0.96 6.83 16.15
N ARG A 80 -2.25 6.91 15.80
CA ARG A 80 -3.31 6.66 16.76
C ARG A 80 -3.20 5.25 17.33
N PHE A 81 -2.77 4.32 16.48
CA PHE A 81 -2.61 2.93 16.88
C PHE A 81 -1.36 2.76 17.74
N LEU A 82 -0.28 3.42 17.34
CA LEU A 82 0.98 3.35 18.07
C LEU A 82 0.80 3.83 19.51
N GLU A 83 0.38 5.09 19.66
CA GLU A 83 0.17 5.66 20.99
C GLU A 83 -0.70 4.75 21.84
N SER A 84 -1.61 4.05 21.19
CA SER A 84 -2.52 3.14 21.89
C SER A 84 -1.73 2.01 22.56
N LEU A 85 -0.61 1.64 21.93
CA LEU A 85 0.24 0.57 22.45
C LEU A 85 1.33 1.15 23.35
N PRO A 86 1.88 0.32 24.26
CA PRO A 86 2.94 0.76 25.18
C PRO A 86 4.21 1.15 24.45
N GLU A 87 5.20 1.61 25.20
CA GLU A 87 6.48 2.01 24.62
C GLU A 87 7.15 0.83 23.91
N GLU A 88 7.19 -0.32 24.57
CA GLU A 88 7.79 -1.51 24.00
C GLU A 88 7.14 -1.85 22.65
N GLU A 89 5.81 -1.91 22.65
CA GLU A 89 5.07 -2.21 21.42
C GLU A 89 5.33 -1.14 20.37
N GLN A 90 5.23 0.12 20.79
CA GLN A 90 5.45 1.24 19.88
C GLN A 90 6.85 1.17 19.28
N GLN A 91 7.79 0.66 20.05
CA GLN A 91 9.18 0.53 19.59
C GLN A 91 9.29 -0.51 18.47
N ARG A 92 8.53 -1.60 18.60
CA ARG A 92 8.55 -2.67 17.61
C ARG A 92 7.93 -2.19 16.30
N VAL A 93 6.76 -1.56 16.40
CA VAL A 93 6.07 -1.06 15.22
C VAL A 93 6.83 0.10 14.59
N LEU A 94 7.36 0.98 15.42
CA LEU A 94 8.11 2.13 14.95
C LEU A 94 9.47 1.70 14.40
N GLY A 95 10.08 0.72 15.05
CA GLY A 95 11.38 0.24 14.63
C GLY A 95 11.29 -0.70 13.42
N GLU A 96 10.07 -0.97 12.98
CA GLU A 96 9.86 -1.86 11.83
C GLU A 96 9.20 -1.12 10.68
N GLU A 97 8.30 -0.19 11.01
CA GLU A 97 7.59 0.58 10.00
C GLU A 97 8.18 1.98 9.86
N LYS A 98 8.26 2.69 10.99
CA LYS A 98 8.81 4.05 10.99
C LYS A 98 10.22 4.08 10.41
N MET A 99 10.94 2.97 10.58
CA MET A 99 12.31 2.87 10.07
C MET A 99 12.32 2.80 8.55
N LEU A 100 11.28 2.22 7.98
CA LEU A 100 11.17 2.09 6.52
C LEU A 100 10.76 3.41 5.88
N ASN A 101 11.60 4.41 6.03
CA ASN A 101 11.32 5.74 5.46
C ASN A 101 12.09 5.93 4.16
N ILE A 102 12.32 4.85 3.43
CA ILE A 102 13.04 4.91 2.17
C ILE A 102 14.48 5.35 2.38
N SER A 103 15.41 4.40 2.29
CA SER A 103 16.82 4.69 2.48
C SER A 103 17.63 4.20 1.28
N GLY A 104 18.95 4.35 1.37
CA GLY A 104 19.82 3.91 0.29
C GLY A 104 21.20 3.50 0.78
N PRO A 105 22.15 4.44 0.86
CA PRO A 105 23.51 4.16 1.32
C PRO A 105 23.57 3.83 2.80
N SER A 106 24.77 3.77 3.35
CA SER A 106 24.95 3.47 4.77
C SER A 106 24.54 4.65 5.64
N SER A 107 24.96 5.85 5.25
CA SER A 107 24.61 7.05 5.99
C SER A 107 24.63 8.28 5.07
N GLY A 108 23.45 8.79 4.76
CA GLY A 108 23.36 9.95 3.89
C GLY A 108 23.85 9.68 2.50
N GLY A 1 10.27 -26.28 11.40
CA GLY A 1 11.48 -25.44 11.61
C GLY A 1 11.34 -24.51 12.80
N SER A 2 10.45 -23.53 12.69
CA SER A 2 10.23 -22.58 13.77
C SER A 2 9.10 -23.05 14.69
N SER A 3 7.98 -23.45 14.08
CA SER A 3 6.83 -23.91 14.85
C SER A 3 5.83 -24.63 13.94
N GLY A 4 5.53 -24.03 12.80
CA GLY A 4 4.60 -24.62 11.87
C GLY A 4 4.84 -24.18 10.43
N SER A 5 3.83 -24.34 9.59
CA SER A 5 3.95 -23.95 8.19
C SER A 5 2.71 -23.17 7.75
N SER A 6 2.26 -22.27 8.61
CA SER A 6 1.09 -21.44 8.31
C SER A 6 1.30 -20.01 8.77
N GLY A 7 1.42 -19.09 7.82
CA GLY A 7 1.62 -17.69 8.15
C GLY A 7 0.98 -16.76 7.14
N GLN A 8 1.47 -15.52 7.09
CA GLN A 8 0.95 -14.53 6.16
C GLN A 8 2.08 -13.79 5.46
N LEU A 9 3.07 -13.36 6.24
CA LEU A 9 4.21 -12.64 5.71
C LEU A 9 3.78 -11.32 5.07
N LYS A 10 2.66 -10.78 5.54
CA LYS A 10 2.14 -9.52 5.02
C LYS A 10 2.31 -8.40 6.04
N ASP A 11 2.14 -8.74 7.32
CA ASP A 11 2.27 -7.76 8.39
C ASP A 11 1.26 -6.64 8.24
N LYS A 12 0.07 -6.97 7.70
CA LYS A 12 -0.98 -5.99 7.50
C LYS A 12 -1.92 -5.94 8.69
N PHE A 13 -2.07 -7.08 9.37
CA PHE A 13 -2.95 -7.18 10.53
C PHE A 13 -2.16 -7.62 11.76
N ASP A 14 -0.88 -7.26 11.80
CA ASP A 14 -0.03 -7.61 12.92
C ASP A 14 0.13 -6.44 13.89
N GLY A 15 -0.85 -5.53 13.88
CA GLY A 15 -0.79 -4.38 14.76
C GLY A 15 -0.36 -3.13 14.03
N ARG A 16 -0.81 -2.98 12.79
CA ARG A 16 -0.46 -1.82 11.99
C ARG A 16 -1.63 -1.42 11.08
N PRO A 17 -1.69 -0.13 10.70
CA PRO A 17 -2.77 0.38 9.84
C PRO A 17 -2.66 -0.15 8.41
N THR A 18 -3.42 0.45 7.50
CA THR A 18 -3.42 0.03 6.10
C THR A 18 -2.14 0.46 5.40
N LYS A 19 -1.36 -0.52 4.96
CA LYS A 19 -0.10 -0.25 4.28
C LYS A 19 -0.35 0.26 2.86
N PRO A 20 0.02 1.53 2.57
CA PRO A 20 -0.17 2.13 1.25
C PRO A 20 0.82 1.58 0.22
N PRO A 21 0.58 1.86 -1.07
CA PRO A 21 1.45 1.39 -2.16
C PRO A 21 2.74 2.19 -2.25
N PRO A 22 3.73 1.68 -3.01
CA PRO A 22 5.02 2.35 -3.17
C PRO A 22 4.91 3.66 -3.96
N ASN A 23 4.12 3.63 -5.03
CA ASN A 23 3.94 4.81 -5.86
C ASN A 23 2.66 4.70 -6.70
N SER A 24 2.47 5.65 -7.62
CA SER A 24 1.30 5.65 -8.47
C SER A 24 1.32 4.47 -9.44
N TYR A 25 2.51 4.10 -9.90
CA TYR A 25 2.66 2.99 -10.83
C TYR A 25 2.06 1.71 -10.25
N SER A 26 2.53 1.31 -9.07
CA SER A 26 2.04 0.11 -8.42
C SER A 26 0.56 0.23 -8.09
N LEU A 27 0.14 1.43 -7.70
CA LEU A 27 -1.25 1.69 -7.37
C LEU A 27 -2.15 1.46 -8.57
N TYR A 28 -1.83 2.10 -9.68
CA TYR A 28 -2.61 1.97 -10.91
C TYR A 28 -2.67 0.51 -11.35
N CYS A 29 -1.57 -0.21 -11.14
CA CYS A 29 -1.50 -1.62 -11.51
C CYS A 29 -2.62 -2.42 -10.86
N ALA A 30 -2.80 -2.20 -9.56
CA ALA A 30 -3.85 -2.89 -8.81
C ALA A 30 -5.23 -2.36 -9.18
N GLU A 31 -5.28 -1.07 -9.52
CA GLU A 31 -6.54 -0.44 -9.90
C GLU A 31 -7.04 -0.99 -11.23
N LEU A 32 -6.14 -1.11 -12.20
CA LEU A 32 -6.50 -1.63 -13.51
C LEU A 32 -6.89 -3.10 -13.43
N MET A 33 -6.05 -3.89 -12.76
CA MET A 33 -6.32 -5.31 -12.61
C MET A 33 -7.69 -5.55 -11.98
N ALA A 34 -8.06 -4.66 -11.05
CA ALA A 34 -9.36 -4.77 -10.37
C ALA A 34 -10.50 -4.54 -11.36
N ASN A 35 -10.25 -3.71 -12.37
CA ASN A 35 -11.25 -3.42 -13.38
C ASN A 35 -11.19 -4.42 -14.52
N MET A 36 -9.99 -4.94 -14.76
CA MET A 36 -9.79 -5.92 -15.83
C MET A 36 -10.22 -7.31 -15.38
N LYS A 37 -11.49 -7.44 -15.01
CA LYS A 37 -12.03 -8.71 -14.55
C LYS A 37 -11.98 -9.76 -15.67
N ASP A 38 -12.16 -9.31 -16.90
CA ASP A 38 -12.13 -10.21 -18.05
C ASP A 38 -10.74 -10.24 -18.68
N VAL A 39 -9.72 -10.31 -17.83
CA VAL A 39 -8.34 -10.34 -18.29
C VAL A 39 -7.45 -11.12 -17.32
N PRO A 40 -6.64 -12.06 -17.82
CA PRO A 40 -5.74 -12.86 -16.98
C PRO A 40 -4.63 -12.02 -16.35
N SER A 41 -4.22 -12.40 -15.15
CA SER A 41 -3.17 -11.69 -14.42
C SER A 41 -1.98 -11.39 -15.33
N THR A 42 -1.77 -12.24 -16.33
CA THR A 42 -0.68 -12.07 -17.27
C THR A 42 -0.95 -10.89 -18.19
N GLU A 43 -2.20 -10.78 -18.63
CA GLU A 43 -2.60 -9.69 -19.51
C GLU A 43 -2.79 -8.40 -18.72
N ARG A 44 -3.27 -8.53 -17.49
CA ARG A 44 -3.49 -7.38 -16.63
C ARG A 44 -2.16 -6.67 -16.34
N MET A 45 -1.21 -7.42 -15.77
CA MET A 45 0.10 -6.87 -15.45
C MET A 45 0.73 -6.20 -16.67
N VAL A 46 0.61 -6.85 -17.82
CA VAL A 46 1.17 -6.31 -19.06
C VAL A 46 0.39 -5.07 -19.51
N LEU A 47 -0.91 -5.06 -19.23
CA LEU A 47 -1.76 -3.95 -19.60
C LEU A 47 -1.43 -2.71 -18.77
N CYS A 48 -1.24 -2.92 -17.47
CA CYS A 48 -0.92 -1.83 -16.56
C CYS A 48 0.29 -1.03 -17.06
N SER A 49 1.19 -1.72 -17.76
CA SER A 49 2.39 -1.08 -18.29
C SER A 49 2.04 -0.20 -19.49
N GLN A 50 1.20 -0.72 -20.37
CA GLN A 50 0.79 0.02 -21.56
C GLN A 50 -0.13 1.18 -21.19
N GLN A 51 -1.18 0.86 -20.41
CA GLN A 51 -2.14 1.88 -19.99
C GLN A 51 -1.44 3.02 -19.26
N TRP A 52 -0.34 2.70 -18.58
CA TRP A 52 0.42 3.69 -17.84
C TRP A 52 1.34 4.48 -18.76
N LYS A 53 1.76 3.85 -19.86
CA LYS A 53 2.64 4.49 -20.82
C LYS A 53 1.87 5.43 -21.75
N LEU A 54 0.59 5.13 -21.96
CA LEU A 54 -0.25 5.95 -22.81
C LEU A 54 -0.87 7.11 -22.03
N LEU A 55 -1.10 6.89 -20.74
CA LEU A 55 -1.69 7.91 -19.89
C LEU A 55 -0.83 9.17 -19.87
N SER A 56 -1.47 10.32 -19.77
CA SER A 56 -0.76 11.60 -19.75
C SER A 56 -0.43 12.02 -18.31
N GLN A 57 0.24 13.15 -18.17
CA GLN A 57 0.62 13.65 -16.86
C GLN A 57 -0.62 13.94 -16.01
N LYS A 58 -1.62 14.56 -16.63
CA LYS A 58 -2.86 14.88 -15.94
C LYS A 58 -3.52 13.62 -15.38
N GLU A 59 -3.37 12.51 -16.10
CA GLU A 59 -3.95 11.25 -15.68
C GLU A 59 -3.07 10.58 -14.63
N LYS A 60 -1.76 10.55 -14.88
CA LYS A 60 -0.82 9.95 -13.95
C LYS A 60 -0.82 10.69 -12.62
N ASP A 61 -1.04 12.00 -12.68
CA ASP A 61 -1.07 12.82 -11.47
C ASP A 61 -2.23 12.44 -10.58
N ALA A 62 -3.36 12.09 -11.20
CA ALA A 62 -4.56 11.71 -10.46
C ALA A 62 -4.28 10.51 -9.57
N TYR A 63 -3.47 9.58 -10.06
CA TYR A 63 -3.12 8.38 -9.29
C TYR A 63 -2.09 8.71 -8.22
N HIS A 64 -1.23 9.68 -8.51
CA HIS A 64 -0.19 10.09 -7.57
C HIS A 64 -0.80 10.60 -6.27
N LYS A 65 -1.90 11.32 -6.39
CA LYS A 65 -2.59 11.87 -5.23
C LYS A 65 -3.12 10.75 -4.34
N LYS A 66 -3.67 9.71 -4.97
CA LYS A 66 -4.20 8.58 -4.23
C LYS A 66 -3.12 7.90 -3.41
N CYS A 67 -1.95 7.69 -4.02
CA CYS A 67 -0.84 7.06 -3.35
C CYS A 67 -0.40 7.89 -2.15
N ASP A 68 -0.23 9.19 -2.38
CA ASP A 68 0.19 10.11 -1.31
C ASP A 68 -0.90 10.20 -0.24
N GLN A 69 -2.15 10.14 -0.68
CA GLN A 69 -3.28 10.21 0.24
C GLN A 69 -3.26 9.02 1.20
N LYS A 70 -3.03 7.84 0.65
CA LYS A 70 -2.99 6.62 1.45
C LYS A 70 -1.86 6.70 2.49
N LYS A 71 -0.78 7.38 2.12
CA LYS A 71 0.35 7.55 3.02
C LYS A 71 0.00 8.47 4.18
N LYS A 72 -0.76 9.52 3.88
CA LYS A 72 -1.17 10.47 4.90
C LYS A 72 -2.00 9.78 5.96
N ASP A 73 -2.87 8.87 5.53
CA ASP A 73 -3.72 8.13 6.45
C ASP A 73 -2.92 7.05 7.16
N TYR A 74 -1.99 6.43 6.44
CA TYR A 74 -1.14 5.39 7.00
C TYR A 74 -0.33 5.93 8.17
N GLU A 75 0.17 7.15 8.02
CA GLU A 75 0.96 7.79 9.07
C GLU A 75 0.07 8.15 10.27
N VAL A 76 -1.11 8.66 9.99
CA VAL A 76 -2.05 9.04 11.05
C VAL A 76 -2.58 7.81 11.76
N GLU A 77 -3.00 6.81 10.98
CA GLU A 77 -3.53 5.58 11.55
C GLU A 77 -2.45 4.84 12.35
N LEU A 78 -1.20 5.00 11.93
CA LEU A 78 -0.08 4.36 12.61
C LEU A 78 0.25 5.09 13.90
N LEU A 79 0.12 6.42 13.87
CA LEU A 79 0.41 7.24 15.04
C LEU A 79 -0.64 7.01 16.13
N ARG A 80 -1.91 7.10 15.75
CA ARG A 80 -3.00 6.89 16.70
C ARG A 80 -2.93 5.50 17.30
N PHE A 81 -2.50 4.53 16.49
CA PHE A 81 -2.38 3.15 16.95
C PHE A 81 -1.17 2.98 17.86
N LEU A 82 -0.03 3.52 17.42
CA LEU A 82 1.21 3.43 18.19
C LEU A 82 0.99 3.95 19.61
N GLU A 83 0.62 5.22 19.72
CA GLU A 83 0.39 5.84 21.03
C GLU A 83 -0.55 4.99 21.86
N SER A 84 -1.48 4.32 21.19
CA SER A 84 -2.45 3.47 21.87
C SER A 84 -1.75 2.33 22.59
N LEU A 85 -0.65 1.85 22.01
CA LEU A 85 0.12 0.77 22.59
C LEU A 85 1.20 1.31 23.53
N PRO A 86 1.67 0.49 24.48
CA PRO A 86 2.70 0.90 25.43
C PRO A 86 4.04 1.19 24.77
N GLU A 87 5.00 1.64 25.55
CA GLU A 87 6.33 1.96 25.04
C GLU A 87 6.96 0.74 24.37
N GLU A 88 6.94 -0.39 25.07
CA GLU A 88 7.51 -1.62 24.55
C GLU A 88 6.90 -1.96 23.19
N GLU A 89 5.58 -1.96 23.12
CA GLU A 89 4.88 -2.25 21.88
C GLU A 89 5.23 -1.22 20.80
N GLN A 90 5.17 0.05 21.18
CA GLN A 90 5.49 1.14 20.26
C GLN A 90 6.91 0.99 19.73
N GLN A 91 7.79 0.44 20.56
CA GLN A 91 9.19 0.26 20.18
C GLN A 91 9.31 -0.79 19.07
N ARG A 92 8.48 -1.83 19.16
CA ARG A 92 8.50 -2.90 18.17
C ARG A 92 8.10 -2.37 16.80
N VAL A 93 6.98 -1.63 16.75
CA VAL A 93 6.50 -1.07 15.50
C VAL A 93 7.40 0.05 15.01
N LEU A 94 7.71 0.99 15.90
CA LEU A 94 8.58 2.11 15.55
C LEU A 94 9.97 1.62 15.18
N GLY A 95 10.42 0.56 15.83
CA GLY A 95 11.74 0.01 15.56
C GLY A 95 11.76 -0.85 14.30
N GLU A 96 10.61 -1.01 13.67
CA GLU A 96 10.52 -1.81 12.45
C GLU A 96 10.06 -0.98 11.27
N GLU A 97 9.18 -0.02 11.52
CA GLU A 97 8.65 0.85 10.48
C GLU A 97 9.35 2.20 10.48
N LYS A 98 9.34 2.86 11.63
CA LYS A 98 9.98 4.18 11.77
C LYS A 98 11.45 4.12 11.37
N MET A 99 12.09 2.98 11.63
CA MET A 99 13.50 2.80 11.30
C MET A 99 13.71 2.80 9.79
N LEU A 100 12.70 2.33 9.06
CA LEU A 100 12.78 2.26 7.60
C LEU A 100 12.24 3.55 6.98
N ASN A 101 12.90 4.67 7.26
CA ASN A 101 12.49 5.95 6.73
C ASN A 101 13.34 6.33 5.50
N ILE A 102 13.80 5.32 4.78
CA ILE A 102 14.62 5.55 3.60
C ILE A 102 13.83 5.27 2.32
N SER A 103 12.57 5.70 2.30
CA SER A 103 11.71 5.49 1.14
C SER A 103 10.91 6.75 0.83
N GLY A 104 11.46 7.59 -0.04
CA GLY A 104 10.78 8.82 -0.41
C GLY A 104 11.75 9.93 -0.78
N PRO A 105 11.25 11.05 -1.32
CA PRO A 105 12.09 12.18 -1.72
C PRO A 105 12.68 12.91 -0.52
N SER A 106 13.25 14.08 -0.77
CA SER A 106 13.86 14.88 0.29
C SER A 106 13.23 16.28 0.35
N SER A 107 12.62 16.60 1.48
CA SER A 107 11.99 17.90 1.66
C SER A 107 12.22 18.43 3.07
N GLY A 108 11.85 19.68 3.30
CA GLY A 108 12.03 20.29 4.60
C GLY A 108 10.96 21.32 4.91
N GLY A 1 -13.45 -1.05 6.32
CA GLY A 1 -13.29 -1.85 5.09
C GLY A 1 -14.19 -3.07 5.05
N SER A 2 -14.68 -3.41 3.86
CA SER A 2 -15.57 -4.56 3.71
C SER A 2 -15.05 -5.50 2.63
N SER A 3 -14.23 -6.47 3.04
CA SER A 3 -13.66 -7.43 2.12
C SER A 3 -13.65 -8.84 2.73
N GLY A 4 -13.19 -8.93 3.96
CA GLY A 4 -13.15 -10.22 4.65
C GLY A 4 -13.82 -10.19 6.00
N SER A 5 -15.04 -10.72 6.07
CA SER A 5 -15.79 -10.75 7.32
C SER A 5 -15.69 -12.12 7.98
N SER A 6 -14.57 -12.79 7.78
CA SER A 6 -14.36 -14.12 8.35
C SER A 6 -12.90 -14.54 8.22
N GLY A 7 -12.32 -14.31 7.04
CA GLY A 7 -10.94 -14.68 6.80
C GLY A 7 -10.34 -13.96 5.60
N GLN A 8 -9.44 -13.02 5.87
CA GLN A 8 -8.79 -12.26 4.80
C GLN A 8 -7.31 -12.60 4.71
N LEU A 9 -6.83 -12.73 3.48
CA LEU A 9 -5.42 -13.05 3.25
C LEU A 9 -4.62 -11.81 2.87
N LYS A 10 -5.10 -10.65 3.29
CA LYS A 10 -4.42 -9.40 3.01
C LYS A 10 -3.75 -8.84 4.26
N ASP A 11 -4.44 -8.94 5.39
CA ASP A 11 -3.91 -8.44 6.66
C ASP A 11 -3.59 -6.95 6.58
N LYS A 12 -4.42 -6.23 5.84
CA LYS A 12 -4.22 -4.79 5.68
C LYS A 12 -5.13 -4.01 6.62
N PHE A 13 -5.34 -4.55 7.81
CA PHE A 13 -6.19 -3.91 8.80
C PHE A 13 -6.22 -4.70 10.10
N ASP A 14 -5.06 -5.23 10.49
CA ASP A 14 -4.94 -6.01 11.71
C ASP A 14 -3.82 -5.48 12.58
N GLY A 15 -2.60 -5.48 12.04
CA GLY A 15 -1.46 -5.01 12.79
C GLY A 15 -1.08 -3.58 12.44
N ARG A 16 -0.89 -3.33 11.14
CA ARG A 16 -0.53 -2.00 10.67
C ARG A 16 -1.64 -1.40 9.81
N PRO A 17 -1.70 -0.07 9.71
CA PRO A 17 -2.71 0.62 8.90
C PRO A 17 -2.56 0.32 7.42
N THR A 18 -3.43 0.93 6.61
CA THR A 18 -3.41 0.72 5.16
C THR A 18 -2.04 1.10 4.58
N LYS A 19 -1.23 0.10 4.26
CA LYS A 19 0.09 0.32 3.70
C LYS A 19 -0.01 1.06 2.36
N PRO A 20 0.64 2.24 2.25
CA PRO A 20 0.61 3.03 1.01
C PRO A 20 1.60 2.50 -0.03
N PRO A 21 1.15 2.37 -1.30
CA PRO A 21 2.00 1.88 -2.38
C PRO A 21 3.28 2.71 -2.54
N PRO A 22 4.27 2.20 -3.29
CA PRO A 22 5.54 2.89 -3.51
C PRO A 22 5.36 4.15 -4.36
N ASN A 23 4.55 4.03 -5.40
CA ASN A 23 4.29 5.16 -6.31
C ASN A 23 3.04 4.90 -7.13
N SER A 24 2.64 5.91 -7.91
CA SER A 24 1.45 5.81 -8.74
C SER A 24 1.57 4.64 -9.72
N TYR A 25 2.79 4.36 -10.15
CA TYR A 25 3.04 3.26 -11.09
C TYR A 25 2.53 1.94 -10.53
N SER A 26 2.77 1.72 -9.25
CA SER A 26 2.34 0.49 -8.58
C SER A 26 0.88 0.61 -8.15
N LEU A 27 0.50 1.80 -7.68
CA LEU A 27 -0.86 2.04 -7.23
C LEU A 27 -1.84 1.84 -8.39
N TYR A 28 -1.45 2.28 -9.57
CA TYR A 28 -2.30 2.14 -10.76
C TYR A 28 -2.37 0.68 -11.20
N CYS A 29 -1.27 -0.03 -11.03
CA CYS A 29 -1.21 -1.44 -11.41
C CYS A 29 -2.24 -2.24 -10.63
N ALA A 30 -2.30 -2.02 -9.32
CA ALA A 30 -3.25 -2.73 -8.47
C ALA A 30 -4.67 -2.26 -8.73
N GLU A 31 -4.80 -1.00 -9.12
CA GLU A 31 -6.11 -0.42 -9.40
C GLU A 31 -6.71 -1.02 -10.67
N LEU A 32 -5.88 -1.12 -11.71
CA LEU A 32 -6.31 -1.68 -12.98
C LEU A 32 -6.64 -3.16 -12.84
N MET A 33 -5.73 -3.90 -12.20
CA MET A 33 -5.93 -5.33 -12.00
C MET A 33 -7.25 -5.60 -11.29
N ALA A 34 -7.55 -4.77 -10.30
CA ALA A 34 -8.79 -4.91 -9.55
C ALA A 34 -10.01 -4.73 -10.45
N ASN A 35 -9.84 -3.91 -11.50
CA ASN A 35 -10.92 -3.65 -12.45
C ASN A 35 -10.90 -4.68 -13.57
N MET A 36 -9.71 -5.15 -13.91
CA MET A 36 -9.55 -6.14 -14.98
C MET A 36 -9.91 -7.53 -14.49
N LYS A 37 -11.14 -7.69 -14.03
CA LYS A 37 -11.62 -8.99 -13.53
C LYS A 37 -11.58 -10.04 -14.63
N ASP A 38 -11.82 -9.61 -15.87
CA ASP A 38 -11.81 -10.53 -17.00
C ASP A 38 -10.45 -10.53 -17.68
N VAL A 39 -9.38 -10.57 -16.88
CA VAL A 39 -8.03 -10.57 -17.41
C VAL A 39 -7.07 -11.30 -16.47
N PRO A 40 -6.24 -12.21 -17.01
CA PRO A 40 -5.27 -12.97 -16.20
C PRO A 40 -4.16 -12.08 -15.65
N SER A 41 -3.68 -12.41 -14.44
CA SER A 41 -2.62 -11.64 -13.80
C SER A 41 -1.50 -11.32 -14.77
N THR A 42 -1.29 -12.20 -15.75
CA THR A 42 -0.25 -12.00 -16.75
C THR A 42 -0.63 -10.87 -17.69
N GLU A 43 -1.90 -10.83 -18.07
CA GLU A 43 -2.41 -9.79 -18.96
C GLU A 43 -2.62 -8.49 -18.21
N ARG A 44 -3.03 -8.60 -16.95
CA ARG A 44 -3.27 -7.42 -16.12
C ARG A 44 -1.98 -6.63 -15.95
N MET A 45 -0.95 -7.30 -15.43
CA MET A 45 0.34 -6.66 -15.22
C MET A 45 0.86 -6.03 -16.51
N VAL A 46 0.68 -6.74 -17.62
CA VAL A 46 1.12 -6.23 -18.93
C VAL A 46 0.24 -5.06 -19.36
N LEU A 47 -1.04 -5.13 -19.03
CA LEU A 47 -1.98 -4.08 -19.39
C LEU A 47 -1.66 -2.78 -18.65
N CYS A 48 -1.39 -2.90 -17.36
CA CYS A 48 -1.05 -1.74 -16.54
C CYS A 48 0.11 -0.95 -17.14
N SER A 49 0.99 -1.66 -17.83
CA SER A 49 2.15 -1.04 -18.47
C SER A 49 1.71 -0.20 -19.67
N GLN A 50 0.79 -0.75 -20.45
CA GLN A 50 0.29 -0.06 -21.63
C GLN A 50 -0.63 1.09 -21.24
N GLN A 51 -1.60 0.79 -20.38
CA GLN A 51 -2.56 1.80 -19.93
C GLN A 51 -1.83 2.97 -19.28
N TRP A 52 -0.73 2.68 -18.61
CA TRP A 52 0.05 3.71 -17.93
C TRP A 52 0.88 4.51 -18.94
N LYS A 53 1.23 3.86 -20.05
CA LYS A 53 2.03 4.50 -21.09
C LYS A 53 1.16 5.40 -21.97
N LEU A 54 -0.10 5.05 -22.11
CA LEU A 54 -1.03 5.83 -22.92
C LEU A 54 -1.65 6.97 -22.11
N LEU A 55 -1.78 6.75 -20.80
CA LEU A 55 -2.36 7.75 -19.91
C LEU A 55 -1.57 9.06 -19.98
N SER A 56 -2.29 10.18 -19.93
CA SER A 56 -1.66 11.49 -19.99
C SER A 56 -1.25 11.96 -18.60
N GLN A 57 -0.54 13.09 -18.54
CA GLN A 57 -0.09 13.64 -17.27
C GLN A 57 -1.27 13.95 -16.35
N LYS A 58 -2.33 14.51 -16.94
CA LYS A 58 -3.52 14.85 -16.18
C LYS A 58 -4.15 13.60 -15.56
N GLU A 59 -4.00 12.47 -16.25
CA GLU A 59 -4.55 11.21 -15.76
C GLU A 59 -3.62 10.58 -14.72
N LYS A 60 -2.32 10.58 -15.02
CA LYS A 60 -1.34 10.00 -14.11
C LYS A 60 -1.32 10.77 -12.79
N ASP A 61 -1.59 12.06 -12.85
CA ASP A 61 -1.60 12.91 -11.66
C ASP A 61 -2.71 12.47 -10.70
N ALA A 62 -3.82 12.01 -11.27
CA ALA A 62 -4.95 11.56 -10.46
C ALA A 62 -4.55 10.41 -9.54
N TYR A 63 -3.61 9.60 -9.99
CA TYR A 63 -3.13 8.46 -9.21
C TYR A 63 -1.98 8.88 -8.30
N HIS A 64 -1.21 9.87 -8.73
CA HIS A 64 -0.08 10.37 -7.96
C HIS A 64 -0.55 10.90 -6.61
N LYS A 65 -1.72 11.55 -6.60
CA LYS A 65 -2.27 12.11 -5.37
C LYS A 65 -2.75 10.99 -4.45
N LYS A 66 -3.34 9.95 -5.03
CA LYS A 66 -3.83 8.82 -4.25
C LYS A 66 -2.69 8.12 -3.52
N CYS A 67 -1.58 7.90 -4.22
CA CYS A 67 -0.43 7.25 -3.64
C CYS A 67 0.11 8.07 -2.46
N ASP A 68 0.32 9.36 -2.69
CA ASP A 68 0.82 10.24 -1.64
C ASP A 68 -0.20 10.38 -0.52
N GLN A 69 -1.48 10.36 -0.89
CA GLN A 69 -2.56 10.48 0.08
C GLN A 69 -2.53 9.30 1.05
N LYS A 70 -2.30 8.10 0.51
CA LYS A 70 -2.24 6.90 1.33
C LYS A 70 -1.14 7.01 2.39
N LYS A 71 -0.03 7.64 2.02
CA LYS A 71 1.08 7.81 2.94
C LYS A 71 0.69 8.74 4.08
N LYS A 72 -0.06 9.79 3.75
CA LYS A 72 -0.50 10.74 4.76
C LYS A 72 -1.45 10.06 5.74
N ASP A 73 -2.26 9.14 5.23
CA ASP A 73 -3.21 8.40 6.06
C ASP A 73 -2.49 7.33 6.87
N TYR A 74 -1.54 6.66 6.22
CA TYR A 74 -0.77 5.60 6.88
C TYR A 74 -0.04 6.16 8.10
N GLU A 75 0.49 7.37 7.96
CA GLU A 75 1.20 8.02 9.06
C GLU A 75 0.26 8.27 10.24
N VAL A 76 -0.91 8.82 9.94
CA VAL A 76 -1.90 9.11 10.96
C VAL A 76 -2.47 7.82 11.55
N GLU A 77 -2.91 6.92 10.67
CA GLU A 77 -3.46 5.64 11.10
C GLU A 77 -2.44 4.85 11.90
N LEU A 78 -1.17 5.03 11.57
CA LEU A 78 -0.09 4.34 12.27
C LEU A 78 0.19 5.00 13.62
N LEU A 79 0.06 6.32 13.66
CA LEU A 79 0.28 7.06 14.89
C LEU A 79 -0.82 6.79 15.90
N ARG A 80 -2.07 6.95 15.47
CA ARG A 80 -3.21 6.71 16.34
C ARG A 80 -3.23 5.27 16.82
N PHE A 81 -2.71 4.36 15.99
CA PHE A 81 -2.65 2.95 16.33
C PHE A 81 -1.50 2.68 17.30
N LEU A 82 -0.35 3.28 17.02
CA LEU A 82 0.83 3.10 17.87
C LEU A 82 0.53 3.54 19.30
N GLU A 83 0.15 4.80 19.45
CA GLU A 83 -0.17 5.35 20.77
C GLU A 83 -1.17 4.45 21.50
N SER A 84 -2.03 3.81 20.74
CA SER A 84 -3.04 2.93 21.31
C SER A 84 -2.37 1.73 21.99
N LEU A 85 -1.25 1.29 21.43
CA LEU A 85 -0.51 0.17 21.97
C LEU A 85 0.46 0.63 23.05
N PRO A 86 0.84 -0.28 23.97
CA PRO A 86 1.77 0.05 25.07
C PRO A 86 3.15 0.43 24.56
N GLU A 87 4.03 0.85 25.47
CA GLU A 87 5.38 1.25 25.12
C GLU A 87 6.12 0.09 24.45
N GLU A 88 5.99 -1.10 25.02
CA GLU A 88 6.65 -2.29 24.47
C GLU A 88 6.22 -2.51 23.03
N GLU A 89 4.91 -2.56 22.80
CA GLU A 89 4.37 -2.77 21.46
C GLU A 89 4.81 -1.65 20.53
N GLN A 90 4.65 -0.40 20.98
CA GLN A 90 5.02 0.76 20.19
C GLN A 90 6.51 0.71 19.83
N GLN A 91 7.31 0.15 20.72
CA GLN A 91 8.76 0.04 20.50
C GLN A 91 9.05 -0.93 19.35
N ARG A 92 8.29 -2.01 19.28
CA ARG A 92 8.47 -3.01 18.24
C ARG A 92 8.06 -2.45 16.88
N VAL A 93 6.85 -1.91 16.81
CA VAL A 93 6.33 -1.34 15.57
C VAL A 93 7.18 -0.15 15.12
N LEU A 94 7.55 0.71 16.07
CA LEU A 94 8.36 1.88 15.77
C LEU A 94 9.78 1.48 15.37
N GLY A 95 10.29 0.44 16.02
CA GLY A 95 11.63 -0.03 15.72
C GLY A 95 11.68 -0.93 14.50
N GLU A 96 10.53 -1.16 13.88
CA GLU A 96 10.44 -2.02 12.71
C GLU A 96 9.90 -1.24 11.50
N GLU A 97 8.90 -0.41 11.75
CA GLU A 97 8.28 0.39 10.69
C GLU A 97 8.95 1.76 10.58
N LYS A 98 8.92 2.51 11.66
CA LYS A 98 9.52 3.84 11.69
C LYS A 98 10.99 3.79 11.30
N MET A 99 11.63 2.66 11.56
CA MET A 99 13.04 2.48 11.23
C MET A 99 13.23 2.27 9.73
N LEU A 100 12.24 1.68 9.09
CA LEU A 100 12.30 1.42 7.66
C LEU A 100 11.50 2.46 6.88
N ASN A 101 12.12 3.61 6.65
CA ASN A 101 11.48 4.70 5.92
C ASN A 101 12.15 4.92 4.56
N ILE A 102 12.34 3.83 3.83
CA ILE A 102 12.98 3.90 2.51
C ILE A 102 14.42 4.41 2.62
N SER A 103 15.04 4.15 3.77
CA SER A 103 16.42 4.58 4.00
C SER A 103 16.88 4.15 5.38
N GLY A 104 17.55 3.01 5.45
CA GLY A 104 18.06 2.51 6.72
C GLY A 104 19.58 2.51 6.78
N PRO A 105 20.15 2.44 8.00
CA PRO A 105 21.60 2.43 8.18
C PRO A 105 22.24 1.13 7.69
N SER A 106 23.39 1.25 7.03
CA SER A 106 24.10 0.09 6.51
C SER A 106 23.23 -0.67 5.50
N SER A 107 23.22 -0.19 4.26
CA SER A 107 22.43 -0.82 3.20
C SER A 107 20.94 -0.82 3.56
N GLY A 108 20.19 0.07 2.93
CA GLY A 108 18.77 0.17 3.19
C GLY A 108 17.94 -0.43 2.08
N GLY A 1 -10.22 -20.17 6.51
CA GLY A 1 -10.73 -19.47 5.31
C GLY A 1 -11.54 -18.24 5.65
N SER A 2 -12.82 -18.25 5.30
CA SER A 2 -13.70 -17.12 5.58
C SER A 2 -14.18 -17.14 7.03
N SER A 3 -14.75 -16.03 7.48
CA SER A 3 -15.25 -15.92 8.84
C SER A 3 -16.17 -14.71 8.99
N GLY A 4 -17.46 -14.97 9.05
CA GLY A 4 -18.43 -13.90 9.19
C GLY A 4 -18.78 -13.62 10.64
N SER A 5 -18.70 -14.65 11.48
CA SER A 5 -19.01 -14.51 12.89
C SER A 5 -17.90 -15.11 13.76
N SER A 6 -16.66 -14.81 13.41
CA SER A 6 -15.50 -15.32 14.16
C SER A 6 -14.33 -14.35 14.07
N GLY A 7 -14.04 -13.88 12.86
CA GLY A 7 -12.94 -12.96 12.67
C GLY A 7 -13.25 -11.89 11.64
N GLN A 8 -12.23 -11.43 10.93
CA GLN A 8 -12.40 -10.41 9.91
C GLN A 8 -11.66 -10.78 8.63
N LEU A 9 -11.96 -10.07 7.55
CA LEU A 9 -11.33 -10.32 6.27
C LEU A 9 -10.74 -9.04 5.67
N LYS A 10 -10.41 -8.09 6.54
CA LYS A 10 -9.84 -6.82 6.11
C LYS A 10 -8.34 -6.77 6.40
N ASP A 11 -7.93 -7.39 7.50
CA ASP A 11 -6.53 -7.42 7.89
C ASP A 11 -5.99 -6.00 8.10
N LYS A 12 -6.88 -5.10 8.53
CA LYS A 12 -6.49 -3.71 8.78
C LYS A 12 -6.46 -3.41 10.27
N PHE A 13 -6.12 -4.43 11.06
CA PHE A 13 -6.05 -4.28 12.52
C PHE A 13 -5.26 -5.42 13.13
N ASP A 14 -4.28 -5.93 12.39
CA ASP A 14 -3.45 -7.02 12.89
C ASP A 14 -2.16 -6.50 13.49
N GLY A 15 -1.69 -5.37 12.99
CA GLY A 15 -0.47 -4.77 13.50
C GLY A 15 -0.17 -3.43 12.88
N ARG A 16 -0.44 -3.29 11.59
CA ARG A 16 -0.20 -2.04 10.88
C ARG A 16 -1.43 -1.61 10.08
N PRO A 17 -1.61 -0.30 9.89
CA PRO A 17 -2.75 0.23 9.13
C PRO A 17 -2.67 -0.10 7.65
N THR A 18 -3.51 0.55 6.85
CA THR A 18 -3.53 0.32 5.41
C THR A 18 -2.18 0.65 4.79
N LYS A 19 -1.43 -0.40 4.44
CA LYS A 19 -0.12 -0.23 3.83
C LYS A 19 -0.23 0.39 2.43
N PRO A 20 0.24 1.64 2.26
CA PRO A 20 0.18 2.32 0.96
C PRO A 20 1.30 1.89 0.02
N PRO A 21 1.15 2.17 -1.29
CA PRO A 21 2.14 1.80 -2.30
C PRO A 21 3.31 2.79 -2.35
N PRO A 22 4.41 2.40 -3.00
CA PRO A 22 5.60 3.26 -3.11
C PRO A 22 5.34 4.50 -3.96
N ASN A 23 4.71 4.32 -5.11
CA ASN A 23 4.40 5.44 -6.00
C ASN A 23 3.15 5.15 -6.83
N SER A 24 2.85 6.04 -7.77
CA SER A 24 1.68 5.89 -8.63
C SER A 24 1.82 4.66 -9.53
N TYR A 25 3.05 4.43 -9.99
CA TYR A 25 3.31 3.28 -10.87
C TYR A 25 2.83 1.98 -10.24
N SER A 26 3.07 1.85 -8.94
CA SER A 26 2.65 0.66 -8.21
C SER A 26 1.17 0.72 -7.86
N LEU A 27 0.71 1.91 -7.48
CA LEU A 27 -0.68 2.12 -7.11
C LEU A 27 -1.59 1.87 -8.31
N TYR A 28 -1.20 2.38 -9.46
CA TYR A 28 -1.99 2.20 -10.68
C TYR A 28 -2.10 0.73 -11.04
N CYS A 29 -0.99 0.00 -10.90
CA CYS A 29 -0.96 -1.42 -11.20
C CYS A 29 -2.00 -2.17 -10.39
N ALA A 30 -2.02 -1.91 -9.08
CA ALA A 30 -2.97 -2.55 -8.19
C ALA A 30 -4.38 -2.03 -8.43
N GLU A 31 -4.47 -0.77 -8.84
CA GLU A 31 -5.77 -0.16 -9.12
C GLU A 31 -6.42 -0.79 -10.34
N LEU A 32 -5.64 -0.94 -11.40
CA LEU A 32 -6.14 -1.54 -12.63
C LEU A 32 -6.50 -3.00 -12.41
N MET A 33 -5.57 -3.77 -11.85
CA MET A 33 -5.80 -5.19 -11.58
C MET A 33 -7.08 -5.38 -10.77
N ALA A 34 -7.35 -4.46 -9.86
CA ALA A 34 -8.55 -4.52 -9.03
C ALA A 34 -9.80 -4.35 -9.88
N ASN A 35 -9.69 -3.52 -10.92
CA ASN A 35 -10.81 -3.27 -11.81
C ASN A 35 -10.87 -4.33 -12.91
N MET A 36 -9.72 -4.91 -13.24
CA MET A 36 -9.63 -5.93 -14.27
C MET A 36 -9.92 -7.31 -13.68
N LYS A 37 -11.04 -7.43 -12.98
CA LYS A 37 -11.44 -8.70 -12.36
C LYS A 37 -11.62 -9.79 -13.42
N ASP A 38 -12.00 -9.38 -14.62
CA ASP A 38 -12.22 -10.33 -15.72
C ASP A 38 -10.97 -10.41 -16.60
N VAL A 39 -9.81 -10.30 -15.99
CA VAL A 39 -8.54 -10.37 -16.72
C VAL A 39 -7.48 -11.10 -15.90
N PRO A 40 -6.78 -12.07 -16.51
CA PRO A 40 -5.74 -12.84 -15.83
C PRO A 40 -4.58 -11.97 -15.38
N SER A 41 -3.99 -12.32 -14.23
CA SER A 41 -2.86 -11.56 -13.68
C SER A 41 -1.82 -11.26 -14.77
N THR A 42 -1.72 -12.15 -15.75
CA THR A 42 -0.78 -11.98 -16.84
C THR A 42 -1.21 -10.83 -17.75
N GLU A 43 -2.51 -10.74 -17.98
CA GLU A 43 -3.05 -9.68 -18.83
C GLU A 43 -3.15 -8.37 -18.06
N ARG A 44 -3.38 -8.48 -16.75
CA ARG A 44 -3.48 -7.30 -15.90
C ARG A 44 -2.15 -6.58 -15.82
N MET A 45 -1.12 -7.29 -15.39
CA MET A 45 0.22 -6.72 -15.27
C MET A 45 0.68 -6.11 -16.59
N VAL A 46 0.40 -6.81 -17.68
CA VAL A 46 0.78 -6.32 -19.01
C VAL A 46 -0.04 -5.09 -19.39
N LEU A 47 -1.29 -5.06 -18.94
CA LEU A 47 -2.18 -3.94 -19.22
C LEU A 47 -1.71 -2.68 -18.49
N CYS A 48 -1.38 -2.83 -17.21
CA CYS A 48 -0.93 -1.71 -16.39
C CYS A 48 0.26 -1.01 -17.05
N SER A 49 1.04 -1.76 -17.82
CA SER A 49 2.21 -1.20 -18.49
C SER A 49 1.79 -0.36 -19.69
N GLN A 50 0.87 -0.88 -20.49
CA GLN A 50 0.39 -0.18 -21.67
C GLN A 50 -0.52 0.98 -21.28
N GLN A 51 -1.51 0.69 -20.44
CA GLN A 51 -2.45 1.71 -20.00
C GLN A 51 -1.72 2.87 -19.32
N TRP A 52 -0.62 2.56 -18.64
CA TRP A 52 0.17 3.58 -17.96
C TRP A 52 1.02 4.36 -18.96
N LYS A 53 1.37 3.72 -20.06
CA LYS A 53 2.19 4.36 -21.09
C LYS A 53 1.34 5.27 -21.97
N LEU A 54 0.05 4.95 -22.09
CA LEU A 54 -0.86 5.75 -22.91
C LEU A 54 -1.50 6.86 -22.08
N LEU A 55 -1.63 6.63 -20.77
CA LEU A 55 -2.23 7.62 -19.88
C LEU A 55 -1.52 8.96 -19.98
N SER A 56 -2.29 10.03 -20.09
CA SER A 56 -1.74 11.38 -20.19
C SER A 56 -1.22 11.87 -18.84
N GLN A 57 -0.56 13.01 -18.84
CA GLN A 57 -0.02 13.60 -17.62
C GLN A 57 -1.14 13.88 -16.61
N LYS A 58 -2.25 14.41 -17.11
CA LYS A 58 -3.39 14.72 -16.26
C LYS A 58 -3.91 13.47 -15.56
N GLU A 59 -3.79 12.33 -16.25
CA GLU A 59 -4.24 11.05 -15.71
C GLU A 59 -3.26 10.53 -14.66
N LYS A 60 -1.98 10.49 -15.03
CA LYS A 60 -0.95 10.01 -14.12
C LYS A 60 -0.89 10.86 -12.85
N ASP A 61 -1.15 12.16 -13.01
CA ASP A 61 -1.14 13.08 -11.88
C ASP A 61 -2.20 12.70 -10.86
N ALA A 62 -3.35 12.23 -11.35
CA ALA A 62 -4.44 11.84 -10.49
C ALA A 62 -4.02 10.70 -9.55
N TYR A 63 -3.44 9.66 -10.13
CA TYR A 63 -2.99 8.52 -9.34
C TYR A 63 -1.86 8.91 -8.41
N HIS A 64 -1.08 9.92 -8.82
CA HIS A 64 0.04 10.40 -8.01
C HIS A 64 -0.47 10.98 -6.70
N LYS A 65 -1.64 11.61 -6.73
CA LYS A 65 -2.23 12.20 -5.54
C LYS A 65 -2.81 11.11 -4.63
N LYS A 66 -3.28 10.03 -5.23
CA LYS A 66 -3.85 8.93 -4.47
C LYS A 66 -2.77 8.23 -3.64
N CYS A 67 -1.61 8.02 -4.25
CA CYS A 67 -0.50 7.38 -3.56
C CYS A 67 -0.08 8.18 -2.33
N ASP A 68 0.08 9.50 -2.53
CA ASP A 68 0.46 10.38 -1.43
C ASP A 68 -0.64 10.44 -0.37
N GLN A 69 -1.89 10.35 -0.83
CA GLN A 69 -3.03 10.37 0.07
C GLN A 69 -3.04 9.14 0.97
N LYS A 70 -2.74 7.98 0.38
CA LYS A 70 -2.71 6.74 1.12
C LYS A 70 -1.65 6.80 2.22
N LYS A 71 -0.52 7.43 1.91
CA LYS A 71 0.57 7.57 2.87
C LYS A 71 0.15 8.46 4.02
N LYS A 72 -0.62 9.50 3.72
CA LYS A 72 -1.11 10.41 4.74
C LYS A 72 -1.97 9.67 5.76
N ASP A 73 -2.82 8.78 5.26
CA ASP A 73 -3.69 7.99 6.12
C ASP A 73 -2.89 6.91 6.85
N TYR A 74 -1.92 6.34 6.15
CA TYR A 74 -1.07 5.29 6.73
C TYR A 74 -0.34 5.83 7.95
N GLU A 75 0.21 7.03 7.83
CA GLU A 75 0.93 7.65 8.93
C GLU A 75 0.01 7.90 10.12
N VAL A 76 -1.16 8.47 9.83
CA VAL A 76 -2.15 8.74 10.87
C VAL A 76 -2.65 7.46 11.50
N GLU A 77 -3.18 6.56 10.68
CA GLU A 77 -3.70 5.28 11.16
C GLU A 77 -2.64 4.54 11.96
N LEU A 78 -1.38 4.76 11.60
CA LEU A 78 -0.27 4.11 12.29
C LEU A 78 0.02 4.82 13.61
N LEU A 79 -0.19 6.12 13.64
CA LEU A 79 0.04 6.91 14.84
C LEU A 79 -1.03 6.64 15.89
N ARG A 80 -2.29 6.79 15.49
CA ARG A 80 -3.41 6.54 16.40
C ARG A 80 -3.37 5.11 16.94
N PHE A 81 -2.91 4.18 16.10
CA PHE A 81 -2.81 2.79 16.49
C PHE A 81 -1.61 2.57 17.42
N LEU A 82 -0.48 3.15 17.05
CA LEU A 82 0.74 3.02 17.84
C LEU A 82 0.50 3.50 19.28
N GLU A 83 0.10 4.76 19.41
CA GLU A 83 -0.17 5.35 20.73
C GLU A 83 -1.10 4.45 21.54
N SER A 84 -1.99 3.77 20.83
CA SER A 84 -2.94 2.87 21.47
C SER A 84 -2.21 1.71 22.15
N LEU A 85 -1.08 1.31 21.55
CA LEU A 85 -0.29 0.21 22.09
C LEU A 85 0.73 0.73 23.10
N PRO A 86 1.20 -0.14 24.02
CA PRO A 86 2.18 0.24 25.04
C PRO A 86 3.53 0.61 24.43
N GLU A 87 4.46 1.04 25.28
CA GLU A 87 5.79 1.43 24.83
C GLU A 87 6.48 0.25 24.14
N GLU A 88 6.42 -0.92 24.76
CA GLU A 88 7.05 -2.12 24.20
C GLU A 88 6.53 -2.38 22.79
N GLU A 89 5.21 -2.43 22.65
CA GLU A 89 4.59 -2.68 21.36
C GLU A 89 4.94 -1.57 20.37
N GLN A 90 4.82 -0.33 20.80
CA GLN A 90 5.13 0.83 19.97
C GLN A 90 6.57 0.77 19.50
N GLN A 91 7.44 0.22 20.35
CA GLN A 91 8.87 0.11 20.02
C GLN A 91 9.08 -0.90 18.91
N ARG A 92 8.27 -1.95 18.89
CA ARG A 92 8.37 -3.00 17.88
C ARG A 92 8.02 -2.45 16.50
N VAL A 93 6.89 -1.77 16.41
CA VAL A 93 6.45 -1.20 15.14
C VAL A 93 7.30 0.00 14.75
N LEU A 94 7.59 0.86 15.72
CA LEU A 94 8.41 2.04 15.49
C LEU A 94 9.85 1.66 15.19
N GLY A 95 10.32 0.61 15.84
CA GLY A 95 11.68 0.15 15.63
C GLY A 95 11.86 -0.61 14.33
N GLU A 96 10.76 -0.83 13.62
CA GLU A 96 10.80 -1.55 12.35
C GLU A 96 10.34 -0.66 11.20
N GLU A 97 9.32 0.13 11.45
CA GLU A 97 8.78 1.03 10.43
C GLU A 97 9.41 2.42 10.54
N LYS A 98 9.34 3.00 11.74
CA LYS A 98 9.90 4.32 11.99
C LYS A 98 11.39 4.35 11.67
N MET A 99 12.06 3.22 11.89
CA MET A 99 13.49 3.11 11.63
C MET A 99 13.77 3.07 10.14
N LEU A 100 12.79 2.62 9.35
CA LEU A 100 12.94 2.53 7.91
C LEU A 100 12.15 3.63 7.21
N ASN A 101 12.40 4.88 7.61
CA ASN A 101 11.71 6.03 7.03
C ASN A 101 12.57 6.68 5.95
N ILE A 102 13.35 5.88 5.24
CA ILE A 102 14.22 6.39 4.19
C ILE A 102 13.65 6.06 2.81
N SER A 103 13.60 7.08 1.95
CA SER A 103 13.07 6.91 0.60
C SER A 103 14.20 6.73 -0.40
N GLY A 104 15.28 6.06 0.04
CA GLY A 104 16.40 5.83 -0.84
C GLY A 104 16.27 4.55 -1.64
N PRO A 105 16.79 3.42 -1.12
CA PRO A 105 16.72 2.13 -1.79
C PRO A 105 15.31 1.55 -1.79
N SER A 106 14.46 2.09 -2.66
CA SER A 106 13.08 1.62 -2.76
C SER A 106 12.98 0.39 -3.65
N SER A 107 12.16 -0.56 -3.23
CA SER A 107 11.97 -1.80 -4.00
C SER A 107 13.29 -2.55 -4.14
N GLY A 108 13.46 -3.60 -3.35
CA GLY A 108 14.67 -4.39 -3.41
C GLY A 108 14.84 -5.11 -4.72
N GLY A 1 -15.92 -22.89 13.82
CA GLY A 1 -15.13 -21.64 13.62
C GLY A 1 -13.65 -21.85 13.83
N SER A 2 -13.09 -22.85 13.16
CA SER A 2 -11.67 -23.16 13.28
C SER A 2 -10.86 -22.37 12.26
N SER A 3 -11.23 -22.50 10.98
CA SER A 3 -10.53 -21.81 9.91
C SER A 3 -11.50 -20.98 9.07
N GLY A 4 -11.01 -19.91 8.48
CA GLY A 4 -11.84 -19.06 7.65
C GLY A 4 -11.92 -19.53 6.22
N SER A 5 -10.77 -19.53 5.54
CA SER A 5 -10.71 -19.96 4.15
C SER A 5 -9.27 -20.23 3.73
N SER A 6 -8.37 -19.31 4.07
CA SER A 6 -6.96 -19.45 3.72
C SER A 6 -6.08 -18.84 4.81
N GLY A 7 -6.42 -17.64 5.24
CA GLY A 7 -5.65 -16.97 6.26
C GLY A 7 -4.41 -16.29 5.72
N GLN A 8 -4.29 -14.99 5.95
CA GLN A 8 -3.14 -14.23 5.48
C GLN A 8 -1.89 -14.57 6.27
N LEU A 9 -2.04 -14.71 7.58
CA LEU A 9 -0.93 -15.05 8.46
C LEU A 9 0.18 -14.00 8.34
N LYS A 10 -0.18 -12.80 7.92
CA LYS A 10 0.79 -11.72 7.75
C LYS A 10 0.53 -10.59 8.75
N ASP A 11 -0.73 -10.45 9.16
CA ASP A 11 -1.11 -9.41 10.11
C ASP A 11 -0.92 -8.02 9.50
N LYS A 12 -1.26 -7.89 8.22
CA LYS A 12 -1.13 -6.61 7.53
C LYS A 12 -2.46 -5.86 7.50
N PHE A 13 -3.28 -6.07 8.52
CA PHE A 13 -4.58 -5.42 8.61
C PHE A 13 -5.04 -5.33 10.06
N ASP A 14 -4.09 -5.23 10.98
CA ASP A 14 -4.40 -5.13 12.40
C ASP A 14 -3.24 -4.50 13.17
N GLY A 15 -2.04 -5.06 13.00
CA GLY A 15 -0.88 -4.53 13.68
C GLY A 15 -0.48 -3.16 13.17
N ARG A 16 -0.78 -2.89 11.91
CA ARG A 16 -0.46 -1.60 11.30
C ARG A 16 -1.64 -1.06 10.49
N PRO A 17 -1.67 0.26 10.26
CA PRO A 17 -2.75 0.90 9.50
C PRO A 17 -2.72 0.51 8.03
N THR A 18 -3.52 1.21 7.22
CA THR A 18 -3.58 0.94 5.79
C THR A 18 -2.23 1.17 5.12
N LYS A 19 -1.59 0.09 4.71
CA LYS A 19 -0.29 0.17 4.05
C LYS A 19 -0.41 0.84 2.68
N PRO A 20 0.16 2.05 2.53
CA PRO A 20 0.10 2.79 1.27
C PRO A 20 1.10 2.26 0.24
N PRO A 21 0.70 2.17 -1.05
CA PRO A 21 1.57 1.68 -2.12
C PRO A 21 2.86 2.48 -2.23
N PRO A 22 3.84 1.98 -3.01
CA PRO A 22 5.12 2.66 -3.20
C PRO A 22 4.99 3.94 -4.02
N ASN A 23 4.20 3.86 -5.09
CA ASN A 23 3.99 5.00 -5.97
C ASN A 23 2.72 4.82 -6.81
N SER A 24 2.47 5.77 -7.70
CA SER A 24 1.29 5.72 -8.56
C SER A 24 1.36 4.52 -9.51
N TYR A 25 2.56 4.22 -9.98
CA TYR A 25 2.76 3.09 -10.89
C TYR A 25 2.19 1.81 -10.31
N SER A 26 2.69 1.42 -9.14
CA SER A 26 2.22 0.21 -8.47
C SER A 26 0.75 0.32 -8.11
N LEU A 27 0.34 1.51 -7.70
CA LEU A 27 -1.05 1.76 -7.33
C LEU A 27 -1.99 1.49 -8.51
N TYR A 28 -1.68 2.11 -9.64
CA TYR A 28 -2.49 1.94 -10.85
C TYR A 28 -2.53 0.49 -11.27
N CYS A 29 -1.40 -0.21 -11.09
CA CYS A 29 -1.30 -1.62 -11.44
C CYS A 29 -2.41 -2.43 -10.76
N ALA A 30 -2.58 -2.19 -9.46
CA ALA A 30 -3.60 -2.89 -8.69
C ALA A 30 -4.99 -2.39 -9.04
N GLU A 31 -5.07 -1.10 -9.41
CA GLU A 31 -6.35 -0.49 -9.77
C GLU A 31 -6.84 -1.02 -11.11
N LEU A 32 -5.92 -1.14 -12.08
CA LEU A 32 -6.27 -1.64 -13.40
C LEU A 32 -6.66 -3.11 -13.33
N MET A 33 -5.84 -3.92 -12.67
CA MET A 33 -6.12 -5.34 -12.54
C MET A 33 -7.48 -5.56 -11.90
N ALA A 34 -7.85 -4.70 -10.95
CA ALA A 34 -9.13 -4.81 -10.27
C ALA A 34 -10.27 -4.56 -11.25
N ASN A 35 -10.02 -3.74 -12.26
CA ASN A 35 -11.02 -3.42 -13.27
C ASN A 35 -10.96 -4.42 -14.42
N MET A 36 -9.76 -4.90 -14.72
CA MET A 36 -9.56 -5.86 -15.79
C MET A 36 -10.01 -7.26 -15.37
N LYS A 37 -11.28 -7.40 -15.01
CA LYS A 37 -11.81 -8.67 -14.58
C LYS A 37 -11.77 -9.70 -15.71
N ASP A 38 -11.93 -9.22 -16.94
CA ASP A 38 -11.91 -10.09 -18.11
C ASP A 38 -10.51 -10.14 -18.72
N VAL A 39 -9.49 -10.23 -17.86
CA VAL A 39 -8.11 -10.27 -18.32
C VAL A 39 -7.24 -11.05 -17.33
N PRO A 40 -6.44 -12.02 -17.82
CA PRO A 40 -5.56 -12.82 -16.97
C PRO A 40 -4.46 -12.00 -16.33
N SER A 41 -4.05 -12.38 -15.12
CA SER A 41 -3.01 -11.66 -14.39
C SER A 41 -1.80 -11.37 -15.28
N THR A 42 -1.59 -12.23 -16.27
CA THR A 42 -0.48 -12.05 -17.19
C THR A 42 -0.74 -10.89 -18.13
N GLU A 43 -1.99 -10.76 -18.57
CA GLU A 43 -2.37 -9.67 -19.46
C GLU A 43 -2.58 -8.38 -18.68
N ARG A 44 -3.05 -8.53 -17.44
CA ARG A 44 -3.29 -7.37 -16.58
C ARG A 44 -1.97 -6.66 -16.29
N MET A 45 -1.02 -7.39 -15.72
CA MET A 45 0.28 -6.84 -15.39
C MET A 45 0.92 -6.18 -16.61
N VAL A 46 0.79 -6.83 -17.77
CA VAL A 46 1.35 -6.29 -19.00
C VAL A 46 0.57 -5.06 -19.46
N LEU A 47 -0.74 -5.06 -19.18
CA LEU A 47 -1.60 -3.95 -19.57
C LEU A 47 -1.27 -2.70 -18.75
N CYS A 48 -1.08 -2.89 -17.45
CA CYS A 48 -0.75 -1.79 -16.55
C CYS A 48 0.42 -0.98 -17.08
N SER A 49 1.31 -1.64 -17.81
CA SER A 49 2.48 -0.97 -18.38
C SER A 49 2.09 -0.14 -19.60
N GLN A 50 1.22 -0.70 -20.44
CA GLN A 50 0.77 0.00 -21.64
C GLN A 50 -0.18 1.13 -21.27
N GLN A 51 -1.21 0.82 -20.49
CA GLN A 51 -2.19 1.82 -20.08
C GLN A 51 -1.50 2.98 -19.35
N TRP A 52 -0.45 2.67 -18.62
CA TRP A 52 0.30 3.68 -17.88
C TRP A 52 1.16 4.51 -18.83
N LYS A 53 1.57 3.91 -19.94
CA LYS A 53 2.40 4.58 -20.92
C LYS A 53 1.57 5.51 -21.81
N LEU A 54 0.30 5.17 -21.97
CA LEU A 54 -0.60 5.97 -22.81
C LEU A 54 -1.30 7.05 -21.98
N LEU A 55 -1.46 6.79 -20.69
CA LEU A 55 -2.12 7.74 -19.79
C LEU A 55 -1.42 9.09 -19.82
N SER A 56 -2.20 10.16 -19.85
CA SER A 56 -1.66 11.51 -19.89
C SER A 56 -1.18 11.94 -18.51
N GLN A 57 -0.55 13.12 -18.44
CA GLN A 57 -0.05 13.65 -17.18
C GLN A 57 -1.18 13.86 -16.19
N LYS A 58 -2.28 14.43 -16.67
CA LYS A 58 -3.44 14.69 -15.81
C LYS A 58 -3.97 13.39 -15.22
N GLU A 59 -3.95 12.33 -16.02
CA GLU A 59 -4.43 11.03 -15.57
C GLU A 59 -3.50 10.43 -14.53
N LYS A 60 -2.20 10.44 -14.84
CA LYS A 60 -1.20 9.89 -13.92
C LYS A 60 -1.18 10.68 -12.61
N ASP A 61 -1.45 11.98 -12.70
CA ASP A 61 -1.47 12.83 -11.52
C ASP A 61 -2.60 12.43 -10.58
N ALA A 62 -3.74 12.06 -11.14
CA ALA A 62 -4.89 11.64 -10.36
C ALA A 62 -4.55 10.44 -9.48
N TYR A 63 -3.82 9.49 -10.04
CA TYR A 63 -3.42 8.29 -9.32
C TYR A 63 -2.35 8.62 -8.28
N HIS A 64 -1.53 9.61 -8.59
CA HIS A 64 -0.47 10.03 -7.69
C HIS A 64 -1.04 10.54 -6.37
N LYS A 65 -2.16 11.24 -6.45
CA LYS A 65 -2.81 11.78 -5.26
C LYS A 65 -3.26 10.66 -4.33
N LYS A 66 -3.81 9.60 -4.92
CA LYS A 66 -4.28 8.46 -4.16
C LYS A 66 -3.14 7.82 -3.38
N CYS A 67 -2.01 7.62 -4.05
CA CYS A 67 -0.84 7.02 -3.42
C CYS A 67 -0.37 7.89 -2.25
N ASP A 68 -0.15 9.17 -2.52
CA ASP A 68 0.30 10.10 -1.51
C ASP A 68 -0.73 10.23 -0.40
N GLN A 69 -2.00 10.18 -0.78
CA GLN A 69 -3.09 10.28 0.18
C GLN A 69 -3.04 9.12 1.19
N LYS A 70 -2.78 7.93 0.67
CA LYS A 70 -2.69 6.74 1.52
C LYS A 70 -1.57 6.90 2.54
N LYS A 71 -0.49 7.55 2.13
CA LYS A 71 0.65 7.77 3.00
C LYS A 71 0.29 8.75 4.12
N LYS A 72 -0.49 9.76 3.77
CA LYS A 72 -0.92 10.76 4.73
C LYS A 72 -1.75 10.12 5.84
N ASP A 73 -2.60 9.17 5.46
CA ASP A 73 -3.45 8.47 6.41
C ASP A 73 -2.64 7.40 7.14
N TYR A 74 -1.70 6.79 6.44
CA TYR A 74 -0.85 5.76 7.02
C TYR A 74 -0.06 6.30 8.20
N GLU A 75 0.51 7.49 8.03
CA GLU A 75 1.28 8.12 9.08
C GLU A 75 0.39 8.47 10.27
N VAL A 76 -0.78 9.03 9.98
CA VAL A 76 -1.72 9.41 11.03
C VAL A 76 -2.27 8.18 11.73
N GLU A 77 -2.78 7.22 10.95
CA GLU A 77 -3.33 6.00 11.50
C GLU A 77 -2.28 5.23 12.28
N LEU A 78 -1.02 5.36 11.85
CA LEU A 78 0.08 4.67 12.51
C LEU A 78 0.44 5.38 13.81
N LEU A 79 0.40 6.70 13.80
CA LEU A 79 0.72 7.49 14.99
C LEU A 79 -0.34 7.28 16.07
N ARG A 80 -1.60 7.47 15.70
CA ARG A 80 -2.70 7.30 16.65
C ARG A 80 -2.74 5.87 17.19
N PHE A 81 -2.36 4.93 16.34
CA PHE A 81 -2.35 3.52 16.72
C PHE A 81 -1.16 3.23 17.65
N LEU A 82 0.00 3.74 17.28
CA LEU A 82 1.21 3.54 18.07
C LEU A 82 1.02 4.04 19.50
N GLU A 83 0.75 5.34 19.62
CA GLU A 83 0.54 5.94 20.94
C GLU A 83 -0.49 5.16 21.74
N SER A 84 -1.46 4.58 21.04
CA SER A 84 -2.50 3.80 21.68
C SER A 84 -1.91 2.58 22.39
N LEU A 85 -0.86 2.02 21.79
CA LEU A 85 -0.20 0.84 22.35
C LEU A 85 0.86 1.26 23.36
N PRO A 86 1.24 0.35 24.28
CA PRO A 86 2.25 0.64 25.30
C PRO A 86 3.64 0.84 24.70
N GLU A 87 4.60 1.17 25.55
CA GLU A 87 5.98 1.39 25.11
C GLU A 87 6.54 0.14 24.44
N GLU A 88 6.34 -1.01 25.09
CA GLU A 88 6.82 -2.28 24.55
C GLU A 88 6.29 -2.52 23.14
N GLU A 89 4.99 -2.34 22.97
CA GLU A 89 4.35 -2.53 21.67
C GLU A 89 4.85 -1.49 20.68
N GLN A 90 4.83 -0.22 21.10
CA GLN A 90 5.28 0.88 20.25
C GLN A 90 6.72 0.67 19.82
N GLN A 91 7.53 0.10 20.72
CA GLN A 91 8.93 -0.14 20.43
C GLN A 91 9.08 -1.11 19.25
N ARG A 92 8.29 -2.16 19.25
CA ARG A 92 8.34 -3.15 18.18
C ARG A 92 7.89 -2.54 16.85
N VAL A 93 6.71 -1.94 16.84
CA VAL A 93 6.17 -1.32 15.64
C VAL A 93 7.09 -0.21 15.14
N LEU A 94 7.65 0.56 16.08
CA LEU A 94 8.55 1.66 15.73
C LEU A 94 9.92 1.13 15.35
N GLY A 95 10.33 0.03 15.97
CA GLY A 95 11.62 -0.56 15.67
C GLY A 95 11.63 -1.37 14.39
N GLU A 96 10.46 -1.51 13.77
CA GLU A 96 10.33 -2.27 12.52
C GLU A 96 9.87 -1.38 11.38
N GLU A 97 8.96 -0.46 11.68
CA GLU A 97 8.43 0.45 10.67
C GLU A 97 9.18 1.78 10.68
N LYS A 98 9.21 2.42 11.85
CA LYS A 98 9.89 3.70 12.00
C LYS A 98 11.36 3.59 11.60
N MET A 99 11.93 2.40 11.77
CA MET A 99 13.33 2.17 11.42
C MET A 99 13.53 2.21 9.91
N LEU A 100 12.50 1.81 9.17
CA LEU A 100 12.56 1.81 7.71
C LEU A 100 12.15 3.16 7.14
N ASN A 101 12.93 4.19 7.42
CA ASN A 101 12.66 5.54 6.93
C ASN A 101 13.54 5.87 5.74
N ILE A 102 13.70 4.91 4.84
CA ILE A 102 14.52 5.10 3.64
C ILE A 102 15.99 5.25 4.01
N SER A 103 16.40 4.59 5.09
CA SER A 103 17.78 4.65 5.55
C SER A 103 18.41 3.26 5.56
N GLY A 104 19.56 3.13 4.91
CA GLY A 104 20.25 1.86 4.85
C GLY A 104 21.68 1.98 4.37
N PRO A 105 22.37 0.86 4.14
CA PRO A 105 23.76 0.86 3.66
C PRO A 105 23.87 1.33 2.21
N SER A 106 23.49 2.59 1.97
CA SER A 106 23.55 3.16 0.63
C SER A 106 24.62 4.24 0.56
N SER A 107 25.77 3.89 -0.01
CA SER A 107 26.88 4.83 -0.15
C SER A 107 27.36 4.89 -1.60
N GLY A 108 26.44 4.69 -2.53
CA GLY A 108 26.79 4.73 -3.94
C GLY A 108 26.01 5.78 -4.71
N GLY A 1 0.34 -22.85 -4.03
CA GLY A 1 0.77 -24.27 -4.11
C GLY A 1 0.37 -25.07 -2.88
N SER A 2 -0.62 -25.93 -3.05
CA SER A 2 -1.12 -26.76 -1.95
C SER A 2 -1.60 -25.89 -0.79
N SER A 3 -2.16 -26.54 0.23
CA SER A 3 -2.66 -25.82 1.39
C SER A 3 -2.00 -26.34 2.67
N GLY A 4 -1.86 -25.46 3.65
CA GLY A 4 -1.24 -25.83 4.91
C GLY A 4 -0.19 -24.85 5.37
N SER A 5 -0.59 -23.59 5.55
CA SER A 5 0.33 -22.55 5.98
C SER A 5 -0.43 -21.38 6.61
N SER A 6 -0.17 -21.14 7.89
CA SER A 6 -0.84 -20.05 8.60
C SER A 6 -0.25 -18.70 8.21
N GLY A 7 1.07 -18.67 8.01
CA GLY A 7 1.73 -17.44 7.63
C GLY A 7 1.21 -16.87 6.32
N GLN A 8 1.42 -15.58 6.11
CA GLN A 8 0.95 -14.92 4.89
C GLN A 8 2.06 -14.06 4.29
N LEU A 9 1.93 -13.74 3.01
CA LEU A 9 2.91 -12.91 2.32
C LEU A 9 2.36 -11.52 2.04
N LYS A 10 1.40 -11.09 2.85
CA LYS A 10 0.78 -9.77 2.69
C LYS A 10 1.11 -8.87 3.87
N ASP A 11 1.24 -9.47 5.06
CA ASP A 11 1.56 -8.73 6.26
C ASP A 11 0.44 -7.73 6.58
N LYS A 12 -0.80 -8.20 6.55
CA LYS A 12 -1.94 -7.35 6.85
C LYS A 12 -2.25 -7.33 8.34
N PHE A 13 -2.13 -8.49 8.97
CA PHE A 13 -2.40 -8.61 10.41
C PHE A 13 -1.09 -8.67 11.19
N ASP A 14 -0.32 -7.59 11.14
CA ASP A 14 0.95 -7.54 11.86
C ASP A 14 0.94 -6.44 12.93
N GLY A 15 -0.11 -5.62 12.92
CA GLY A 15 -0.21 -4.54 13.90
C GLY A 15 0.05 -3.18 13.28
N ARG A 16 -0.22 -3.06 11.99
CA ARG A 16 -0.02 -1.80 11.29
C ARG A 16 -1.24 -1.43 10.45
N PRO A 17 -1.42 -0.13 10.14
CA PRO A 17 -2.54 0.35 9.34
C PRO A 17 -2.46 -0.12 7.90
N THR A 18 -3.29 0.47 7.03
CA THR A 18 -3.32 0.12 5.62
C THR A 18 -2.03 0.56 4.93
N LYS A 19 -1.19 -0.42 4.58
CA LYS A 19 0.07 -0.14 3.91
C LYS A 19 -0.17 0.48 2.53
N PRO A 20 0.34 1.71 2.30
CA PRO A 20 0.16 2.40 1.02
C PRO A 20 1.12 1.89 -0.05
N PRO A 21 0.91 2.28 -1.32
CA PRO A 21 1.75 1.85 -2.44
C PRO A 21 3.06 2.64 -2.50
N PRO A 22 4.04 2.13 -3.26
CA PRO A 22 5.34 2.80 -3.41
C PRO A 22 5.25 4.07 -4.24
N ASN A 23 4.48 4.02 -5.32
CA ASN A 23 4.31 5.17 -6.20
C ASN A 23 3.03 5.06 -7.01
N SER A 24 2.81 6.02 -7.90
CA SER A 24 1.61 6.04 -8.73
C SER A 24 1.59 4.84 -9.67
N TYR A 25 2.75 4.50 -10.22
CA TYR A 25 2.85 3.37 -11.15
C TYR A 25 2.29 2.09 -10.52
N SER A 26 2.88 1.67 -9.41
CA SER A 26 2.44 0.47 -8.72
C SER A 26 1.00 0.61 -8.26
N LEU A 27 0.63 1.83 -7.87
CA LEU A 27 -0.73 2.11 -7.41
C LEU A 27 -1.75 1.79 -8.51
N TYR A 28 -1.55 2.40 -9.68
CA TYR A 28 -2.44 2.18 -10.80
C TYR A 28 -2.46 0.72 -11.20
N CYS A 29 -1.31 0.05 -11.06
CA CYS A 29 -1.20 -1.36 -11.41
C CYS A 29 -2.17 -2.19 -10.60
N ALA A 30 -2.22 -1.93 -9.29
CA ALA A 30 -3.11 -2.65 -8.40
C ALA A 30 -4.56 -2.23 -8.64
N GLU A 31 -4.76 -0.99 -9.04
CA GLU A 31 -6.09 -0.46 -9.31
C GLU A 31 -6.69 -1.15 -10.53
N LEU A 32 -5.91 -1.24 -11.60
CA LEU A 32 -6.37 -1.88 -12.82
C LEU A 32 -6.60 -3.37 -12.61
N MET A 33 -5.63 -4.04 -12.00
CA MET A 33 -5.73 -5.47 -11.73
C MET A 33 -7.00 -5.78 -10.95
N ALA A 34 -7.37 -4.87 -10.05
CA ALA A 34 -8.57 -5.04 -9.24
C ALA A 34 -9.83 -4.99 -10.12
N ASN A 35 -9.78 -4.15 -11.15
CA ASN A 35 -10.90 -4.02 -12.07
C ASN A 35 -10.85 -5.11 -13.14
N MET A 36 -9.65 -5.58 -13.45
CA MET A 36 -9.47 -6.62 -14.45
C MET A 36 -9.69 -8.00 -13.83
N LYS A 37 -10.85 -8.20 -13.23
CA LYS A 37 -11.17 -9.48 -12.60
C LYS A 37 -11.15 -10.61 -13.62
N ASP A 38 -11.56 -10.31 -14.84
CA ASP A 38 -11.58 -11.30 -15.91
C ASP A 38 -10.30 -11.25 -16.74
N VAL A 39 -9.17 -11.12 -16.05
CA VAL A 39 -7.87 -11.06 -16.72
C VAL A 39 -6.78 -11.68 -15.85
N PRO A 40 -5.96 -12.57 -16.41
CA PRO A 40 -4.87 -13.22 -15.66
C PRO A 40 -3.78 -12.24 -15.25
N SER A 41 -3.16 -12.48 -14.10
CA SER A 41 -2.11 -11.61 -13.58
C SER A 41 -1.09 -11.27 -14.66
N THR A 42 -0.93 -12.18 -15.62
CA THR A 42 0.01 -11.97 -16.71
C THR A 42 -0.52 -10.91 -17.67
N GLU A 43 -1.82 -10.93 -17.90
CA GLU A 43 -2.46 -9.97 -18.79
C GLU A 43 -2.69 -8.64 -18.06
N ARG A 44 -2.97 -8.73 -16.77
CA ARG A 44 -3.20 -7.53 -15.95
C ARG A 44 -1.93 -6.69 -15.88
N MET A 45 -0.84 -7.30 -15.44
CA MET A 45 0.44 -6.61 -15.32
C MET A 45 0.83 -5.98 -16.66
N VAL A 46 0.60 -6.70 -17.75
CA VAL A 46 0.93 -6.19 -19.08
C VAL A 46 -0.01 -5.06 -19.46
N LEU A 47 -1.26 -5.16 -19.01
CA LEU A 47 -2.25 -4.13 -19.32
C LEU A 47 -1.93 -2.83 -18.61
N CYS A 48 -1.57 -2.93 -17.33
CA CYS A 48 -1.22 -1.76 -16.54
C CYS A 48 -0.12 -0.95 -17.21
N SER A 49 0.74 -1.64 -17.96
CA SER A 49 1.84 -0.98 -18.67
C SER A 49 1.32 -0.16 -19.84
N GLN A 50 0.40 -0.75 -20.59
CA GLN A 50 -0.18 -0.07 -21.75
C GLN A 50 -1.08 1.07 -21.30
N GLN A 51 -2.00 0.77 -20.38
CA GLN A 51 -2.93 1.76 -19.87
C GLN A 51 -2.18 2.94 -19.26
N TRP A 52 -1.01 2.67 -18.70
CA TRP A 52 -0.19 3.71 -18.08
C TRP A 52 0.61 4.47 -19.13
N LYS A 53 0.91 3.80 -20.24
CA LYS A 53 1.68 4.41 -21.32
C LYS A 53 0.80 5.34 -22.16
N LEU A 54 -0.50 5.04 -22.20
CA LEU A 54 -1.44 5.84 -22.97
C LEU A 54 -1.99 6.99 -22.14
N LEU A 55 -2.02 6.81 -20.82
CA LEU A 55 -2.52 7.84 -19.91
C LEU A 55 -1.70 9.12 -20.05
N SER A 56 -2.38 10.26 -20.02
CA SER A 56 -1.72 11.56 -20.14
C SER A 56 -1.14 12.00 -18.81
N GLN A 57 -0.45 13.14 -18.81
CA GLN A 57 0.16 13.67 -17.60
C GLN A 57 -0.90 13.99 -16.55
N LYS A 58 -1.98 14.64 -16.99
CA LYS A 58 -3.06 15.00 -16.08
C LYS A 58 -3.66 13.76 -15.43
N GLU A 59 -3.68 12.66 -16.17
CA GLU A 59 -4.21 11.41 -15.66
C GLU A 59 -3.26 10.77 -14.66
N LYS A 60 -1.99 10.67 -15.04
CA LYS A 60 -0.98 10.08 -14.17
C LYS A 60 -0.83 10.89 -12.88
N ASP A 61 -1.03 12.20 -13.00
CA ASP A 61 -0.92 13.09 -11.84
C ASP A 61 -2.01 12.78 -10.82
N ALA A 62 -3.20 12.41 -11.31
CA ALA A 62 -4.31 12.09 -10.44
C ALA A 62 -3.98 10.91 -9.53
N TYR A 63 -3.31 9.90 -10.10
CA TYR A 63 -2.92 8.72 -9.34
C TYR A 63 -1.81 9.05 -8.36
N HIS A 64 -0.99 10.04 -8.71
CA HIS A 64 0.11 10.46 -7.84
C HIS A 64 -0.41 10.98 -6.51
N LYS A 65 -1.52 11.70 -6.56
CA LYS A 65 -2.13 12.25 -5.36
C LYS A 65 -2.67 11.13 -4.46
N LYS A 66 -3.19 10.09 -5.10
CA LYS A 66 -3.74 8.96 -4.36
C LYS A 66 -2.64 8.25 -3.56
N CYS A 67 -1.49 8.06 -4.20
CA CYS A 67 -0.36 7.41 -3.55
C CYS A 67 0.07 8.18 -2.32
N ASP A 68 0.25 9.50 -2.47
CA ASP A 68 0.65 10.35 -1.37
C ASP A 68 -0.43 10.36 -0.29
N GLN A 69 -1.69 10.32 -0.73
CA GLN A 69 -2.81 10.31 0.20
C GLN A 69 -2.78 9.07 1.07
N LYS A 70 -2.51 7.93 0.44
CA LYS A 70 -2.45 6.65 1.15
C LYS A 70 -1.36 6.70 2.21
N LYS A 71 -0.29 7.43 1.91
CA LYS A 71 0.83 7.54 2.84
C LYS A 71 0.47 8.48 3.99
N LYS A 72 -0.23 9.56 3.66
CA LYS A 72 -0.66 10.52 4.68
C LYS A 72 -1.58 9.86 5.68
N ASP A 73 -2.38 8.91 5.22
CA ASP A 73 -3.31 8.18 6.07
C ASP A 73 -2.57 7.09 6.84
N TYR A 74 -1.61 6.46 6.17
CA TYR A 74 -0.82 5.40 6.79
C TYR A 74 -0.09 5.93 8.02
N GLU A 75 0.50 7.11 7.89
CA GLU A 75 1.23 7.73 8.99
C GLU A 75 0.28 8.04 10.14
N VAL A 76 -0.87 8.61 9.82
CA VAL A 76 -1.86 8.95 10.84
C VAL A 76 -2.43 7.69 11.48
N GLU A 77 -2.88 6.76 10.63
CA GLU A 77 -3.45 5.51 11.11
C GLU A 77 -2.43 4.74 11.96
N LEU A 78 -1.16 4.92 11.63
CA LEU A 78 -0.09 4.25 12.36
C LEU A 78 0.15 4.92 13.71
N LEU A 79 0.04 6.25 13.73
CA LEU A 79 0.23 7.01 14.94
C LEU A 79 -0.90 6.76 15.93
N ARG A 80 -2.13 6.89 15.46
CA ARG A 80 -3.31 6.68 16.30
C ARG A 80 -3.33 5.25 16.83
N PHE A 81 -2.85 4.32 16.00
CA PHE A 81 -2.81 2.91 16.38
C PHE A 81 -1.66 2.64 17.35
N LEU A 82 -0.50 3.20 17.04
CA LEU A 82 0.69 3.04 17.88
C LEU A 82 0.39 3.46 19.32
N GLU A 83 0.01 4.72 19.50
CA GLU A 83 -0.30 5.24 20.83
C GLU A 83 -1.29 4.32 21.55
N SER A 84 -2.16 3.69 20.77
CA SER A 84 -3.16 2.79 21.33
C SER A 84 -2.48 1.59 21.99
N LEU A 85 -1.38 1.16 21.41
CA LEU A 85 -0.62 0.02 21.94
C LEU A 85 0.35 0.47 23.03
N PRO A 86 0.74 -0.44 23.92
CA PRO A 86 1.68 -0.12 25.01
C PRO A 86 3.05 0.27 24.50
N GLU A 87 3.93 0.68 25.42
CA GLU A 87 5.28 1.09 25.06
C GLU A 87 6.02 -0.06 24.37
N GLU A 88 5.93 -1.25 24.93
CA GLU A 88 6.59 -2.42 24.37
C GLU A 88 6.15 -2.65 22.93
N GLU A 89 4.83 -2.64 22.70
CA GLU A 89 4.28 -2.84 21.38
C GLU A 89 4.69 -1.70 20.45
N GLN A 90 4.54 -0.47 20.92
CA GLN A 90 4.90 0.71 20.14
C GLN A 90 6.38 0.67 19.76
N GLN A 91 7.20 0.10 20.64
CA GLN A 91 8.63 0.00 20.39
C GLN A 91 8.93 -0.97 19.26
N ARG A 92 8.12 -2.01 19.15
CA ARG A 92 8.28 -3.01 18.11
C ARG A 92 7.99 -2.43 16.73
N VAL A 93 6.86 -1.76 16.61
CA VAL A 93 6.46 -1.15 15.34
C VAL A 93 7.32 0.07 15.03
N LEU A 94 7.55 0.91 16.04
CA LEU A 94 8.36 2.11 15.88
C LEU A 94 9.82 1.74 15.67
N GLY A 95 10.26 0.65 16.29
CA GLY A 95 11.63 0.22 16.15
C GLY A 95 11.90 -0.49 14.84
N GLU A 96 10.86 -0.66 14.03
CA GLU A 96 11.01 -1.33 12.74
C GLU A 96 10.66 -0.39 11.59
N GLU A 97 9.64 0.44 11.80
CA GLU A 97 9.21 1.38 10.78
C GLU A 97 9.79 2.77 11.03
N LYS A 98 9.60 3.27 12.24
CA LYS A 98 10.11 4.59 12.61
C LYS A 98 11.62 4.66 12.45
N MET A 99 12.29 3.52 12.59
CA MET A 99 13.74 3.46 12.46
C MET A 99 14.16 3.66 11.01
N LEU A 100 13.30 3.25 10.08
CA LEU A 100 13.59 3.38 8.66
C LEU A 100 13.26 4.79 8.16
N ASN A 101 12.10 5.29 8.57
CA ASN A 101 11.67 6.63 8.16
C ASN A 101 11.62 6.75 6.64
N ILE A 102 11.33 5.63 5.97
CA ILE A 102 11.25 5.61 4.52
C ILE A 102 10.31 4.52 4.04
N SER A 103 9.53 4.83 3.01
CA SER A 103 8.58 3.87 2.45
C SER A 103 9.26 2.96 1.44
N GLY A 104 9.80 3.55 0.38
CA GLY A 104 10.48 2.78 -0.65
C GLY A 104 9.53 1.89 -1.43
N PRO A 105 9.99 0.72 -1.89
CA PRO A 105 9.15 -0.21 -2.65
C PRO A 105 8.07 -0.85 -1.79
N SER A 106 7.19 -1.61 -2.43
CA SER A 106 6.09 -2.27 -1.73
C SER A 106 6.53 -3.63 -1.20
N SER A 107 7.10 -4.45 -2.08
CA SER A 107 7.57 -5.78 -1.69
C SER A 107 8.31 -6.45 -2.85
N GLY A 108 9.55 -6.83 -2.59
CA GLY A 108 10.35 -7.48 -3.63
C GLY A 108 11.27 -6.51 -4.34
N GLY A 1 -17.63 -23.18 -1.28
CA GLY A 1 -17.30 -23.05 0.17
C GLY A 1 -15.84 -22.69 0.40
N SER A 2 -15.57 -22.05 1.53
CA SER A 2 -14.21 -21.64 1.86
C SER A 2 -13.47 -22.77 2.58
N SER A 3 -12.57 -23.43 1.87
CA SER A 3 -11.80 -24.52 2.44
C SER A 3 -10.34 -24.13 2.60
N GLY A 4 -9.90 -24.01 3.85
CA GLY A 4 -8.53 -23.64 4.13
C GLY A 4 -8.41 -22.68 5.29
N SER A 5 -7.32 -21.91 5.32
CA SER A 5 -7.09 -20.95 6.38
C SER A 5 -7.90 -19.68 6.15
N SER A 6 -8.03 -19.29 4.89
CA SER A 6 -8.78 -18.09 4.53
C SER A 6 -8.17 -16.85 5.19
N GLY A 7 -6.93 -16.55 4.82
CA GLY A 7 -6.25 -15.39 5.39
C GLY A 7 -4.94 -15.10 4.69
N GLN A 8 -4.41 -13.90 4.92
CA GLN A 8 -3.15 -13.49 4.31
C GLN A 8 -1.97 -13.73 5.28
N LEU A 9 -0.82 -14.08 4.71
CA LEU A 9 0.36 -14.33 5.52
C LEU A 9 1.30 -13.13 5.50
N LYS A 10 0.74 -11.95 5.26
CA LYS A 10 1.53 -10.72 5.22
C LYS A 10 1.22 -9.82 6.41
N ASP A 11 -0.01 -9.94 6.92
CA ASP A 11 -0.43 -9.14 8.07
C ASP A 11 -0.40 -7.65 7.73
N LYS A 12 -0.94 -7.30 6.58
CA LYS A 12 -0.98 -5.91 6.13
C LYS A 12 -2.33 -5.27 6.43
N PHE A 13 -2.98 -5.74 7.48
CA PHE A 13 -4.28 -5.22 7.88
C PHE A 13 -4.66 -5.69 9.28
N ASP A 14 -3.66 -5.85 10.14
CA ASP A 14 -3.89 -6.29 11.50
C ASP A 14 -2.96 -5.56 12.47
N GLY A 15 -1.68 -5.86 12.39
CA GLY A 15 -0.72 -5.21 13.26
C GLY A 15 -0.43 -3.78 12.86
N ARG A 16 -0.59 -3.49 11.58
CA ARG A 16 -0.35 -2.15 11.06
C ARG A 16 -1.53 -1.67 10.22
N PRO A 17 -1.64 -0.34 10.01
CA PRO A 17 -2.73 0.24 9.21
C PRO A 17 -2.62 -0.12 7.74
N THR A 18 -3.42 0.56 6.90
CA THR A 18 -3.40 0.31 5.46
C THR A 18 -2.06 0.70 4.85
N LYS A 19 -1.26 -0.30 4.52
CA LYS A 19 0.06 -0.06 3.92
C LYS A 19 -0.08 0.52 2.51
N PRO A 20 0.47 1.72 2.27
CA PRO A 20 0.39 2.38 0.96
C PRO A 20 1.41 1.81 -0.02
N PRO A 21 1.17 2.00 -1.33
CA PRO A 21 2.08 1.50 -2.38
C PRO A 21 3.33 2.35 -2.50
N PRO A 22 4.32 1.88 -3.27
CA PRO A 22 5.58 2.61 -3.48
C PRO A 22 5.39 3.90 -4.25
N ASN A 23 4.56 3.85 -5.29
CA ASN A 23 4.29 5.04 -6.11
C ASN A 23 2.99 4.86 -6.90
N SER A 24 2.68 5.84 -7.73
CA SER A 24 1.46 5.80 -8.54
C SER A 24 1.48 4.62 -9.50
N TYR A 25 2.66 4.32 -10.04
CA TYR A 25 2.82 3.22 -10.98
C TYR A 25 2.26 1.92 -10.40
N SER A 26 2.81 1.51 -9.26
CA SER A 26 2.36 0.28 -8.60
C SER A 26 0.90 0.40 -8.17
N LEU A 27 0.53 1.58 -7.68
CA LEU A 27 -0.84 1.82 -7.23
C LEU A 27 -1.82 1.60 -8.38
N TYR A 28 -1.55 2.24 -9.52
CA TYR A 28 -2.42 2.10 -10.68
C TYR A 28 -2.53 0.65 -11.11
N CYS A 29 -1.44 -0.10 -10.94
CA CYS A 29 -1.41 -1.51 -11.31
C CYS A 29 -2.50 -2.28 -10.57
N ALA A 30 -2.58 -2.05 -9.26
CA ALA A 30 -3.59 -2.71 -8.44
C ALA A 30 -4.99 -2.21 -8.77
N GLU A 31 -5.07 -0.95 -9.17
CA GLU A 31 -6.35 -0.33 -9.52
C GLU A 31 -6.90 -0.94 -10.80
N LEU A 32 -6.05 -1.04 -11.82
CA LEU A 32 -6.45 -1.60 -13.10
C LEU A 32 -6.81 -3.08 -12.96
N MET A 33 -5.95 -3.84 -12.30
CA MET A 33 -6.19 -5.26 -12.08
C MET A 33 -7.52 -5.48 -11.38
N ALA A 34 -7.85 -4.59 -10.46
CA ALA A 34 -9.11 -4.67 -9.71
C ALA A 34 -10.30 -4.49 -10.65
N ASN A 35 -10.11 -3.69 -11.69
CA ASN A 35 -11.17 -3.43 -12.65
C ASN A 35 -11.15 -4.47 -13.77
N MET A 36 -9.95 -4.96 -14.09
CA MET A 36 -9.79 -5.96 -15.14
C MET A 36 -10.17 -7.34 -14.63
N LYS A 37 -11.42 -7.49 -14.20
CA LYS A 37 -11.90 -8.77 -13.69
C LYS A 37 -11.90 -9.83 -14.78
N ASP A 38 -12.13 -9.40 -16.02
CA ASP A 38 -12.16 -10.31 -17.16
C ASP A 38 -10.79 -10.35 -17.85
N VAL A 39 -9.74 -10.39 -17.05
CA VAL A 39 -8.38 -10.43 -17.58
C VAL A 39 -7.44 -11.17 -16.63
N PRO A 40 -6.62 -12.11 -17.15
CA PRO A 40 -5.69 -12.88 -16.33
C PRO A 40 -4.57 -12.01 -15.76
N SER A 41 -4.11 -12.37 -14.56
CA SER A 41 -3.04 -11.62 -13.89
C SER A 41 -1.90 -11.31 -14.84
N THR A 42 -1.70 -12.20 -15.82
CA THR A 42 -0.64 -12.02 -16.80
C THR A 42 -0.97 -10.89 -17.76
N GLU A 43 -2.25 -10.80 -18.14
CA GLU A 43 -2.71 -9.75 -19.04
C GLU A 43 -2.90 -8.44 -18.29
N ARG A 44 -3.30 -8.54 -17.02
CA ARG A 44 -3.51 -7.37 -16.20
C ARG A 44 -2.20 -6.62 -15.98
N MET A 45 -1.21 -7.32 -15.44
CA MET A 45 0.10 -6.73 -15.19
C MET A 45 0.67 -6.10 -16.46
N VAL A 46 0.50 -6.79 -17.58
CA VAL A 46 1.00 -6.30 -18.86
C VAL A 46 0.20 -5.09 -19.32
N LEU A 47 -1.09 -5.08 -18.99
CA LEU A 47 -1.96 -3.97 -19.35
C LEU A 47 -1.62 -2.72 -18.57
N CYS A 48 -1.39 -2.88 -17.27
CA CYS A 48 -1.04 -1.76 -16.41
C CYS A 48 0.18 -1.01 -16.94
N SER A 49 1.06 -1.73 -17.64
CA SER A 49 2.25 -1.14 -18.21
C SER A 49 1.91 -0.27 -19.41
N GLN A 50 1.06 -0.80 -20.29
CA GLN A 50 0.64 -0.07 -21.48
C GLN A 50 -0.27 1.09 -21.12
N GLN A 51 -1.31 0.79 -20.34
CA GLN A 51 -2.26 1.81 -19.92
C GLN A 51 -1.56 2.97 -19.22
N TRP A 52 -0.47 2.66 -18.53
CA TRP A 52 0.30 3.66 -17.80
C TRP A 52 1.21 4.45 -18.76
N LYS A 53 1.62 3.78 -19.83
CA LYS A 53 2.50 4.41 -20.82
C LYS A 53 1.72 5.33 -21.75
N LEU A 54 0.42 5.08 -21.88
CA LEU A 54 -0.43 5.90 -22.75
C LEU A 54 -1.07 7.04 -21.96
N LEU A 55 -1.28 6.82 -20.66
CA LEU A 55 -1.88 7.84 -19.81
C LEU A 55 -1.11 9.14 -19.87
N SER A 56 -1.83 10.25 -19.90
CA SER A 56 -1.22 11.58 -19.96
C SER A 56 -0.80 12.05 -18.58
N GLN A 57 -0.15 13.21 -18.53
CA GLN A 57 0.31 13.77 -17.26
C GLN A 57 -0.86 14.05 -16.33
N LYS A 58 -1.92 14.64 -16.88
CA LYS A 58 -3.12 14.95 -16.10
C LYS A 58 -3.70 13.69 -15.47
N GLU A 59 -3.55 12.57 -16.16
CA GLU A 59 -4.07 11.29 -15.67
C GLU A 59 -3.14 10.71 -14.61
N LYS A 60 -1.84 10.69 -14.91
CA LYS A 60 -0.86 10.15 -13.98
C LYS A 60 -0.85 10.95 -12.68
N ASP A 61 -1.17 12.24 -12.79
CA ASP A 61 -1.21 13.11 -11.62
C ASP A 61 -2.32 12.69 -10.66
N ALA A 62 -3.45 12.27 -11.21
CA ALA A 62 -4.58 11.85 -10.40
C ALA A 62 -4.20 10.67 -9.52
N TYR A 63 -3.50 9.70 -10.10
CA TYR A 63 -3.06 8.52 -9.36
C TYR A 63 -1.98 8.87 -8.34
N HIS A 64 -1.18 9.88 -8.68
CA HIS A 64 -0.10 10.34 -7.80
C HIS A 64 -0.68 10.85 -6.48
N LYS A 65 -1.79 11.57 -6.57
CA LYS A 65 -2.44 12.12 -5.38
C LYS A 65 -2.99 11.01 -4.50
N LYS A 66 -3.40 9.91 -5.14
CA LYS A 66 -3.95 8.77 -4.42
C LYS A 66 -2.85 8.06 -3.63
N CYS A 67 -1.70 7.87 -4.25
CA CYS A 67 -0.57 7.22 -3.60
C CYS A 67 -0.14 7.99 -2.38
N ASP A 68 0.07 9.30 -2.55
CA ASP A 68 0.48 10.17 -1.45
C ASP A 68 -0.61 10.22 -0.38
N GLN A 69 -1.86 10.18 -0.82
CA GLN A 69 -3.00 10.21 0.10
C GLN A 69 -2.97 8.99 1.01
N LYS A 70 -2.65 7.83 0.43
CA LYS A 70 -2.58 6.60 1.20
C LYS A 70 -1.50 6.68 2.26
N LYS A 71 -0.42 7.38 1.94
CA LYS A 71 0.69 7.55 2.87
C LYS A 71 0.26 8.39 4.07
N LYS A 72 -0.50 9.45 3.80
CA LYS A 72 -0.99 10.32 4.86
C LYS A 72 -1.87 9.55 5.84
N ASP A 73 -2.73 8.69 5.29
CA ASP A 73 -3.62 7.89 6.11
C ASP A 73 -2.82 6.84 6.88
N TYR A 74 -1.82 6.26 6.21
CA TYR A 74 -0.98 5.24 6.82
C TYR A 74 -0.26 5.81 8.04
N GLU A 75 0.29 7.01 7.89
CA GLU A 75 1.00 7.67 8.98
C GLU A 75 0.05 7.96 10.14
N VAL A 76 -1.13 8.47 9.81
CA VAL A 76 -2.13 8.78 10.83
C VAL A 76 -2.64 7.52 11.50
N GLU A 77 -3.11 6.57 10.69
CA GLU A 77 -3.62 5.30 11.20
C GLU A 77 -2.55 4.58 12.01
N LEU A 78 -1.30 4.78 11.63
CA LEU A 78 -0.18 4.15 12.32
C LEU A 78 0.12 4.86 13.63
N LEU A 79 -0.09 6.17 13.65
CA LEU A 79 0.14 6.98 14.85
C LEU A 79 -0.94 6.69 15.90
N ARG A 80 -2.20 6.81 15.50
CA ARG A 80 -3.31 6.56 16.41
C ARG A 80 -3.25 5.15 16.97
N PHE A 81 -2.76 4.22 16.14
CA PHE A 81 -2.64 2.83 16.56
C PHE A 81 -1.44 2.63 17.48
N LEU A 82 -0.32 3.26 17.11
CA LEU A 82 0.90 3.16 17.91
C LEU A 82 0.67 3.67 19.33
N GLU A 83 0.27 4.93 19.44
CA GLU A 83 0.01 5.53 20.74
C GLU A 83 -0.92 4.65 21.57
N SER A 84 -1.82 3.96 20.88
CA SER A 84 -2.77 3.08 21.55
C SER A 84 -2.04 1.93 22.25
N LEU A 85 -0.93 1.49 21.65
CA LEU A 85 -0.15 0.41 22.22
C LEU A 85 0.89 0.96 23.20
N PRO A 86 1.36 0.11 24.14
CA PRO A 86 2.35 0.53 25.15
C PRO A 86 3.69 0.88 24.52
N GLU A 87 4.62 1.36 25.34
CA GLU A 87 5.95 1.74 24.88
C GLU A 87 6.65 0.55 24.23
N GLU A 88 6.57 -0.61 24.88
CA GLU A 88 7.21 -1.82 24.37
C GLU A 88 6.69 -2.14 22.97
N GLU A 89 5.37 -2.17 22.83
CA GLU A 89 4.74 -2.46 21.54
C GLU A 89 5.10 -1.39 20.52
N GLN A 90 4.96 -0.12 20.92
CA GLN A 90 5.27 1.00 20.04
C GLN A 90 6.72 0.93 19.57
N GLN A 91 7.59 0.47 20.46
CA GLN A 91 9.01 0.36 20.14
C GLN A 91 9.25 -0.69 19.05
N ARG A 92 8.45 -1.74 19.07
CA ARG A 92 8.57 -2.81 18.07
C ARG A 92 8.19 -2.30 16.68
N VAL A 93 7.01 -1.68 16.58
CA VAL A 93 6.54 -1.16 15.31
C VAL A 93 7.38 0.04 14.87
N LEU A 94 7.61 0.97 15.80
CA LEU A 94 8.39 2.16 15.50
C LEU A 94 9.85 1.79 15.23
N GLY A 95 10.34 0.78 15.93
CA GLY A 95 11.71 0.35 15.75
C GLY A 95 11.89 -0.56 14.55
N GLU A 96 10.79 -0.83 13.84
CA GLU A 96 10.84 -1.70 12.67
C GLU A 96 10.39 -0.95 11.41
N GLU A 97 9.40 -0.09 11.56
CA GLU A 97 8.87 0.67 10.45
C GLU A 97 9.52 2.06 10.38
N LYS A 98 9.34 2.84 11.43
CA LYS A 98 9.91 4.19 11.48
C LYS A 98 11.42 4.16 11.26
N MET A 99 12.04 3.05 11.59
CA MET A 99 13.49 2.90 11.41
C MET A 99 13.85 2.82 9.94
N LEU A 100 12.94 2.28 9.14
CA LEU A 100 13.17 2.15 7.70
C LEU A 100 12.95 3.48 6.98
N ASN A 101 13.89 4.40 7.19
CA ASN A 101 13.81 5.72 6.56
C ASN A 101 14.68 5.78 5.31
N ILE A 102 14.83 4.64 4.64
CA ILE A 102 15.64 4.56 3.44
C ILE A 102 14.86 3.95 2.29
N SER A 103 15.07 4.46 1.08
CA SER A 103 14.38 3.96 -0.10
C SER A 103 15.26 4.10 -1.34
N GLY A 104 15.86 2.99 -1.76
CA GLY A 104 16.71 3.01 -2.93
C GLY A 104 17.96 2.18 -2.76
N PRO A 105 17.82 0.84 -2.67
CA PRO A 105 18.96 -0.07 -2.50
C PRO A 105 19.83 -0.14 -3.75
N SER A 106 19.22 0.09 -4.91
CA SER A 106 19.95 0.05 -6.17
C SER A 106 19.31 0.98 -7.19
N SER A 107 20.14 1.67 -7.96
CA SER A 107 19.65 2.60 -8.98
C SER A 107 19.66 1.95 -10.35
N GLY A 108 19.38 0.64 -10.39
CA GLY A 108 19.36 -0.08 -11.65
C GLY A 108 18.24 -1.10 -11.72
N GLY A 1 -13.32 -25.61 5.56
CA GLY A 1 -13.72 -24.18 5.51
C GLY A 1 -12.55 -23.25 5.30
N SER A 2 -12.63 -22.39 4.29
CA SER A 2 -11.56 -21.45 3.99
C SER A 2 -11.58 -20.28 4.97
N SER A 3 -10.81 -20.40 6.05
CA SER A 3 -10.73 -19.35 7.06
C SER A 3 -9.40 -18.63 6.98
N GLY A 4 -8.90 -18.44 5.76
CA GLY A 4 -7.63 -17.76 5.59
C GLY A 4 -7.66 -16.33 6.12
N SER A 5 -7.61 -15.37 5.22
CA SER A 5 -7.62 -13.96 5.60
C SER A 5 -8.98 -13.56 6.17
N SER A 6 -9.10 -12.31 6.59
CA SER A 6 -10.36 -11.82 7.15
C SER A 6 -11.22 -11.15 6.08
N GLY A 7 -10.77 -10.00 5.60
CA GLY A 7 -11.52 -9.28 4.58
C GLY A 7 -12.10 -7.97 5.08
N GLN A 8 -11.26 -6.93 5.11
CA GLN A 8 -11.70 -5.62 5.57
C GLN A 8 -10.96 -4.51 4.82
N LEU A 9 -11.38 -3.27 5.04
CA LEU A 9 -10.77 -2.12 4.39
C LEU A 9 -10.27 -1.11 5.42
N LYS A 10 -9.97 -1.60 6.63
CA LYS A 10 -9.49 -0.73 7.69
C LYS A 10 -8.06 -1.12 8.10
N ASP A 11 -7.75 -2.40 7.99
CA ASP A 11 -6.43 -2.89 8.35
C ASP A 11 -6.13 -2.65 9.83
N LYS A 12 -7.09 -2.98 10.68
CA LYS A 12 -6.94 -2.80 12.12
C LYS A 12 -6.80 -4.13 12.83
N PHE A 13 -6.23 -5.12 12.14
CA PHE A 13 -6.04 -6.45 12.71
C PHE A 13 -4.76 -7.09 12.18
N ASP A 14 -3.77 -6.26 11.89
CA ASP A 14 -2.49 -6.75 11.37
C ASP A 14 -1.31 -6.09 12.09
N GLY A 15 -1.60 -5.36 13.17
CA GLY A 15 -0.55 -4.69 13.90
C GLY A 15 -0.18 -3.34 13.34
N ARG A 16 -0.73 -3.02 12.16
CA ARG A 16 -0.46 -1.74 11.52
C ARG A 16 -1.65 -1.27 10.68
N PRO A 17 -1.75 0.04 10.42
CA PRO A 17 -2.85 0.61 9.63
C PRO A 17 -2.79 0.18 8.17
N THR A 18 -3.67 0.76 7.36
CA THR A 18 -3.72 0.44 5.93
C THR A 18 -2.39 0.73 5.25
N LYS A 19 -1.67 -0.33 4.91
CA LYS A 19 -0.37 -0.20 4.25
C LYS A 19 -0.52 0.43 2.87
N PRO A 20 0.06 1.62 2.66
CA PRO A 20 -0.01 2.32 1.36
C PRO A 20 0.95 1.73 0.33
N PRO A 21 0.70 1.99 -0.96
CA PRO A 21 1.55 1.49 -2.04
C PRO A 21 2.85 2.26 -2.16
N PRO A 22 3.82 1.74 -2.94
CA PRO A 22 5.12 2.39 -3.12
C PRO A 22 5.02 3.66 -3.96
N ASN A 23 4.22 3.61 -5.02
CA ASN A 23 4.04 4.76 -5.90
C ASN A 23 2.78 4.59 -6.75
N SER A 24 2.60 5.49 -7.71
CA SER A 24 1.44 5.45 -8.60
C SER A 24 1.55 4.28 -9.58
N TYR A 25 2.76 3.98 -10.02
CA TYR A 25 2.99 2.90 -10.95
C TYR A 25 2.47 1.57 -10.38
N SER A 26 2.83 1.30 -9.14
CA SER A 26 2.41 0.07 -8.47
C SER A 26 0.93 0.14 -8.11
N LEU A 27 0.48 1.31 -7.69
CA LEU A 27 -0.91 1.51 -7.31
C LEU A 27 -1.83 1.35 -8.52
N TYR A 28 -1.46 1.97 -9.63
CA TYR A 28 -2.24 1.90 -10.85
C TYR A 28 -2.36 0.45 -11.33
N CYS A 29 -1.27 -0.29 -11.21
CA CYS A 29 -1.24 -1.69 -11.63
C CYS A 29 -2.32 -2.49 -10.89
N ALA A 30 -2.36 -2.32 -9.57
CA ALA A 30 -3.34 -3.02 -8.75
C ALA A 30 -4.74 -2.48 -8.99
N GLU A 31 -4.83 -1.21 -9.33
CA GLU A 31 -6.11 -0.57 -9.59
C GLU A 31 -6.72 -1.09 -10.90
N LEU A 32 -5.88 -1.18 -11.93
CA LEU A 32 -6.34 -1.67 -13.22
C LEU A 32 -6.73 -3.14 -13.16
N MET A 33 -5.85 -3.95 -12.59
CA MET A 33 -6.11 -5.39 -12.45
C MET A 33 -7.42 -5.63 -11.71
N ALA A 34 -7.69 -4.80 -10.71
CA ALA A 34 -8.91 -4.91 -9.93
C ALA A 34 -10.13 -4.65 -10.81
N ASN A 35 -9.96 -3.80 -11.80
CA ASN A 35 -11.05 -3.46 -12.72
C ASN A 35 -11.08 -4.44 -13.89
N MET A 36 -9.90 -4.90 -14.31
CA MET A 36 -9.79 -5.82 -15.42
C MET A 36 -10.21 -7.24 -14.99
N LYS A 37 -11.46 -7.38 -14.58
CA LYS A 37 -11.98 -8.66 -14.14
C LYS A 37 -12.00 -9.66 -15.28
N ASP A 38 -12.25 -9.17 -16.50
CA ASP A 38 -12.30 -10.03 -17.67
C ASP A 38 -10.95 -10.04 -18.39
N VAL A 39 -9.87 -10.15 -17.60
CA VAL A 39 -8.53 -10.18 -18.16
C VAL A 39 -7.59 -11.02 -17.27
N PRO A 40 -6.79 -11.90 -17.88
CA PRO A 40 -5.86 -12.75 -17.13
C PRO A 40 -4.71 -11.94 -16.54
N SER A 41 -4.23 -12.38 -15.37
CA SER A 41 -3.14 -11.70 -14.68
C SER A 41 -1.99 -11.36 -15.65
N THR A 42 -1.85 -12.18 -16.69
CA THR A 42 -0.81 -11.96 -17.69
C THR A 42 -1.16 -10.77 -18.56
N GLU A 43 -2.43 -10.64 -18.90
CA GLU A 43 -2.89 -9.52 -19.73
C GLU A 43 -3.04 -8.26 -18.89
N ARG A 44 -3.42 -8.44 -17.63
CA ARG A 44 -3.59 -7.31 -16.72
C ARG A 44 -2.26 -6.60 -16.51
N MET A 45 -1.26 -7.34 -16.04
CA MET A 45 0.06 -6.79 -15.79
C MET A 45 0.60 -6.10 -17.04
N VAL A 46 0.40 -6.71 -18.19
CA VAL A 46 0.86 -6.15 -19.46
C VAL A 46 0.09 -4.88 -19.79
N LEU A 47 -1.21 -4.88 -19.50
CA LEU A 47 -2.06 -3.72 -19.77
C LEU A 47 -1.64 -2.54 -18.90
N CYS A 48 -1.40 -2.80 -17.62
CA CYS A 48 -1.01 -1.75 -16.68
C CYS A 48 0.20 -0.97 -17.20
N SER A 49 1.03 -1.65 -18.00
CA SER A 49 2.22 -1.02 -18.56
C SER A 49 1.85 -0.11 -19.74
N GLN A 50 0.98 -0.61 -20.62
CA GLN A 50 0.55 0.16 -21.77
C GLN A 50 -0.37 1.31 -21.36
N GLN A 51 -1.39 0.99 -20.57
CA GLN A 51 -2.33 1.99 -20.10
C GLN A 51 -1.61 3.11 -19.36
N TRP A 52 -0.50 2.77 -18.72
CA TRP A 52 0.28 3.75 -17.97
C TRP A 52 1.20 4.55 -18.91
N LYS A 53 1.59 3.93 -20.01
CA LYS A 53 2.45 4.58 -20.98
C LYS A 53 1.67 5.55 -21.87
N LEU A 54 0.38 5.27 -22.04
CA LEU A 54 -0.48 6.12 -22.87
C LEU A 54 -1.10 7.24 -22.04
N LEU A 55 -1.30 6.97 -20.75
CA LEU A 55 -1.90 7.97 -19.85
C LEU A 55 -1.08 9.25 -19.85
N SER A 56 -1.77 10.39 -19.83
CA SER A 56 -1.10 11.68 -19.83
C SER A 56 -0.68 12.07 -18.41
N GLN A 57 -0.04 13.23 -18.29
CA GLN A 57 0.43 13.72 -16.99
C GLN A 57 -0.75 13.95 -16.05
N LYS A 58 -1.77 14.63 -16.55
CA LYS A 58 -2.96 14.92 -15.76
C LYS A 58 -3.58 13.64 -15.21
N GLU A 59 -3.53 12.58 -16.01
CA GLU A 59 -4.09 11.29 -15.61
C GLU A 59 -3.21 10.64 -14.55
N LYS A 60 -1.91 10.55 -14.84
CA LYS A 60 -0.96 9.94 -13.90
C LYS A 60 -0.96 10.69 -12.57
N ASP A 61 -1.17 12.00 -12.64
CA ASP A 61 -1.18 12.84 -11.44
C ASP A 61 -2.33 12.42 -10.52
N ALA A 62 -3.44 11.99 -11.11
CA ALA A 62 -4.60 11.57 -10.34
C ALA A 62 -4.25 10.39 -9.43
N TYR A 63 -3.59 9.39 -10.01
CA TYR A 63 -3.19 8.20 -9.25
C TYR A 63 -2.12 8.55 -8.24
N HIS A 64 -1.27 9.51 -8.58
CA HIS A 64 -0.20 9.93 -7.68
C HIS A 64 -0.76 10.47 -6.37
N LYS A 65 -1.94 11.09 -6.45
CA LYS A 65 -2.59 11.65 -5.27
C LYS A 65 -3.09 10.53 -4.36
N LYS A 66 -3.59 9.46 -4.96
CA LYS A 66 -4.11 8.32 -4.21
C LYS A 66 -3.00 7.70 -3.37
N CYS A 67 -1.83 7.53 -3.98
CA CYS A 67 -0.69 6.95 -3.29
C CYS A 67 -0.28 7.82 -2.10
N ASP A 68 -0.12 9.11 -2.36
CA ASP A 68 0.26 10.06 -1.32
C ASP A 68 -0.82 10.12 -0.25
N GLN A 69 -2.07 9.97 -0.67
CA GLN A 69 -3.19 9.99 0.26
C GLN A 69 -3.14 8.81 1.21
N LYS A 70 -2.84 7.64 0.65
CA LYS A 70 -2.75 6.42 1.46
C LYS A 70 -1.65 6.54 2.49
N LYS A 71 -0.56 7.21 2.12
CA LYS A 71 0.56 7.42 3.03
C LYS A 71 0.17 8.33 4.18
N LYS A 72 -0.59 9.38 3.85
CA LYS A 72 -1.04 10.33 4.85
C LYS A 72 -1.91 9.64 5.89
N ASP A 73 -2.78 8.75 5.42
CA ASP A 73 -3.67 8.00 6.31
C ASP A 73 -2.87 6.99 7.12
N TYR A 74 -1.90 6.35 6.48
CA TYR A 74 -1.06 5.37 7.15
C TYR A 74 -0.31 6.00 8.31
N GLU A 75 0.25 7.19 8.07
CA GLU A 75 0.99 7.91 9.10
C GLU A 75 0.08 8.26 10.28
N VAL A 76 -1.10 8.80 9.97
CA VAL A 76 -2.06 9.17 11.00
C VAL A 76 -2.58 7.94 11.72
N GLU A 77 -3.06 6.96 10.95
CA GLU A 77 -3.59 5.73 11.51
C GLU A 77 -2.52 4.99 12.30
N LEU A 78 -1.27 5.16 11.88
CA LEU A 78 -0.14 4.51 12.55
C LEU A 78 0.21 5.25 13.84
N LEU A 79 0.09 6.57 13.81
CA LEU A 79 0.40 7.39 14.98
C LEU A 79 -0.66 7.18 16.07
N ARG A 80 -1.92 7.32 15.70
CA ARG A 80 -3.02 7.15 16.64
C ARG A 80 -2.99 5.75 17.24
N PHE A 81 -2.57 4.78 16.45
CA PHE A 81 -2.49 3.40 16.89
C PHE A 81 -1.28 3.19 17.80
N LEU A 82 -0.13 3.70 17.37
CA LEU A 82 1.09 3.58 18.14
C LEU A 82 0.92 4.14 19.55
N GLU A 83 0.61 5.42 19.64
CA GLU A 83 0.40 6.08 20.93
C GLU A 83 -0.56 5.28 21.79
N SER A 84 -1.52 4.63 21.13
CA SER A 84 -2.51 3.84 21.84
C SER A 84 -1.84 2.67 22.56
N LEU A 85 -0.79 2.12 21.95
CA LEU A 85 -0.06 1.01 22.54
C LEU A 85 1.02 1.51 23.50
N PRO A 86 1.44 0.67 24.45
CA PRO A 86 2.47 1.05 25.43
C PRO A 86 3.83 1.30 24.78
N GLU A 87 4.79 1.73 25.59
CA GLU A 87 6.13 2.01 25.09
C GLU A 87 6.75 0.76 24.46
N GLU A 88 6.63 -0.37 25.15
CA GLU A 88 7.17 -1.63 24.66
C GLU A 88 6.60 -1.95 23.27
N GLU A 89 5.29 -1.90 23.16
CA GLU A 89 4.61 -2.19 21.90
C GLU A 89 5.01 -1.16 20.83
N GLN A 90 4.97 0.11 21.20
CA GLN A 90 5.32 1.18 20.29
C GLN A 90 6.76 1.01 19.79
N GLN A 91 7.61 0.47 20.65
CA GLN A 91 9.02 0.25 20.30
C GLN A 91 9.14 -0.83 19.23
N ARG A 92 8.25 -1.81 19.27
CA ARG A 92 8.27 -2.91 18.30
C ARG A 92 7.95 -2.40 16.91
N VAL A 93 6.86 -1.63 16.79
CA VAL A 93 6.45 -1.08 15.51
C VAL A 93 7.41 0.02 15.05
N LEU A 94 7.70 0.96 15.96
CA LEU A 94 8.60 2.06 15.65
C LEU A 94 10.01 1.55 15.38
N GLY A 95 10.37 0.45 16.03
CA GLY A 95 11.69 -0.13 15.84
C GLY A 95 11.77 -1.03 14.63
N GLU A 96 10.65 -1.18 13.91
CA GLU A 96 10.60 -2.04 12.74
C GLU A 96 10.23 -1.24 11.50
N GLU A 97 9.26 -0.33 11.65
CA GLU A 97 8.81 0.50 10.54
C GLU A 97 9.59 1.82 10.50
N LYS A 98 9.59 2.53 11.62
CA LYS A 98 10.30 3.80 11.70
C LYS A 98 11.78 3.63 11.39
N MET A 99 12.31 2.44 11.64
CA MET A 99 13.71 2.15 11.39
C MET A 99 13.98 2.05 9.88
N LEU A 100 12.98 1.61 9.14
CA LEU A 100 13.11 1.47 7.69
C LEU A 100 12.64 2.73 6.98
N ASN A 101 13.51 3.72 6.89
CA ASN A 101 13.19 4.98 6.23
C ASN A 101 13.43 4.88 4.72
N ILE A 102 14.23 3.91 4.30
CA ILE A 102 14.53 3.71 2.89
C ILE A 102 14.35 2.26 2.50
N SER A 103 13.24 1.66 2.92
CA SER A 103 12.96 0.26 2.61
C SER A 103 14.05 -0.66 3.15
N GLY A 104 13.71 -1.93 3.32
CA GLY A 104 14.66 -2.89 3.83
C GLY A 104 15.36 -3.67 2.72
N PRO A 105 16.53 -4.27 3.01
CA PRO A 105 17.28 -5.05 2.02
C PRO A 105 16.44 -6.16 1.39
N SER A 106 15.38 -6.57 2.09
CA SER A 106 14.51 -7.62 1.59
C SER A 106 14.00 -7.30 0.19
N SER A 107 13.91 -8.33 -0.64
CA SER A 107 13.45 -8.16 -2.01
C SER A 107 12.71 -9.40 -2.50
N GLY A 108 12.01 -10.05 -1.59
CA GLY A 108 11.27 -11.26 -1.94
C GLY A 108 9.80 -10.98 -2.21
N GLY A 1 -24.39 -15.32 19.97
CA GLY A 1 -24.17 -16.53 19.13
C GLY A 1 -22.75 -16.63 18.61
N SER A 2 -22.40 -17.79 18.07
CA SER A 2 -21.06 -17.99 17.53
C SER A 2 -21.04 -17.82 16.02
N SER A 3 -20.80 -16.60 15.57
CA SER A 3 -20.75 -16.31 14.14
C SER A 3 -19.32 -16.14 13.66
N GLY A 4 -19.12 -16.27 12.35
CA GLY A 4 -17.79 -16.13 11.79
C GLY A 4 -17.54 -17.10 10.65
N SER A 5 -16.40 -17.78 10.69
CA SER A 5 -16.04 -18.74 9.65
C SER A 5 -15.95 -18.06 8.29
N SER A 6 -15.56 -16.79 8.29
CA SER A 6 -15.44 -16.03 7.05
C SER A 6 -14.67 -14.74 7.29
N GLY A 7 -13.34 -14.85 7.38
CA GLY A 7 -12.51 -13.69 7.61
C GLY A 7 -11.61 -13.39 6.42
N GLN A 8 -10.77 -12.38 6.57
CA GLN A 8 -9.84 -11.99 5.50
C GLN A 8 -8.63 -12.91 5.47
N LEU A 9 -8.14 -13.27 6.65
CA LEU A 9 -6.98 -14.15 6.77
C LEU A 9 -5.76 -13.53 6.08
N LYS A 10 -5.75 -12.20 5.98
CA LYS A 10 -4.65 -11.49 5.34
C LYS A 10 -3.89 -10.64 6.36
N ASP A 11 -4.59 -10.20 7.40
CA ASP A 11 -3.97 -9.38 8.45
C ASP A 11 -3.50 -8.05 7.88
N LYS A 12 -4.28 -7.49 6.95
CA LYS A 12 -3.94 -6.22 6.33
C LYS A 12 -4.30 -5.06 7.25
N PHE A 13 -5.43 -5.18 7.94
CA PHE A 13 -5.88 -4.14 8.86
C PHE A 13 -6.07 -4.70 10.27
N ASP A 14 -4.96 -5.00 10.93
CA ASP A 14 -5.01 -5.54 12.29
C ASP A 14 -3.90 -4.94 13.15
N GLY A 15 -2.67 -5.35 12.88
CA GLY A 15 -1.54 -4.84 13.64
C GLY A 15 -1.05 -3.50 13.12
N ARG A 16 -1.26 -3.26 11.82
CA ARG A 16 -0.83 -2.02 11.20
C ARG A 16 -1.97 -1.41 10.38
N PRO A 17 -1.93 -0.08 10.18
CA PRO A 17 -2.96 0.62 9.40
C PRO A 17 -2.92 0.25 7.92
N THR A 18 -3.71 0.95 7.11
CA THR A 18 -3.76 0.70 5.68
C THR A 18 -2.39 0.89 5.03
N LYS A 19 -1.74 -0.23 4.71
CA LYS A 19 -0.42 -0.18 4.08
C LYS A 19 -0.50 0.44 2.69
N PRO A 20 0.09 1.64 2.51
CA PRO A 20 0.08 2.34 1.22
C PRO A 20 1.08 1.74 0.22
N PRO A 21 0.81 1.90 -1.08
CA PRO A 21 1.70 1.38 -2.14
C PRO A 21 2.99 2.19 -2.26
N PRO A 22 3.95 1.68 -3.05
CA PRO A 22 5.23 2.36 -3.26
C PRO A 22 5.08 3.66 -4.04
N ASN A 23 4.30 3.63 -5.11
CA ASN A 23 4.07 4.81 -5.93
C ASN A 23 2.79 4.65 -6.75
N SER A 24 2.51 5.64 -7.58
CA SER A 24 1.31 5.62 -8.41
C SER A 24 1.35 4.48 -9.43
N TYR A 25 2.56 4.11 -9.85
CA TYR A 25 2.74 3.04 -10.81
C TYR A 25 2.10 1.75 -10.31
N SER A 26 2.53 1.28 -9.14
CA SER A 26 1.98 0.06 -8.55
C SER A 26 0.52 0.24 -8.18
N LEU A 27 0.18 1.43 -7.71
CA LEU A 27 -1.19 1.74 -7.32
C LEU A 27 -2.14 1.54 -8.50
N TYR A 28 -1.80 2.14 -9.63
CA TYR A 28 -2.62 2.03 -10.83
C TYR A 28 -2.68 0.59 -11.31
N CYS A 29 -1.60 -0.15 -11.09
CA CYS A 29 -1.54 -1.56 -11.48
C CYS A 29 -2.67 -2.35 -10.85
N ALA A 30 -2.86 -2.16 -9.54
CA ALA A 30 -3.92 -2.85 -8.82
C ALA A 30 -5.29 -2.32 -9.21
N GLU A 31 -5.34 -1.04 -9.56
CA GLU A 31 -6.60 -0.40 -9.95
C GLU A 31 -7.07 -0.94 -11.29
N LEU A 32 -6.14 -1.08 -12.23
CA LEU A 32 -6.46 -1.59 -13.56
C LEU A 32 -6.86 -3.06 -13.49
N MET A 33 -6.04 -3.85 -12.78
CA MET A 33 -6.30 -5.28 -12.64
C MET A 33 -7.70 -5.51 -12.05
N ALA A 34 -8.09 -4.65 -11.13
CA ALA A 34 -9.41 -4.75 -10.49
C ALA A 34 -10.52 -4.54 -11.52
N ASN A 35 -10.24 -3.71 -12.51
CA ASN A 35 -11.21 -3.42 -13.57
C ASN A 35 -11.10 -4.46 -14.68
N MET A 36 -9.89 -4.95 -14.91
CA MET A 36 -9.66 -5.95 -15.96
C MET A 36 -10.10 -7.33 -15.49
N LYS A 37 -11.38 -7.46 -15.18
CA LYS A 37 -11.93 -8.74 -14.72
C LYS A 37 -11.82 -9.79 -15.80
N ASP A 38 -11.95 -9.37 -17.06
CA ASP A 38 -11.87 -10.30 -18.18
C ASP A 38 -10.45 -10.33 -18.75
N VAL A 39 -9.47 -10.38 -17.87
CA VAL A 39 -8.07 -10.41 -18.28
C VAL A 39 -7.21 -11.16 -17.26
N PRO A 40 -6.35 -12.09 -17.73
CA PRO A 40 -5.48 -12.87 -16.85
C PRO A 40 -4.40 -12.02 -16.20
N SER A 41 -4.03 -12.37 -14.97
CA SER A 41 -3.01 -11.63 -14.22
C SER A 41 -1.80 -11.34 -15.10
N THR A 42 -1.54 -12.20 -16.07
CA THR A 42 -0.41 -12.03 -16.97
C THR A 42 -0.68 -10.89 -17.94
N GLU A 43 -1.92 -10.80 -18.41
CA GLU A 43 -2.31 -9.75 -19.33
C GLU A 43 -2.55 -8.44 -18.58
N ARG A 44 -3.06 -8.56 -17.36
CA ARG A 44 -3.33 -7.38 -16.53
C ARG A 44 -2.05 -6.64 -16.22
N MET A 45 -1.09 -7.36 -15.62
CA MET A 45 0.19 -6.78 -15.27
C MET A 45 0.85 -6.12 -16.48
N VAL A 46 0.76 -6.78 -17.62
CA VAL A 46 1.34 -6.24 -18.86
C VAL A 46 0.54 -5.04 -19.35
N LEU A 47 -0.77 -5.08 -19.14
CA LEU A 47 -1.64 -4.00 -19.56
C LEU A 47 -1.36 -2.73 -18.75
N CYS A 48 -1.21 -2.90 -17.44
CA CYS A 48 -0.94 -1.77 -16.55
C CYS A 48 0.28 -0.99 -17.02
N SER A 49 1.20 -1.67 -17.68
CA SER A 49 2.41 -1.04 -18.19
C SER A 49 2.10 -0.19 -19.40
N GLN A 50 1.23 -0.70 -20.27
CA GLN A 50 0.83 0.02 -21.48
C GLN A 50 -0.09 1.19 -21.13
N GLN A 51 -1.12 0.91 -20.34
CA GLN A 51 -2.07 1.93 -19.94
C GLN A 51 -1.37 3.08 -19.22
N TRP A 52 -0.32 2.75 -18.48
CA TRP A 52 0.44 3.74 -17.74
C TRP A 52 1.36 4.53 -18.68
N LYS A 53 1.76 3.88 -19.77
CA LYS A 53 2.66 4.52 -20.74
C LYS A 53 1.89 5.46 -21.66
N LEU A 54 0.60 5.20 -21.83
CA LEU A 54 -0.23 6.03 -22.69
C LEU A 54 -0.92 7.14 -21.90
N LEU A 55 -1.12 6.91 -20.61
CA LEU A 55 -1.77 7.89 -19.75
C LEU A 55 -0.99 9.21 -19.75
N SER A 56 -1.72 10.33 -19.74
CA SER A 56 -1.10 11.64 -19.74
C SER A 56 -0.73 12.08 -18.33
N GLN A 57 -0.14 13.27 -18.22
CA GLN A 57 0.27 13.79 -16.92
C GLN A 57 -0.94 14.04 -16.02
N LYS A 58 -1.97 14.67 -16.58
CA LYS A 58 -3.19 14.96 -15.83
C LYS A 58 -3.83 13.68 -15.33
N GLU A 59 -3.65 12.60 -16.08
CA GLU A 59 -4.22 11.31 -15.70
C GLU A 59 -3.39 10.65 -14.61
N LYS A 60 -2.08 10.64 -14.80
CA LYS A 60 -1.16 10.03 -13.84
C LYS A 60 -1.22 10.79 -12.51
N ASP A 61 -1.44 12.10 -12.60
CA ASP A 61 -1.51 12.94 -11.41
C ASP A 61 -2.65 12.51 -10.50
N ALA A 62 -3.76 12.07 -11.12
CA ALA A 62 -4.92 11.62 -10.37
C ALA A 62 -4.56 10.46 -9.45
N TYR A 63 -3.68 9.59 -9.93
CA TYR A 63 -3.24 8.43 -9.15
C TYR A 63 -2.14 8.82 -8.18
N HIS A 64 -1.34 9.81 -8.56
CA HIS A 64 -0.25 10.28 -7.71
C HIS A 64 -0.78 10.76 -6.37
N LYS A 65 -1.96 11.38 -6.39
CA LYS A 65 -2.57 11.88 -5.18
C LYS A 65 -3.11 10.74 -4.31
N LYS A 66 -3.63 9.71 -4.98
CA LYS A 66 -4.16 8.55 -4.29
C LYS A 66 -3.07 7.85 -3.48
N CYS A 67 -1.92 7.66 -4.12
CA CYS A 67 -0.78 7.00 -3.46
C CYS A 67 -0.34 7.81 -2.26
N ASP A 68 -0.14 9.11 -2.45
CA ASP A 68 0.29 9.99 -1.37
C ASP A 68 -0.77 10.05 -0.29
N GLN A 69 -2.04 10.02 -0.71
CA GLN A 69 -3.15 10.06 0.23
C GLN A 69 -3.13 8.85 1.14
N LYS A 70 -2.86 7.68 0.56
CA LYS A 70 -2.80 6.45 1.33
C LYS A 70 -1.70 6.53 2.38
N LYS A 71 -0.60 7.21 2.03
CA LYS A 71 0.52 7.37 2.95
C LYS A 71 0.16 8.34 4.06
N LYS A 72 -0.58 9.38 3.71
CA LYS A 72 -1.01 10.38 4.69
C LYS A 72 -1.85 9.74 5.78
N ASP A 73 -2.72 8.83 5.37
CA ASP A 73 -3.59 8.12 6.31
C ASP A 73 -2.80 7.05 7.06
N TYR A 74 -1.86 6.44 6.38
CA TYR A 74 -1.02 5.40 6.98
C TYR A 74 -0.24 5.98 8.15
N GLU A 75 0.31 7.17 7.97
CA GLU A 75 1.08 7.83 9.02
C GLU A 75 0.18 8.17 10.20
N VAL A 76 -0.98 8.76 9.90
CA VAL A 76 -1.93 9.14 10.95
C VAL A 76 -2.46 7.89 11.66
N GLU A 77 -2.97 6.95 10.87
CA GLU A 77 -3.51 5.71 11.43
C GLU A 77 -2.44 4.95 12.20
N LEU A 78 -1.19 5.09 11.75
CA LEU A 78 -0.06 4.42 12.40
C LEU A 78 0.31 5.15 13.68
N LEU A 79 0.16 6.46 13.68
CA LEU A 79 0.48 7.28 14.85
C LEU A 79 -0.57 7.09 15.94
N ARG A 80 -1.83 7.30 15.60
CA ARG A 80 -2.92 7.15 16.55
C ARG A 80 -2.92 5.76 17.16
N PHE A 81 -2.48 4.77 16.37
CA PHE A 81 -2.42 3.40 16.83
C PHE A 81 -1.20 3.18 17.72
N LEU A 82 -0.06 3.66 17.26
CA LEU A 82 1.19 3.53 18.01
C LEU A 82 1.05 4.14 19.40
N GLU A 83 0.74 5.44 19.44
CA GLU A 83 0.58 6.15 20.71
C GLU A 83 -0.39 5.40 21.62
N SER A 84 -1.36 4.73 21.01
CA SER A 84 -2.35 3.97 21.76
C SER A 84 -1.68 2.85 22.53
N LEU A 85 -0.60 2.30 21.96
CA LEU A 85 0.13 1.22 22.59
C LEU A 85 1.25 1.79 23.48
N PRO A 86 1.70 1.02 24.49
CA PRO A 86 2.76 1.44 25.39
C PRO A 86 4.09 1.66 24.68
N GLU A 87 5.09 2.13 25.43
CA GLU A 87 6.40 2.38 24.86
C GLU A 87 7.00 1.10 24.28
N GLU A 88 6.91 0.02 25.06
CA GLU A 88 7.44 -1.27 24.64
C GLU A 88 6.83 -1.69 23.30
N GLU A 89 5.50 -1.66 23.24
CA GLU A 89 4.79 -2.02 22.02
C GLU A 89 5.16 -1.08 20.88
N GLN A 90 5.16 0.21 21.17
CA GLN A 90 5.51 1.23 20.18
C GLN A 90 6.92 1.01 19.65
N GLN A 91 7.79 0.48 20.51
CA GLN A 91 9.17 0.21 20.13
C GLN A 91 9.25 -0.92 19.11
N ARG A 92 8.38 -1.91 19.28
CA ARG A 92 8.35 -3.06 18.38
C ARG A 92 7.96 -2.63 16.97
N VAL A 93 6.86 -1.88 16.87
CA VAL A 93 6.38 -1.40 15.57
C VAL A 93 7.33 -0.36 14.99
N LEU A 94 7.69 0.62 15.80
CA LEU A 94 8.60 1.68 15.35
C LEU A 94 9.98 1.11 15.06
N GLY A 95 10.40 0.12 15.85
CA GLY A 95 11.70 -0.49 15.66
C GLY A 95 11.69 -1.56 14.58
N GLU A 96 10.53 -1.81 14.00
CA GLU A 96 10.40 -2.82 12.95
C GLU A 96 9.96 -2.19 11.63
N GLU A 97 9.14 -1.15 11.72
CA GLU A 97 8.63 -0.48 10.52
C GLU A 97 9.41 0.82 10.26
N LYS A 98 9.41 1.71 11.24
CA LYS A 98 10.11 2.98 11.12
C LYS A 98 11.60 2.78 10.86
N MET A 99 12.10 1.59 11.20
CA MET A 99 13.51 1.28 10.99
C MET A 99 13.78 0.88 9.54
N LEU A 100 12.91 0.03 9.00
CA LEU A 100 13.06 -0.43 7.62
C LEU A 100 12.72 0.68 6.63
N ASN A 101 11.49 1.19 6.72
CA ASN A 101 11.04 2.26 5.83
C ASN A 101 11.13 1.83 4.37
N ILE A 102 10.97 0.53 4.13
CA ILE A 102 11.04 -0.02 2.78
C ILE A 102 10.13 -1.24 2.64
N SER A 103 9.40 -1.29 1.53
CA SER A 103 8.49 -2.40 1.27
C SER A 103 8.22 -2.55 -0.22
N GLY A 104 8.24 -3.79 -0.71
CA GLY A 104 8.01 -4.04 -2.12
C GLY A 104 6.97 -5.13 -2.33
N PRO A 105 6.12 -4.99 -3.37
CA PRO A 105 5.08 -5.97 -3.67
C PRO A 105 5.66 -7.25 -4.28
N SER A 106 6.57 -7.09 -5.22
CA SER A 106 7.20 -8.23 -5.88
C SER A 106 8.68 -8.31 -5.54
N SER A 107 9.33 -7.15 -5.43
CA SER A 107 10.74 -7.09 -5.11
C SER A 107 10.96 -7.26 -3.61
N GLY A 108 10.02 -6.77 -2.82
CA GLY A 108 10.14 -6.88 -1.37
C GLY A 108 10.69 -5.62 -0.74
N GLY A 1 -16.00 -28.53 13.63
CA GLY A 1 -15.41 -27.21 13.98
C GLY A 1 -14.12 -27.33 14.76
N SER A 2 -13.17 -28.10 14.22
CA SER A 2 -11.89 -28.30 14.87
C SER A 2 -10.87 -27.27 14.40
N SER A 3 -10.44 -27.41 13.14
CA SER A 3 -9.47 -26.49 12.56
C SER A 3 -10.10 -25.14 12.26
N GLY A 4 -9.32 -24.08 12.40
CA GLY A 4 -9.82 -22.75 12.14
C GLY A 4 -9.40 -21.74 13.19
N SER A 5 -8.58 -20.77 12.79
CA SER A 5 -8.11 -19.74 13.71
C SER A 5 -9.25 -18.84 14.16
N SER A 6 -8.94 -17.91 15.06
CA SER A 6 -9.95 -16.98 15.57
C SER A 6 -9.86 -15.64 14.85
N GLY A 7 -8.65 -15.27 14.44
CA GLY A 7 -8.45 -14.01 13.75
C GLY A 7 -8.12 -14.20 12.29
N GLN A 8 -7.23 -13.36 11.77
CA GLN A 8 -6.83 -13.44 10.37
C GLN A 8 -5.40 -13.97 10.23
N LEU A 9 -5.10 -14.56 9.09
CA LEU A 9 -3.77 -15.10 8.84
C LEU A 9 -2.96 -14.19 7.93
N LYS A 10 -3.30 -12.91 7.92
CA LYS A 10 -2.60 -11.93 7.09
C LYS A 10 -1.69 -11.06 7.94
N ASP A 11 -2.17 -10.64 9.10
CA ASP A 11 -1.39 -9.79 10.00
C ASP A 11 -0.99 -8.50 9.31
N LYS A 12 -1.81 -8.05 8.37
CA LYS A 12 -1.55 -6.82 7.64
C LYS A 12 -2.62 -5.77 7.92
N PHE A 13 -3.86 -6.22 8.06
CA PHE A 13 -4.97 -5.33 8.34
C PHE A 13 -5.30 -5.30 9.83
N ASP A 14 -4.26 -5.40 10.65
CA ASP A 14 -4.43 -5.38 12.10
C ASP A 14 -3.31 -4.60 12.78
N GLY A 15 -2.09 -5.10 12.67
CA GLY A 15 -0.95 -4.44 13.27
C GLY A 15 -0.73 -3.06 12.70
N ARG A 16 -0.31 -3.01 11.43
CA ARG A 16 -0.05 -1.74 10.77
C ARG A 16 -1.29 -1.26 10.02
N PRO A 17 -1.47 0.07 9.91
CA PRO A 17 -2.63 0.65 9.20
C PRO A 17 -2.60 0.35 7.71
N THR A 18 -3.44 1.05 6.95
CA THR A 18 -3.51 0.86 5.51
C THR A 18 -2.16 1.09 4.85
N LYS A 19 -1.45 0.02 4.57
CA LYS A 19 -0.14 0.10 3.94
C LYS A 19 -0.24 0.75 2.55
N PRO A 20 0.37 1.92 2.37
CA PRO A 20 0.34 2.63 1.08
C PRO A 20 1.29 2.03 0.05
N PRO A 21 1.00 2.20 -1.25
CA PRO A 21 1.84 1.68 -2.33
C PRO A 21 3.13 2.47 -2.49
N PRO A 22 4.06 1.96 -3.32
CA PRO A 22 5.34 2.63 -3.57
C PRO A 22 5.18 3.94 -4.33
N ASN A 23 4.36 3.91 -5.38
CA ASN A 23 4.11 5.09 -6.19
C ASN A 23 2.78 4.97 -6.95
N SER A 24 2.53 5.90 -7.85
CA SER A 24 1.29 5.89 -8.63
C SER A 24 1.27 4.72 -9.60
N TYR A 25 2.44 4.35 -10.12
CA TYR A 25 2.55 3.24 -11.06
C TYR A 25 2.01 1.95 -10.45
N SER A 26 2.59 1.57 -9.31
CA SER A 26 2.17 0.36 -8.62
C SER A 26 0.71 0.44 -8.21
N LEU A 27 0.29 1.62 -7.75
CA LEU A 27 -1.09 1.84 -7.33
C LEU A 27 -2.05 1.58 -8.48
N TYR A 28 -1.79 2.23 -9.62
CA TYR A 28 -2.63 2.08 -10.79
C TYR A 28 -2.67 0.61 -11.24
N CYS A 29 -1.56 -0.09 -11.04
CA CYS A 29 -1.46 -1.48 -11.41
C CYS A 29 -2.51 -2.31 -10.68
N ALA A 30 -2.62 -2.09 -9.37
CA ALA A 30 -3.59 -2.81 -8.56
C ALA A 30 -5.01 -2.34 -8.86
N GLU A 31 -5.14 -1.07 -9.25
CA GLU A 31 -6.45 -0.52 -9.57
C GLU A 31 -6.99 -1.12 -10.86
N LEU A 32 -6.11 -1.25 -11.85
CA LEU A 32 -6.51 -1.83 -13.14
C LEU A 32 -6.81 -3.32 -13.00
N MET A 33 -5.91 -4.05 -12.35
CA MET A 33 -6.09 -5.48 -12.15
C MET A 33 -7.41 -5.76 -11.44
N ALA A 34 -7.80 -4.86 -10.55
CA ALA A 34 -9.05 -4.99 -9.81
C ALA A 34 -10.25 -4.88 -10.74
N ASN A 35 -10.10 -4.09 -11.79
CA ASN A 35 -11.17 -3.90 -12.76
C ASN A 35 -11.07 -4.94 -13.87
N MET A 36 -9.86 -5.38 -14.17
CA MET A 36 -9.62 -6.37 -15.20
C MET A 36 -9.97 -7.78 -14.70
N LYS A 37 -11.22 -7.97 -14.29
CA LYS A 37 -11.68 -9.25 -13.79
C LYS A 37 -11.59 -10.33 -14.86
N ASP A 38 -11.90 -9.95 -16.10
CA ASP A 38 -11.86 -10.89 -17.22
C ASP A 38 -10.51 -10.82 -17.93
N VAL A 39 -9.43 -10.78 -17.15
CA VAL A 39 -8.08 -10.71 -17.71
C VAL A 39 -7.08 -11.38 -16.77
N PRO A 40 -6.31 -12.37 -17.27
CA PRO A 40 -5.32 -13.08 -16.46
C PRO A 40 -4.25 -12.15 -15.91
N SER A 41 -3.72 -12.50 -14.73
CA SER A 41 -2.69 -11.70 -14.09
C SER A 41 -1.56 -11.35 -15.06
N THR A 42 -1.30 -12.25 -16.00
CA THR A 42 -0.26 -12.03 -17.00
C THR A 42 -0.64 -10.89 -17.92
N GLU A 43 -1.93 -10.82 -18.27
CA GLU A 43 -2.43 -9.77 -19.14
C GLU A 43 -2.63 -8.48 -18.37
N ARG A 44 -3.08 -8.61 -17.12
CA ARG A 44 -3.30 -7.45 -16.27
C ARG A 44 -2.00 -6.69 -16.05
N MET A 45 -1.00 -7.38 -15.54
CA MET A 45 0.31 -6.78 -15.29
C MET A 45 0.86 -6.11 -16.55
N VAL A 46 0.70 -6.79 -17.68
CA VAL A 46 1.17 -6.25 -18.94
C VAL A 46 0.30 -5.08 -19.40
N LEU A 47 -0.98 -5.15 -19.07
CA LEU A 47 -1.93 -4.10 -19.43
C LEU A 47 -1.62 -2.81 -18.67
N CYS A 48 -1.41 -2.94 -17.37
CA CYS A 48 -1.09 -1.79 -16.52
C CYS A 48 0.09 -1.01 -17.09
N SER A 49 1.01 -1.72 -17.74
CA SER A 49 2.19 -1.10 -18.33
C SER A 49 1.80 -0.23 -19.51
N GLN A 50 0.91 -0.75 -20.36
CA GLN A 50 0.45 -0.02 -21.53
C GLN A 50 -0.46 1.14 -21.12
N GLN A 51 -1.42 0.85 -20.25
CA GLN A 51 -2.35 1.86 -19.78
C GLN A 51 -1.61 3.04 -19.15
N TRP A 52 -0.53 2.74 -18.45
CA TRP A 52 0.27 3.76 -17.80
C TRP A 52 1.14 4.49 -18.82
N LYS A 53 1.48 3.80 -19.90
CA LYS A 53 2.32 4.39 -20.96
C LYS A 53 1.49 5.29 -21.86
N LEU A 54 0.20 4.98 -21.99
CA LEU A 54 -0.69 5.77 -22.84
C LEU A 54 -1.33 6.92 -22.05
N LEU A 55 -1.47 6.72 -20.75
CA LEU A 55 -2.07 7.73 -19.88
C LEU A 55 -1.29 9.04 -19.95
N SER A 56 -2.00 10.16 -19.98
CA SER A 56 -1.37 11.47 -20.05
C SER A 56 -0.90 11.92 -18.67
N GLN A 57 -0.21 13.06 -18.63
CA GLN A 57 0.29 13.60 -17.37
C GLN A 57 -0.86 13.91 -16.41
N LYS A 58 -1.92 14.52 -16.95
CA LYS A 58 -3.09 14.86 -16.15
C LYS A 58 -3.70 13.62 -15.51
N GLU A 59 -3.68 12.51 -16.25
CA GLU A 59 -4.23 11.26 -15.76
C GLU A 59 -3.34 10.66 -14.67
N LYS A 60 -2.04 10.59 -14.96
CA LYS A 60 -1.08 10.03 -14.01
C LYS A 60 -1.04 10.87 -12.75
N ASP A 61 -1.26 12.18 -12.89
CA ASP A 61 -1.24 13.10 -11.75
C ASP A 61 -2.34 12.75 -10.76
N ALA A 62 -3.49 12.32 -11.29
CA ALA A 62 -4.62 11.95 -10.44
C ALA A 62 -4.26 10.82 -9.49
N TYR A 63 -3.59 9.80 -10.02
CA TYR A 63 -3.18 8.66 -9.22
C TYR A 63 -2.07 9.05 -8.25
N HIS A 64 -1.26 10.02 -8.65
CA HIS A 64 -0.15 10.49 -7.82
C HIS A 64 -0.66 10.99 -6.47
N LYS A 65 -1.87 11.55 -6.48
CA LYS A 65 -2.47 12.07 -5.26
C LYS A 65 -2.95 10.94 -4.36
N LYS A 66 -3.49 9.90 -4.97
CA LYS A 66 -3.99 8.74 -4.23
C LYS A 66 -2.86 8.08 -3.45
N CYS A 67 -1.72 7.90 -4.11
CA CYS A 67 -0.56 7.28 -3.47
C CYS A 67 -0.10 8.11 -2.27
N ASP A 68 0.11 9.40 -2.51
CA ASP A 68 0.55 10.30 -1.45
C ASP A 68 -0.50 10.36 -0.34
N GLN A 69 -1.77 10.27 -0.73
CA GLN A 69 -2.87 10.29 0.23
C GLN A 69 -2.82 9.08 1.15
N LYS A 70 -2.54 7.92 0.55
CA LYS A 70 -2.46 6.68 1.33
C LYS A 70 -1.36 6.78 2.38
N LYS A 71 -0.28 7.46 2.04
CA LYS A 71 0.84 7.63 2.96
C LYS A 71 0.45 8.55 4.11
N LYS A 72 -0.31 9.61 3.79
CA LYS A 72 -0.76 10.56 4.79
C LYS A 72 -1.64 9.87 5.83
N ASP A 73 -2.50 8.97 5.35
CA ASP A 73 -3.39 8.23 6.24
C ASP A 73 -2.62 7.17 7.00
N TYR A 74 -1.66 6.54 6.32
CA TYR A 74 -0.85 5.50 6.93
C TYR A 74 -0.10 6.05 8.14
N GLU A 75 0.46 7.25 7.99
CA GLU A 75 1.19 7.90 9.07
C GLU A 75 0.27 8.19 10.25
N VAL A 76 -0.89 8.78 9.96
CA VAL A 76 -1.86 9.11 10.99
C VAL A 76 -2.42 7.83 11.63
N GLU A 77 -2.93 6.94 10.80
CA GLU A 77 -3.49 5.68 11.28
C GLU A 77 -2.47 4.91 12.10
N LEU A 78 -1.18 5.09 11.78
CA LEU A 78 -0.11 4.42 12.48
C LEU A 78 0.17 5.11 13.82
N LEU A 79 0.12 6.44 13.80
CA LEU A 79 0.36 7.22 15.00
C LEU A 79 -0.74 6.97 16.03
N ARG A 80 -1.99 7.14 15.62
CA ARG A 80 -3.12 6.93 16.51
C ARG A 80 -3.15 5.49 17.00
N PHE A 81 -2.69 4.57 16.15
CA PHE A 81 -2.66 3.16 16.50
C PHE A 81 -1.49 2.85 17.43
N LEU A 82 -0.33 3.42 17.11
CA LEU A 82 0.87 3.22 17.93
C LEU A 82 0.63 3.63 19.37
N GLU A 83 0.25 4.89 19.57
CA GLU A 83 -0.02 5.41 20.90
C GLU A 83 -1.01 4.51 21.63
N SER A 84 -1.93 3.92 20.88
CA SER A 84 -2.93 3.04 21.45
C SER A 84 -2.27 1.82 22.10
N LEU A 85 -1.17 1.38 21.51
CA LEU A 85 -0.42 0.23 22.03
C LEU A 85 0.60 0.68 23.07
N PRO A 86 1.02 -0.24 23.96
CA PRO A 86 2.00 0.07 25.00
C PRO A 86 3.38 0.39 24.43
N GLU A 87 4.31 0.74 25.31
CA GLU A 87 5.67 1.07 24.89
C GLU A 87 6.33 -0.13 24.23
N GLU A 88 6.13 -1.31 24.80
CA GLU A 88 6.71 -2.53 24.26
C GLU A 88 6.24 -2.76 22.83
N GLU A 89 4.94 -2.60 22.61
CA GLU A 89 4.35 -2.78 21.29
C GLU A 89 4.81 -1.67 20.35
N GLN A 90 4.73 -0.44 20.84
CA GLN A 90 5.14 0.73 20.06
C GLN A 90 6.60 0.62 19.66
N GLN A 91 7.41 0.04 20.53
CA GLN A 91 8.83 -0.13 20.27
C GLN A 91 9.06 -1.07 19.10
N ARG A 92 8.19 -2.05 18.95
CA ARG A 92 8.30 -3.02 17.86
C ARG A 92 8.04 -2.36 16.52
N VAL A 93 6.91 -1.66 16.41
CA VAL A 93 6.56 -0.98 15.17
C VAL A 93 7.46 0.22 14.94
N LEU A 94 7.75 0.95 16.00
CA LEU A 94 8.61 2.14 15.91
C LEU A 94 10.06 1.73 15.69
N GLY A 95 10.46 0.62 16.28
CA GLY A 95 11.82 0.14 16.14
C GLY A 95 12.05 -0.61 14.83
N GLU A 96 11.00 -0.72 14.01
CA GLU A 96 11.11 -1.42 12.74
C GLU A 96 10.76 -0.49 11.58
N GLU A 97 9.75 0.35 11.77
CA GLU A 97 9.33 1.28 10.74
C GLU A 97 9.95 2.66 10.93
N LYS A 98 9.66 3.28 12.07
CA LYS A 98 10.19 4.60 12.39
C LYS A 98 11.72 4.62 12.33
N MET A 99 12.33 3.45 12.48
CA MET A 99 13.79 3.34 12.44
C MET A 99 14.31 3.40 11.01
N LEU A 100 13.64 2.68 10.12
CA LEU A 100 14.04 2.66 8.71
C LEU A 100 13.57 3.92 7.99
N ASN A 101 12.26 4.09 7.91
CA ASN A 101 11.68 5.26 7.25
C ASN A 101 12.12 5.33 5.79
N ILE A 102 12.40 4.18 5.20
CA ILE A 102 12.84 4.12 3.80
C ILE A 102 12.32 2.85 3.13
N SER A 103 12.45 1.72 3.81
CA SER A 103 11.99 0.45 3.27
C SER A 103 10.49 0.47 3.01
N GLY A 104 10.06 -0.24 1.98
CA GLY A 104 8.64 -0.29 1.65
C GLY A 104 8.38 0.03 0.19
N PRO A 105 8.58 1.29 -0.23
CA PRO A 105 8.36 1.71 -1.62
C PRO A 105 9.34 1.04 -2.59
N SER A 106 10.62 1.08 -2.24
CA SER A 106 11.65 0.48 -3.08
C SER A 106 11.95 -0.95 -2.62
N SER A 107 11.82 -1.90 -3.54
CA SER A 107 12.08 -3.30 -3.23
C SER A 107 13.55 -3.52 -2.94
N GLY A 108 13.97 -3.22 -1.71
CA GLY A 108 15.35 -3.41 -1.32
C GLY A 108 15.54 -4.54 -0.33
N GLY A 1 -22.65 -13.25 2.28
CA GLY A 1 -23.16 -11.95 1.78
C GLY A 1 -24.21 -11.34 2.69
N SER A 2 -23.80 -10.33 3.46
CA SER A 2 -24.71 -9.67 4.38
C SER A 2 -24.46 -8.16 4.41
N SER A 3 -23.29 -7.77 4.92
CA SER A 3 -22.93 -6.37 5.02
C SER A 3 -22.11 -5.95 3.80
N GLY A 4 -22.22 -4.67 3.42
CA GLY A 4 -21.49 -4.17 2.29
C GLY A 4 -20.03 -3.90 2.61
N SER A 5 -19.18 -4.89 2.37
CA SER A 5 -17.75 -4.76 2.64
C SER A 5 -17.51 -4.48 4.12
N SER A 6 -16.29 -4.76 4.57
CA SER A 6 -15.93 -4.54 5.97
C SER A 6 -14.55 -3.88 6.07
N GLY A 7 -13.59 -4.40 5.32
CA GLY A 7 -12.25 -3.84 5.34
C GLY A 7 -11.44 -4.25 4.13
N GLN A 8 -10.68 -5.34 4.27
CA GLN A 8 -9.85 -5.84 3.17
C GLN A 8 -9.77 -7.36 3.20
N LEU A 9 -9.12 -7.93 2.19
CA LEU A 9 -8.96 -9.38 2.11
C LEU A 9 -7.55 -9.81 2.50
N LYS A 10 -6.87 -8.97 3.28
CA LYS A 10 -5.52 -9.27 3.73
C LYS A 10 -5.46 -9.44 5.25
N ASP A 11 -6.39 -8.78 5.94
CA ASP A 11 -6.43 -8.84 7.40
C ASP A 11 -5.18 -8.23 8.02
N LYS A 12 -4.74 -7.11 7.45
CA LYS A 12 -3.56 -6.41 7.95
C LYS A 12 -3.95 -5.14 8.68
N PHE A 13 -5.13 -5.14 9.31
CA PHE A 13 -5.62 -3.99 10.05
C PHE A 13 -5.70 -4.30 11.54
N ASP A 14 -4.80 -5.14 12.02
CA ASP A 14 -4.78 -5.53 13.43
C ASP A 14 -3.51 -5.03 14.11
N GLY A 15 -2.39 -5.10 13.39
CA GLY A 15 -1.13 -4.65 13.95
C GLY A 15 -0.66 -3.35 13.32
N ARG A 16 -0.97 -3.16 12.04
CA ARG A 16 -0.58 -1.95 11.32
C ARG A 16 -1.74 -1.42 10.48
N PRO A 17 -1.74 -0.10 10.21
CA PRO A 17 -2.79 0.54 9.41
C PRO A 17 -2.72 0.13 7.95
N THR A 18 -3.59 0.73 7.14
CA THR A 18 -3.64 0.43 5.71
C THR A 18 -2.31 0.76 5.03
N LYS A 19 -1.57 -0.27 4.64
CA LYS A 19 -0.28 -0.09 3.99
C LYS A 19 -0.45 0.53 2.60
N PRO A 20 0.02 1.77 2.41
CA PRO A 20 -0.09 2.47 1.13
C PRO A 20 0.95 2.00 0.12
N PRO A 21 0.60 1.99 -1.18
CA PRO A 21 1.51 1.56 -2.24
C PRO A 21 2.78 2.41 -2.30
N PRO A 22 3.78 1.98 -3.09
CA PRO A 22 5.04 2.72 -3.24
C PRO A 22 4.86 4.01 -4.02
N ASN A 23 4.15 3.93 -5.15
CA ASN A 23 3.91 5.10 -5.99
C ASN A 23 2.65 4.92 -6.83
N SER A 24 2.38 5.90 -7.69
CA SER A 24 1.21 5.84 -8.55
C SER A 24 1.28 4.65 -9.51
N TYR A 25 2.49 4.31 -9.92
CA TYR A 25 2.70 3.19 -10.84
C TYR A 25 2.06 1.90 -10.29
N SER A 26 2.53 1.48 -9.12
CA SER A 26 2.00 0.27 -8.50
C SER A 26 0.53 0.43 -8.14
N LEU A 27 0.15 1.64 -7.75
CA LEU A 27 -1.23 1.94 -7.38
C LEU A 27 -2.16 1.68 -8.56
N TYR A 28 -1.85 2.28 -9.71
CA TYR A 28 -2.66 2.12 -10.90
C TYR A 28 -2.67 0.66 -11.34
N CYS A 29 -1.55 -0.02 -11.15
CA CYS A 29 -1.43 -1.43 -11.52
C CYS A 29 -2.43 -2.27 -10.74
N ALA A 30 -2.50 -2.03 -9.43
CA ALA A 30 -3.42 -2.77 -8.58
C ALA A 30 -4.87 -2.39 -8.87
N GLU A 31 -5.06 -1.15 -9.30
CA GLU A 31 -6.40 -0.66 -9.63
C GLU A 31 -6.93 -1.32 -10.90
N LEU A 32 -6.08 -1.36 -11.93
CA LEU A 32 -6.46 -1.96 -13.20
C LEU A 32 -6.71 -3.45 -13.03
N MET A 33 -5.77 -4.14 -12.39
CA MET A 33 -5.89 -5.58 -12.16
C MET A 33 -7.19 -5.90 -11.43
N ALA A 34 -7.55 -5.05 -10.48
CA ALA A 34 -8.78 -5.23 -9.71
C ALA A 34 -10.01 -5.13 -10.61
N ASN A 35 -9.90 -4.34 -11.66
CA ASN A 35 -10.99 -4.16 -12.61
C ASN A 35 -10.90 -5.17 -13.74
N MET A 36 -9.69 -5.56 -14.08
CA MET A 36 -9.46 -6.54 -15.14
C MET A 36 -9.75 -7.96 -14.66
N LYS A 37 -10.98 -8.20 -14.22
CA LYS A 37 -11.37 -9.51 -13.73
C LYS A 37 -11.27 -10.56 -14.84
N ASP A 38 -11.55 -10.14 -16.07
CA ASP A 38 -11.49 -11.03 -17.21
C ASP A 38 -10.13 -10.96 -17.90
N VAL A 39 -9.07 -10.95 -17.10
CA VAL A 39 -7.71 -10.87 -17.64
C VAL A 39 -6.72 -11.55 -16.70
N PRO A 40 -5.82 -12.40 -17.24
CA PRO A 40 -4.83 -13.11 -16.45
C PRO A 40 -3.77 -12.17 -15.87
N SER A 41 -3.28 -12.49 -14.68
CA SER A 41 -2.27 -11.67 -14.01
C SER A 41 -1.16 -11.27 -14.98
N THR A 42 -0.90 -12.12 -15.97
CA THR A 42 0.13 -11.84 -16.96
C THR A 42 -0.31 -10.73 -17.89
N GLU A 43 -1.59 -10.76 -18.28
CA GLU A 43 -2.14 -9.74 -19.17
C GLU A 43 -2.43 -8.46 -18.39
N ARG A 44 -2.81 -8.61 -17.13
CA ARG A 44 -3.11 -7.46 -16.28
C ARG A 44 -1.87 -6.59 -16.11
N MET A 45 -0.80 -7.20 -15.60
CA MET A 45 0.45 -6.49 -15.38
C MET A 45 0.94 -5.84 -16.67
N VAL A 46 0.82 -6.56 -17.78
CA VAL A 46 1.24 -6.04 -19.07
C VAL A 46 0.34 -4.90 -19.52
N LEU A 47 -0.95 -5.02 -19.21
CA LEU A 47 -1.93 -4.00 -19.57
C LEU A 47 -1.64 -2.70 -18.82
N CYS A 48 -1.39 -2.81 -17.53
CA CYS A 48 -1.10 -1.64 -16.70
C CYS A 48 0.08 -0.87 -17.26
N SER A 49 1.00 -1.58 -17.91
CA SER A 49 2.19 -0.95 -18.49
C SER A 49 1.79 -0.09 -19.69
N GLN A 50 0.91 -0.62 -20.53
CA GLN A 50 0.46 0.11 -21.71
C GLN A 50 -0.48 1.25 -21.32
N GLN A 51 -1.48 0.93 -20.51
CA GLN A 51 -2.45 1.93 -20.06
C GLN A 51 -1.74 3.07 -19.33
N TRP A 52 -0.60 2.76 -18.71
CA TRP A 52 0.16 3.75 -17.97
C TRP A 52 1.06 4.56 -18.91
N LYS A 53 1.44 3.94 -20.03
CA LYS A 53 2.30 4.61 -21.00
C LYS A 53 1.49 5.55 -21.89
N LEU A 54 0.22 5.24 -22.08
CA LEU A 54 -0.65 6.07 -22.91
C LEU A 54 -1.25 7.21 -22.09
N LEU A 55 -1.43 6.99 -20.80
CA LEU A 55 -1.99 8.00 -19.91
C LEU A 55 -1.13 9.26 -19.92
N SER A 56 -1.79 10.41 -19.97
CA SER A 56 -1.09 11.69 -19.99
C SER A 56 -0.67 12.10 -18.58
N GLN A 57 0.02 13.23 -18.48
CA GLN A 57 0.47 13.73 -17.19
C GLN A 57 -0.72 14.04 -16.27
N LYS A 58 -1.73 14.68 -16.85
CA LYS A 58 -2.92 15.03 -16.09
C LYS A 58 -3.59 13.79 -15.50
N GLU A 59 -3.52 12.69 -16.23
CA GLU A 59 -4.11 11.43 -15.79
C GLU A 59 -3.26 10.80 -14.68
N LYS A 60 -1.96 10.68 -14.94
CA LYS A 60 -1.05 10.10 -13.96
C LYS A 60 -1.07 10.90 -12.66
N ASP A 61 -1.28 12.21 -12.79
CA ASP A 61 -1.32 13.09 -11.62
C ASP A 61 -2.43 12.69 -10.67
N ALA A 62 -3.58 12.31 -11.22
CA ALA A 62 -4.73 11.90 -10.42
C ALA A 62 -4.37 10.70 -9.55
N TYR A 63 -3.62 9.76 -10.11
CA TYR A 63 -3.21 8.56 -9.39
C TYR A 63 -2.15 8.90 -8.34
N HIS A 64 -1.34 9.90 -8.64
CA HIS A 64 -0.29 10.33 -7.71
C HIS A 64 -0.89 10.86 -6.42
N LYS A 65 -2.05 11.50 -6.52
CA LYS A 65 -2.73 12.05 -5.35
C LYS A 65 -3.26 10.92 -4.47
N LYS A 66 -3.76 9.86 -5.11
CA LYS A 66 -4.30 8.72 -4.38
C LYS A 66 -3.20 8.02 -3.59
N CYS A 67 -2.06 7.79 -4.23
CA CYS A 67 -0.93 7.14 -3.57
C CYS A 67 -0.46 7.97 -2.38
N ASP A 68 -0.30 9.27 -2.60
CA ASP A 68 0.14 10.16 -1.54
C ASP A 68 -0.92 10.25 -0.44
N GLN A 69 -2.18 10.21 -0.85
CA GLN A 69 -3.29 10.26 0.09
C GLN A 69 -3.25 9.06 1.04
N LYS A 70 -2.99 7.89 0.47
CA LYS A 70 -2.92 6.66 1.26
C LYS A 70 -1.81 6.76 2.30
N LYS A 71 -0.74 7.47 1.95
CA LYS A 71 0.39 7.64 2.85
C LYS A 71 0.03 8.59 3.99
N LYS A 72 -0.73 9.63 3.67
CA LYS A 72 -1.16 10.61 4.66
C LYS A 72 -1.99 9.93 5.74
N ASP A 73 -2.84 9.00 5.32
CA ASP A 73 -3.69 8.26 6.25
C ASP A 73 -2.89 7.18 6.97
N TYR A 74 -1.93 6.60 6.26
CA TYR A 74 -1.08 5.56 6.84
C TYR A 74 -0.31 6.12 8.04
N GLU A 75 0.29 7.29 7.86
CA GLU A 75 1.05 7.92 8.92
C GLU A 75 0.17 8.21 10.13
N VAL A 76 -1.00 8.79 9.87
CA VAL A 76 -1.94 9.12 10.94
C VAL A 76 -2.42 7.85 11.64
N GLU A 77 -2.93 6.90 10.87
CA GLU A 77 -3.42 5.64 11.41
C GLU A 77 -2.31 4.91 12.15
N LEU A 78 -1.09 5.08 11.67
CA LEU A 78 0.07 4.44 12.28
C LEU A 78 0.49 5.18 13.55
N LEU A 79 0.28 6.49 13.55
CA LEU A 79 0.62 7.32 14.70
C LEU A 79 -0.42 7.16 15.81
N ARG A 80 -1.68 7.38 15.46
CA ARG A 80 -2.78 7.26 16.42
C ARG A 80 -2.78 5.88 17.07
N PHE A 81 -2.34 4.88 16.32
CA PHE A 81 -2.29 3.51 16.81
C PHE A 81 -1.07 3.30 17.72
N LEU A 82 0.10 3.68 17.22
CA LEU A 82 1.33 3.55 17.97
C LEU A 82 1.23 4.23 19.33
N GLU A 83 0.98 5.54 19.32
CA GLU A 83 0.86 6.30 20.56
C GLU A 83 -0.13 5.64 21.50
N SER A 84 -1.15 5.00 20.93
CA SER A 84 -2.17 4.33 21.71
C SER A 84 -1.56 3.20 22.53
N LEU A 85 -0.54 2.56 21.97
CA LEU A 85 0.15 1.46 22.64
C LEU A 85 1.28 1.99 23.51
N PRO A 86 1.69 1.22 24.54
CA PRO A 86 2.76 1.62 25.45
C PRO A 86 4.11 1.73 24.74
N GLU A 87 5.12 2.18 25.47
CA GLU A 87 6.46 2.33 24.91
C GLU A 87 6.99 0.98 24.42
N GLU A 88 6.78 -0.06 25.24
CA GLU A 88 7.24 -1.40 24.89
C GLU A 88 6.63 -1.86 23.57
N GLU A 89 5.31 -1.66 23.43
CA GLU A 89 4.61 -2.04 22.22
C GLU A 89 5.05 -1.16 21.04
N GLN A 90 5.09 0.15 21.28
CA GLN A 90 5.50 1.10 20.25
C GLN A 90 6.91 0.79 19.76
N GLN A 91 7.74 0.26 20.67
CA GLN A 91 9.12 -0.08 20.33
C GLN A 91 9.17 -1.26 19.36
N ARG A 92 8.20 -2.17 19.50
CA ARG A 92 8.14 -3.34 18.63
C ARG A 92 7.70 -2.95 17.23
N VAL A 93 6.59 -2.23 17.13
CA VAL A 93 6.06 -1.79 15.84
C VAL A 93 7.01 -0.80 15.16
N LEU A 94 7.58 0.08 15.97
CA LEU A 94 8.51 1.09 15.45
C LEU A 94 9.85 0.46 15.09
N GLY A 95 10.32 -0.44 15.95
CA GLY A 95 11.59 -1.09 15.72
C GLY A 95 11.54 -2.08 14.57
N GLU A 96 10.34 -2.38 14.09
CA GLU A 96 10.16 -3.32 12.98
C GLU A 96 9.71 -2.61 11.72
N GLU A 97 8.80 -1.64 11.89
CA GLU A 97 8.29 -0.88 10.75
C GLU A 97 9.10 0.39 10.51
N LYS A 98 9.21 1.22 11.55
CA LYS A 98 9.97 2.46 11.45
C LYS A 98 11.40 2.20 11.00
N MET A 99 11.93 1.03 11.34
CA MET A 99 13.28 0.65 10.95
C MET A 99 13.34 0.20 9.49
N LEU A 100 12.23 -0.31 8.99
CA LEU A 100 12.16 -0.78 7.61
C LEU A 100 11.23 0.12 6.79
N ASN A 101 11.59 1.39 6.69
CA ASN A 101 10.80 2.34 5.92
C ASN A 101 11.39 2.58 4.54
N ILE A 102 11.93 1.52 3.95
CA ILE A 102 12.54 1.60 2.63
C ILE A 102 11.92 0.58 1.68
N SER A 103 11.30 1.07 0.61
CA SER A 103 10.68 0.20 -0.38
C SER A 103 10.53 0.91 -1.73
N GLY A 104 11.20 0.38 -2.74
CA GLY A 104 11.14 0.98 -4.06
C GLY A 104 11.96 0.21 -5.08
N PRO A 105 11.69 -1.10 -5.25
CA PRO A 105 12.42 -1.93 -6.21
C PRO A 105 12.07 -1.60 -7.66
N SER A 106 10.80 -1.33 -7.91
CA SER A 106 10.34 -0.99 -9.25
C SER A 106 10.98 0.31 -9.74
N SER A 107 11.19 0.41 -11.04
CA SER A 107 11.79 1.60 -11.63
C SER A 107 11.48 1.68 -13.13
N GLY A 108 11.05 2.86 -13.57
CA GLY A 108 10.73 3.04 -14.98
C GLY A 108 11.05 4.45 -15.46
N GLY A 1 -15.97 -21.81 10.21
CA GLY A 1 -17.28 -22.51 10.14
C GLY A 1 -18.43 -21.56 9.79
N SER A 2 -19.24 -21.94 8.81
CA SER A 2 -20.37 -21.13 8.39
C SER A 2 -21.53 -21.26 9.36
N SER A 3 -21.48 -20.51 10.45
CA SER A 3 -22.52 -20.56 11.47
C SER A 3 -23.08 -19.15 11.73
N GLY A 4 -22.18 -18.18 11.86
CA GLY A 4 -22.60 -16.81 12.11
C GLY A 4 -21.48 -15.96 12.65
N SER A 5 -20.72 -15.34 11.75
CA SER A 5 -19.61 -14.48 12.13
C SER A 5 -19.50 -13.28 11.20
N SER A 6 -18.75 -12.26 11.63
CA SER A 6 -18.56 -11.06 10.83
C SER A 6 -17.08 -10.67 10.79
N GLY A 7 -16.59 -10.38 9.58
CA GLY A 7 -15.21 -10.00 9.43
C GLY A 7 -14.94 -9.29 8.11
N GLN A 8 -13.82 -9.63 7.47
CA GLN A 8 -13.47 -9.01 6.20
C GLN A 8 -12.42 -9.85 5.47
N LEU A 9 -12.35 -9.69 4.16
CA LEU A 9 -11.39 -10.42 3.34
C LEU A 9 -10.21 -9.55 2.94
N LYS A 10 -9.95 -8.52 3.75
CA LYS A 10 -8.84 -7.60 3.48
C LYS A 10 -7.67 -7.85 4.43
N ASP A 11 -7.99 -8.08 5.70
CA ASP A 11 -6.97 -8.33 6.71
C ASP A 11 -6.02 -7.16 6.82
N LYS A 12 -6.53 -5.95 6.58
CA LYS A 12 -5.72 -4.74 6.66
C LYS A 12 -5.58 -4.28 8.11
N PHE A 13 -6.61 -4.54 8.91
CA PHE A 13 -6.60 -4.15 10.31
C PHE A 13 -6.29 -5.35 11.22
N ASP A 14 -5.02 -5.59 11.46
CA ASP A 14 -4.59 -6.69 12.30
C ASP A 14 -3.31 -6.34 13.06
N GLY A 15 -2.21 -6.21 12.32
CA GLY A 15 -0.94 -5.87 12.95
C GLY A 15 -0.48 -4.47 12.58
N ARG A 16 -0.89 -4.00 11.41
CA ARG A 16 -0.51 -2.67 10.95
C ARG A 16 -1.58 -2.10 10.01
N PRO A 17 -1.60 -0.77 9.85
CA PRO A 17 -2.59 -0.11 8.98
C PRO A 17 -2.36 -0.42 7.51
N THR A 18 -3.25 0.07 6.66
CA THR A 18 -3.15 -0.16 5.22
C THR A 18 -1.82 0.36 4.67
N LYS A 19 -0.99 -0.54 4.17
CA LYS A 19 0.30 -0.17 3.61
C LYS A 19 0.14 0.55 2.27
N PRO A 20 0.68 1.77 2.16
CA PRO A 20 0.58 2.57 0.93
C PRO A 20 1.59 2.13 -0.12
N PRO A 21 1.18 2.07 -1.40
CA PRO A 21 2.06 1.67 -2.50
C PRO A 21 3.30 2.56 -2.60
N PRO A 22 4.32 2.12 -3.35
CA PRO A 22 5.56 2.88 -3.54
C PRO A 22 5.33 4.18 -4.32
N ASN A 23 4.62 4.06 -5.44
CA ASN A 23 4.33 5.22 -6.28
C ASN A 23 3.08 4.99 -7.11
N SER A 24 2.73 5.98 -7.93
CA SER A 24 1.54 5.89 -8.77
C SER A 24 1.65 4.70 -9.72
N TYR A 25 2.87 4.38 -10.14
CA TYR A 25 3.10 3.26 -11.05
C TYR A 25 2.50 1.97 -10.50
N SER A 26 2.89 1.62 -9.29
CA SER A 26 2.39 0.41 -8.64
C SER A 26 0.92 0.57 -8.26
N LEU A 27 0.57 1.75 -7.78
CA LEU A 27 -0.80 2.05 -7.37
C LEU A 27 -1.77 1.83 -8.54
N TYR A 28 -1.43 2.41 -9.69
CA TYR A 28 -2.25 2.29 -10.88
C TYR A 28 -2.37 0.82 -11.30
N CYS A 29 -1.30 0.07 -11.08
CA CYS A 29 -1.28 -1.35 -11.43
C CYS A 29 -2.34 -2.10 -10.64
N ALA A 30 -2.40 -1.84 -9.34
CA ALA A 30 -3.38 -2.49 -8.48
C ALA A 30 -4.79 -1.99 -8.76
N GLU A 31 -4.89 -0.72 -9.17
CA GLU A 31 -6.17 -0.12 -9.47
C GLU A 31 -6.78 -0.75 -10.72
N LEU A 32 -5.97 -0.91 -11.76
CA LEU A 32 -6.43 -1.50 -13.01
C LEU A 32 -6.78 -2.97 -12.82
N MET A 33 -5.88 -3.71 -12.17
CA MET A 33 -6.10 -5.13 -11.91
C MET A 33 -7.42 -5.34 -11.17
N ALA A 34 -7.73 -4.43 -10.26
CA ALA A 34 -8.96 -4.51 -9.47
C ALA A 34 -10.18 -4.36 -10.37
N ASN A 35 -10.04 -3.56 -11.43
CA ASN A 35 -11.13 -3.33 -12.37
C ASN A 35 -11.13 -4.40 -13.46
N MET A 36 -9.95 -4.91 -13.78
CA MET A 36 -9.81 -5.93 -14.81
C MET A 36 -10.17 -7.31 -14.25
N LYS A 37 -11.40 -7.44 -13.76
CA LYS A 37 -11.87 -8.71 -13.21
C LYS A 37 -11.89 -9.80 -14.27
N ASP A 38 -12.17 -9.40 -15.50
CA ASP A 38 -12.22 -10.35 -16.62
C ASP A 38 -10.89 -10.40 -17.35
N VAL A 39 -9.81 -10.41 -16.59
CA VAL A 39 -8.46 -10.44 -17.16
C VAL A 39 -7.49 -11.16 -16.23
N PRO A 40 -6.70 -12.12 -16.77
CA PRO A 40 -5.73 -12.86 -15.96
C PRO A 40 -4.59 -11.98 -15.46
N SER A 41 -4.08 -12.31 -14.27
CA SER A 41 -3.00 -11.54 -13.66
C SER A 41 -1.88 -11.26 -14.67
N THR A 42 -1.73 -12.16 -15.63
CA THR A 42 -0.70 -12.01 -16.65
C THR A 42 -1.08 -10.90 -17.62
N GLU A 43 -2.36 -10.83 -17.95
CA GLU A 43 -2.86 -9.79 -18.87
C GLU A 43 -3.01 -8.47 -18.13
N ARG A 44 -3.39 -8.55 -16.86
CA ARG A 44 -3.56 -7.35 -16.04
C ARG A 44 -2.24 -6.60 -15.90
N MET A 45 -1.23 -7.29 -15.37
CA MET A 45 0.08 -6.70 -15.19
C MET A 45 0.60 -6.10 -16.48
N VAL A 46 0.40 -6.80 -17.59
CA VAL A 46 0.84 -6.33 -18.89
C VAL A 46 0.01 -5.13 -19.34
N LEU A 47 -1.26 -5.14 -19.00
CA LEU A 47 -2.17 -4.06 -19.36
C LEU A 47 -1.79 -2.77 -18.63
N CYS A 48 -1.50 -2.89 -17.34
CA CYS A 48 -1.13 -1.74 -16.53
C CYS A 48 0.06 -1.01 -17.14
N SER A 49 0.91 -1.75 -17.83
CA SER A 49 2.09 -1.16 -18.47
C SER A 49 1.68 -0.32 -19.68
N GLN A 50 0.75 -0.84 -20.46
CA GLN A 50 0.28 -0.14 -21.66
C GLN A 50 -0.61 1.03 -21.27
N GLN A 51 -1.62 0.77 -20.45
CA GLN A 51 -2.54 1.81 -20.00
C GLN A 51 -1.79 2.96 -19.32
N TRP A 52 -0.66 2.63 -18.69
CA TRP A 52 0.15 3.63 -18.01
C TRP A 52 1.03 4.39 -19.00
N LYS A 53 1.36 3.73 -20.10
CA LYS A 53 2.20 4.34 -21.12
C LYS A 53 1.39 5.30 -22.00
N LEU A 54 0.10 5.03 -22.13
CA LEU A 54 -0.78 5.87 -22.94
C LEU A 54 -1.31 7.05 -22.14
N LEU A 55 -1.43 6.86 -20.83
CA LEU A 55 -1.94 7.90 -19.95
C LEU A 55 -1.08 9.17 -20.05
N SER A 56 -1.73 10.32 -19.94
CA SER A 56 -1.03 11.60 -20.02
C SER A 56 -0.60 12.08 -18.63
N GLN A 57 0.05 13.23 -18.58
CA GLN A 57 0.52 13.80 -17.32
C GLN A 57 -0.66 14.09 -16.39
N LYS A 58 -1.70 14.72 -16.94
CA LYS A 58 -2.88 15.05 -16.16
C LYS A 58 -3.51 13.81 -15.54
N GLU A 59 -3.42 12.69 -16.25
CA GLU A 59 -3.96 11.43 -15.77
C GLU A 59 -3.06 10.82 -14.71
N LYS A 60 -1.77 10.72 -15.02
CA LYS A 60 -0.80 10.15 -14.09
C LYS A 60 -0.76 10.95 -12.79
N ASP A 61 -1.02 12.25 -12.90
CA ASP A 61 -1.01 13.13 -11.73
C ASP A 61 -2.14 12.78 -10.78
N ALA A 62 -3.28 12.39 -11.34
CA ALA A 62 -4.44 12.01 -10.54
C ALA A 62 -4.13 10.84 -9.62
N TYR A 63 -3.43 9.84 -10.17
CA TYR A 63 -3.06 8.66 -9.40
C TYR A 63 -1.94 8.98 -8.42
N HIS A 64 -1.10 9.95 -8.78
CA HIS A 64 0.01 10.35 -7.93
C HIS A 64 -0.50 10.89 -6.59
N LYS A 65 -1.66 11.53 -6.62
CA LYS A 65 -2.26 12.09 -5.40
C LYS A 65 -2.82 10.98 -4.51
N LYS A 66 -3.28 9.90 -5.15
CA LYS A 66 -3.83 8.77 -4.41
C LYS A 66 -2.73 8.03 -3.65
N CYS A 67 -1.60 7.84 -4.30
CA CYS A 67 -0.47 7.16 -3.69
C CYS A 67 0.00 7.91 -2.45
N ASP A 68 0.19 9.22 -2.60
CA ASP A 68 0.63 10.05 -1.48
C ASP A 68 -0.46 10.11 -0.41
N GLN A 69 -1.72 10.09 -0.85
CA GLN A 69 -2.84 10.14 0.08
C GLN A 69 -2.84 8.91 0.98
N LYS A 70 -2.55 7.75 0.39
CA LYS A 70 -2.51 6.51 1.15
C LYS A 70 -1.46 6.58 2.25
N LYS A 71 -0.36 7.27 1.95
CA LYS A 71 0.72 7.43 2.91
C LYS A 71 0.26 8.26 4.10
N LYS A 72 -0.53 9.30 3.83
CA LYS A 72 -1.05 10.17 4.87
C LYS A 72 -1.94 9.37 5.82
N ASP A 73 -2.73 8.46 5.25
CA ASP A 73 -3.63 7.63 6.04
C ASP A 73 -2.83 6.58 6.81
N TYR A 74 -1.81 6.02 6.15
CA TYR A 74 -0.97 5.01 6.77
C TYR A 74 -0.31 5.57 8.02
N GLU A 75 0.24 6.78 7.91
CA GLU A 75 0.90 7.43 9.03
C GLU A 75 -0.09 7.66 10.17
N VAL A 76 -1.27 8.16 9.83
CA VAL A 76 -2.31 8.42 10.81
C VAL A 76 -2.79 7.12 11.45
N GLU A 77 -3.18 6.17 10.61
CA GLU A 77 -3.66 4.88 11.09
C GLU A 77 -2.59 4.18 11.93
N LEU A 78 -1.32 4.42 11.57
CA LEU A 78 -0.20 3.83 12.29
C LEU A 78 0.04 4.56 13.59
N LEU A 79 -0.23 5.87 13.60
CA LEU A 79 -0.05 6.69 14.80
C LEU A 79 -1.12 6.36 15.83
N ARG A 80 -2.39 6.45 15.42
CA ARG A 80 -3.51 6.17 16.31
C ARG A 80 -3.39 4.76 16.89
N PHE A 81 -2.82 3.85 16.10
CA PHE A 81 -2.64 2.47 16.52
C PHE A 81 -1.45 2.37 17.47
N LEU A 82 -0.36 3.02 17.12
CA LEU A 82 0.85 3.01 17.94
C LEU A 82 0.55 3.53 19.34
N GLU A 83 0.07 4.77 19.41
CA GLU A 83 -0.26 5.39 20.70
C GLU A 83 -1.15 4.47 21.52
N SER A 84 -2.00 3.72 20.82
CA SER A 84 -2.91 2.79 21.49
C SER A 84 -2.13 1.73 22.26
N LEU A 85 -0.98 1.36 21.72
CA LEU A 85 -0.13 0.36 22.35
C LEU A 85 0.86 1.01 23.33
N PRO A 86 1.35 0.26 24.32
CA PRO A 86 2.29 0.77 25.32
C PRO A 86 3.62 1.20 24.70
N GLU A 87 4.49 1.77 25.52
CA GLU A 87 5.79 2.22 25.05
C GLU A 87 6.57 1.07 24.43
N GLU A 88 6.63 -0.05 25.16
CA GLU A 88 7.35 -1.24 24.69
C GLU A 88 6.84 -1.64 23.30
N GLU A 89 5.54 -1.86 23.19
CA GLU A 89 4.94 -2.25 21.92
C GLU A 89 5.23 -1.21 20.85
N GLN A 90 5.04 0.05 21.19
CA GLN A 90 5.29 1.15 20.25
C GLN A 90 6.74 1.15 19.79
N GLN A 91 7.63 0.69 20.66
CA GLN A 91 9.05 0.62 20.34
C GLN A 91 9.33 -0.43 19.28
N ARG A 92 8.66 -1.57 19.39
CA ARG A 92 8.84 -2.66 18.44
C ARG A 92 8.32 -2.27 17.06
N VAL A 93 7.16 -1.64 17.02
CA VAL A 93 6.55 -1.20 15.77
C VAL A 93 7.30 0.00 15.19
N LEU A 94 7.55 1.01 16.02
CA LEU A 94 8.26 2.20 15.57
C LEU A 94 9.69 1.87 15.19
N GLY A 95 10.31 0.98 15.96
CA GLY A 95 11.69 0.59 15.69
C GLY A 95 11.83 -0.24 14.43
N GLU A 96 10.70 -0.67 13.87
CA GLU A 96 10.71 -1.49 12.66
C GLU A 96 10.10 -0.74 11.48
N GLU A 97 9.09 0.08 11.76
CA GLU A 97 8.41 0.84 10.72
C GLU A 97 8.91 2.28 10.69
N LYS A 98 8.89 2.94 11.84
CA LYS A 98 9.33 4.33 11.95
C LYS A 98 10.78 4.48 11.46
N MET A 99 11.61 3.49 11.78
CA MET A 99 13.01 3.51 11.38
C MET A 99 13.13 3.58 9.86
N LEU A 100 12.17 2.99 9.15
CA LEU A 100 12.18 2.99 7.70
C LEU A 100 11.69 4.32 7.15
N ASN A 101 12.51 5.36 7.30
CA ASN A 101 12.16 6.70 6.82
C ASN A 101 12.99 7.06 5.59
N ILE A 102 13.36 6.05 4.82
CA ILE A 102 14.15 6.26 3.61
C ILE A 102 13.27 6.34 2.37
N SER A 103 13.36 7.45 1.65
CA SER A 103 12.56 7.64 0.44
C SER A 103 13.33 7.18 -0.79
N GLY A 104 14.65 7.28 -0.74
CA GLY A 104 15.47 6.86 -1.87
C GLY A 104 16.60 5.94 -1.45
N PRO A 105 16.31 4.64 -1.25
CA PRO A 105 17.31 3.65 -0.86
C PRO A 105 18.30 3.36 -1.98
N SER A 106 17.79 3.20 -3.19
CA SER A 106 18.63 2.90 -4.34
C SER A 106 17.91 3.24 -5.64
N SER A 107 18.66 3.77 -6.60
CA SER A 107 18.10 4.14 -7.90
C SER A 107 17.63 2.91 -8.67
N GLY A 108 18.55 1.96 -8.85
CA GLY A 108 18.21 0.74 -9.57
C GLY A 108 18.15 -0.47 -8.66
N GLY A 1 -9.82 -0.11 24.87
CA GLY A 1 -9.58 -0.95 23.66
C GLY A 1 -10.65 -1.99 23.45
N SER A 2 -11.47 -1.81 22.41
CA SER A 2 -12.54 -2.74 22.11
C SER A 2 -12.16 -3.65 20.94
N SER A 3 -12.84 -4.78 20.82
CA SER A 3 -12.58 -5.73 19.74
C SER A 3 -13.69 -5.70 18.71
N GLY A 4 -13.38 -6.11 17.49
CA GLY A 4 -14.36 -6.12 16.42
C GLY A 4 -13.73 -6.23 15.05
N SER A 5 -13.48 -7.46 14.61
CA SER A 5 -12.87 -7.69 13.30
C SER A 5 -13.95 -7.91 12.23
N SER A 6 -13.52 -7.97 10.98
CA SER A 6 -14.45 -8.17 9.87
C SER A 6 -14.32 -9.58 9.29
N GLY A 7 -13.09 -10.10 9.29
CA GLY A 7 -12.85 -11.43 8.76
C GLY A 7 -11.83 -11.44 7.64
N GLN A 8 -10.59 -11.77 7.99
CA GLN A 8 -9.52 -11.81 7.00
C GLN A 8 -8.53 -12.95 7.32
N LEU A 9 -7.81 -13.39 6.29
CA LEU A 9 -6.84 -14.47 6.45
C LEU A 9 -5.43 -14.00 6.10
N LYS A 10 -5.19 -12.69 6.21
CA LYS A 10 -3.90 -12.12 5.89
C LYS A 10 -3.23 -11.56 7.15
N ASP A 11 -4.05 -11.05 8.07
CA ASP A 11 -3.55 -10.49 9.31
C ASP A 11 -2.67 -9.27 9.04
N LYS A 12 -3.01 -8.53 7.99
CA LYS A 12 -2.26 -7.34 7.61
C LYS A 12 -2.67 -6.14 8.47
N PHE A 13 -3.97 -6.05 8.76
CA PHE A 13 -4.49 -4.96 9.57
C PHE A 13 -4.65 -5.38 11.03
N ASP A 14 -3.68 -6.16 11.52
CA ASP A 14 -3.71 -6.63 12.91
C ASP A 14 -2.61 -5.97 13.73
N GLY A 15 -1.46 -5.74 13.10
CA GLY A 15 -0.35 -5.12 13.80
C GLY A 15 -0.07 -3.72 13.30
N ARG A 16 -0.02 -3.56 11.98
CA ARG A 16 0.25 -2.26 11.36
C ARG A 16 -0.90 -1.85 10.46
N PRO A 17 -1.05 -0.53 10.20
CA PRO A 17 -2.11 -0.01 9.34
C PRO A 17 -1.92 -0.42 7.88
N THR A 18 -2.83 0.02 7.02
CA THR A 18 -2.77 -0.30 5.60
C THR A 18 -1.50 0.27 4.96
N LYS A 19 -0.64 -0.62 4.48
CA LYS A 19 0.61 -0.22 3.85
C LYS A 19 0.35 0.45 2.50
N PRO A 20 0.84 1.68 2.30
CA PRO A 20 0.65 2.40 1.04
C PRO A 20 1.62 1.96 -0.05
N PRO A 21 1.15 1.91 -1.31
CA PRO A 21 1.99 1.49 -2.44
C PRO A 21 3.27 2.34 -2.56
N PRO A 22 4.23 1.90 -3.38
CA PRO A 22 5.49 2.62 -3.57
C PRO A 22 5.29 3.92 -4.35
N ASN A 23 4.47 3.85 -5.39
CA ASN A 23 4.20 5.03 -6.22
C ASN A 23 2.91 4.84 -7.00
N SER A 24 2.58 5.82 -7.85
CA SER A 24 1.37 5.77 -8.66
C SER A 24 1.44 4.64 -9.67
N TYR A 25 2.65 4.32 -10.13
CA TYR A 25 2.85 3.26 -11.11
C TYR A 25 2.28 1.94 -10.60
N SER A 26 2.76 1.48 -9.45
CA SER A 26 2.29 0.25 -8.85
C SER A 26 0.84 0.36 -8.44
N LEU A 27 0.45 1.53 -7.96
CA LEU A 27 -0.93 1.77 -7.52
C LEU A 27 -1.90 1.57 -8.69
N TYR A 28 -1.62 2.23 -9.80
CA TYR A 28 -2.47 2.12 -10.99
C TYR A 28 -2.58 0.66 -11.43
N CYS A 29 -1.51 -0.09 -11.21
CA CYS A 29 -1.49 -1.50 -11.59
C CYS A 29 -2.60 -2.27 -10.88
N ALA A 30 -2.74 -2.03 -9.58
CA ALA A 30 -3.78 -2.69 -8.80
C ALA A 30 -5.15 -2.15 -9.14
N GLU A 31 -5.21 -0.88 -9.53
CA GLU A 31 -6.46 -0.24 -9.90
C GLU A 31 -7.00 -0.81 -11.21
N LEU A 32 -6.13 -0.89 -12.21
CA LEU A 32 -6.53 -1.42 -13.51
C LEU A 32 -6.94 -2.88 -13.40
N MET A 33 -6.12 -3.69 -12.72
CA MET A 33 -6.42 -5.10 -12.53
C MET A 33 -7.80 -5.28 -11.91
N ALA A 34 -8.10 -4.45 -10.91
CA ALA A 34 -9.39 -4.51 -10.23
C ALA A 34 -10.54 -4.29 -11.21
N ASN A 35 -10.28 -3.48 -12.24
CA ASN A 35 -11.29 -3.19 -13.24
C ASN A 35 -11.25 -4.24 -14.35
N MET A 36 -10.05 -4.76 -14.63
CA MET A 36 -9.88 -5.77 -15.66
C MET A 36 -10.35 -7.14 -15.17
N LYS A 37 -11.62 -7.24 -14.82
CA LYS A 37 -12.18 -8.49 -14.33
C LYS A 37 -12.13 -9.56 -15.41
N ASP A 38 -12.33 -9.16 -16.66
CA ASP A 38 -12.30 -10.09 -17.78
C ASP A 38 -10.91 -10.14 -18.42
N VAL A 39 -9.88 -10.21 -17.59
CA VAL A 39 -8.52 -10.27 -18.07
C VAL A 39 -7.63 -11.04 -17.12
N PRO A 40 -6.80 -11.98 -17.64
CA PRO A 40 -5.91 -12.78 -16.81
C PRO A 40 -4.79 -11.94 -16.18
N SER A 41 -4.39 -12.31 -14.97
CA SER A 41 -3.34 -11.59 -14.25
C SER A 41 -2.16 -11.27 -15.17
N THR A 42 -1.93 -12.13 -16.15
CA THR A 42 -0.83 -11.95 -17.09
C THR A 42 -1.14 -10.78 -18.03
N GLU A 43 -2.38 -10.71 -18.49
CA GLU A 43 -2.80 -9.64 -19.39
C GLU A 43 -2.98 -8.34 -18.62
N ARG A 44 -3.41 -8.46 -17.36
CA ARG A 44 -3.63 -7.29 -16.51
C ARG A 44 -2.32 -6.57 -16.25
N MET A 45 -1.36 -7.28 -15.66
CA MET A 45 -0.05 -6.72 -15.36
C MET A 45 0.57 -6.09 -16.59
N VAL A 46 0.45 -6.76 -17.73
CA VAL A 46 0.99 -6.26 -18.98
C VAL A 46 0.23 -5.02 -19.45
N LEU A 47 -1.09 -5.03 -19.24
CA LEU A 47 -1.93 -3.90 -19.63
C LEU A 47 -1.58 -2.65 -18.83
N CYS A 48 -1.38 -2.83 -17.53
CA CYS A 48 -1.05 -1.72 -16.65
C CYS A 48 0.18 -0.97 -17.17
N SER A 49 1.05 -1.69 -17.87
CA SER A 49 2.26 -1.09 -18.42
C SER A 49 1.93 -0.25 -19.65
N GLN A 50 1.01 -0.73 -20.47
CA GLN A 50 0.60 -0.04 -21.68
C GLN A 50 -0.29 1.16 -21.35
N GLN A 51 -1.32 0.91 -20.55
CA GLN A 51 -2.24 1.97 -20.15
C GLN A 51 -1.52 3.10 -19.44
N TRP A 52 -0.47 2.74 -18.69
CA TRP A 52 0.31 3.72 -17.95
C TRP A 52 1.23 4.50 -18.89
N LYS A 53 1.60 3.87 -20.00
CA LYS A 53 2.48 4.50 -20.98
C LYS A 53 1.69 5.46 -21.88
N LEU A 54 0.41 5.18 -22.06
CA LEU A 54 -0.44 6.02 -22.90
C LEU A 54 -1.10 7.13 -22.09
N LEU A 55 -1.29 6.89 -20.80
CA LEU A 55 -1.92 7.87 -19.93
C LEU A 55 -1.16 9.19 -19.96
N SER A 56 -1.91 10.30 -19.91
CA SER A 56 -1.30 11.63 -19.95
C SER A 56 -0.86 12.06 -18.55
N GLN A 57 -0.20 13.21 -18.48
CA GLN A 57 0.28 13.74 -17.21
C GLN A 57 -0.87 13.96 -16.24
N LYS A 58 -1.94 14.57 -16.73
CA LYS A 58 -3.11 14.84 -15.90
C LYS A 58 -3.67 13.55 -15.31
N GLU A 59 -3.62 12.48 -16.10
CA GLU A 59 -4.12 11.18 -15.65
C GLU A 59 -3.20 10.58 -14.60
N LYS A 60 -1.90 10.53 -14.90
CA LYS A 60 -0.92 9.98 -13.99
C LYS A 60 -0.90 10.77 -12.68
N ASP A 61 -1.14 12.07 -12.77
CA ASP A 61 -1.16 12.93 -11.60
C ASP A 61 -2.32 12.59 -10.68
N ALA A 62 -3.45 12.21 -11.28
CA ALA A 62 -4.64 11.85 -10.52
C ALA A 62 -4.36 10.65 -9.62
N TYR A 63 -3.61 9.69 -10.13
CA TYR A 63 -3.27 8.49 -9.38
C TYR A 63 -2.22 8.81 -8.30
N HIS A 64 -1.39 9.80 -8.59
CA HIS A 64 -0.34 10.21 -7.65
C HIS A 64 -0.95 10.65 -6.32
N LYS A 65 -2.08 11.36 -6.40
CA LYS A 65 -2.76 11.83 -5.20
C LYS A 65 -3.23 10.66 -4.34
N LYS A 66 -3.64 9.58 -5.01
CA LYS A 66 -4.10 8.39 -4.31
C LYS A 66 -2.95 7.73 -3.54
N CYS A 67 -1.81 7.60 -4.22
CA CYS A 67 -0.63 6.99 -3.60
C CYS A 67 -0.19 7.81 -2.39
N ASP A 68 -0.08 9.12 -2.59
CA ASP A 68 0.32 10.02 -1.52
C ASP A 68 -0.71 10.01 -0.40
N GLN A 69 -1.98 9.91 -0.77
CA GLN A 69 -3.07 9.88 0.20
C GLN A 69 -2.93 8.66 1.10
N LYS A 70 -2.57 7.53 0.50
CA LYS A 70 -2.39 6.29 1.25
C LYS A 70 -1.31 6.46 2.31
N LYS A 71 -0.26 7.20 1.95
CA LYS A 71 0.85 7.44 2.87
C LYS A 71 0.38 8.27 4.06
N LYS A 72 -0.45 9.28 3.77
CA LYS A 72 -0.98 10.15 4.82
C LYS A 72 -1.81 9.34 5.81
N ASP A 73 -2.57 8.38 5.27
CA ASP A 73 -3.41 7.53 6.11
C ASP A 73 -2.56 6.54 6.89
N TYR A 74 -1.54 6.00 6.23
CA TYR A 74 -0.65 5.04 6.87
C TYR A 74 0.05 5.68 8.06
N GLU A 75 0.46 6.93 7.90
CA GLU A 75 1.13 7.66 8.97
C GLU A 75 0.17 7.91 10.13
N VAL A 76 -1.04 8.34 9.81
CA VAL A 76 -2.06 8.61 10.82
C VAL A 76 -2.51 7.32 11.50
N GLU A 77 -2.88 6.34 10.68
CA GLU A 77 -3.34 5.04 11.20
C GLU A 77 -2.25 4.40 12.05
N LEU A 78 -0.99 4.65 11.69
CA LEU A 78 0.14 4.10 12.43
C LEU A 78 0.35 4.88 13.73
N LEU A 79 0.13 6.18 13.67
CA LEU A 79 0.29 7.03 14.84
C LEU A 79 -0.79 6.77 15.87
N ARG A 80 -2.05 6.82 15.42
CA ARG A 80 -3.19 6.58 16.30
C ARG A 80 -3.10 5.18 16.92
N PHE A 81 -2.55 4.24 16.15
CA PHE A 81 -2.40 2.87 16.62
C PHE A 81 -1.25 2.76 17.60
N LEU A 82 -0.11 3.37 17.25
CA LEU A 82 1.08 3.34 18.10
C LEU A 82 0.76 3.91 19.48
N GLU A 83 0.34 5.17 19.52
CA GLU A 83 0.00 5.82 20.78
C GLU A 83 -0.97 4.96 21.58
N SER A 84 -1.83 4.24 20.88
CA SER A 84 -2.81 3.37 21.52
C SER A 84 -2.11 2.28 22.34
N LEU A 85 -0.95 1.86 21.85
CA LEU A 85 -0.17 0.83 22.53
C LEU A 85 0.82 1.45 23.51
N PRO A 86 1.25 0.69 24.53
CA PRO A 86 2.21 1.19 25.53
C PRO A 86 3.56 1.52 24.92
N GLU A 87 4.45 2.07 25.75
CA GLU A 87 5.79 2.43 25.29
C GLU A 87 6.52 1.21 24.74
N GLU A 88 6.49 0.12 25.49
CA GLU A 88 7.15 -1.11 25.07
C GLU A 88 6.67 -1.55 23.70
N GLU A 89 5.35 -1.64 23.54
CA GLU A 89 4.75 -2.03 22.27
C GLU A 89 5.14 -1.03 21.18
N GLN A 90 4.99 0.25 21.48
CA GLN A 90 5.31 1.31 20.53
C GLN A 90 6.78 1.21 20.10
N GLN A 91 7.62 0.74 21.01
CA GLN A 91 9.05 0.59 20.72
C GLN A 91 9.29 -0.50 19.69
N ARG A 92 8.49 -1.56 19.78
CA ARG A 92 8.61 -2.69 18.85
C ARG A 92 8.25 -2.26 17.43
N VAL A 93 7.12 -1.56 17.29
CA VAL A 93 6.67 -1.10 15.99
C VAL A 93 7.54 0.04 15.48
N LEU A 94 7.83 1.00 16.34
CA LEU A 94 8.66 2.15 15.97
C LEU A 94 10.11 1.71 15.76
N GLY A 95 10.55 0.75 16.54
CA GLY A 95 11.92 0.26 16.42
C GLY A 95 12.08 -0.75 15.28
N GLU A 96 10.99 -1.05 14.58
CA GLU A 96 11.03 -2.00 13.47
C GLU A 96 10.60 -1.33 12.17
N GLU A 97 9.57 -0.50 12.24
CA GLU A 97 9.07 0.19 11.06
C GLU A 97 9.72 1.56 10.91
N LYS A 98 9.60 2.39 11.95
CA LYS A 98 10.18 3.72 11.93
C LYS A 98 11.68 3.68 11.65
N MET A 99 12.32 2.58 12.04
CA MET A 99 13.75 2.40 11.83
C MET A 99 14.06 2.20 10.35
N LEU A 100 13.13 1.59 9.63
CA LEU A 100 13.30 1.33 8.21
C LEU A 100 12.65 2.42 7.37
N ASN A 101 13.31 3.57 7.29
CA ASN A 101 12.80 4.70 6.52
C ASN A 101 13.71 4.99 5.33
N ILE A 102 14.36 3.96 4.80
CA ILE A 102 15.25 4.11 3.67
C ILE A 102 14.47 4.24 2.36
N SER A 103 14.85 5.23 1.55
CA SER A 103 14.18 5.45 0.27
C SER A 103 14.75 4.54 -0.81
N GLY A 104 13.93 4.22 -1.81
CA GLY A 104 14.37 3.37 -2.89
C GLY A 104 15.06 4.13 -4.00
N PRO A 105 14.31 4.54 -5.04
CA PRO A 105 14.87 5.28 -6.17
C PRO A 105 15.22 6.72 -5.80
N SER A 106 15.61 7.50 -6.80
CA SER A 106 15.97 8.89 -6.58
C SER A 106 17.14 9.01 -5.60
N SER A 107 17.71 10.21 -5.50
CA SER A 107 18.83 10.44 -4.61
C SER A 107 18.86 11.89 -4.14
N GLY A 108 19.84 12.22 -3.29
CA GLY A 108 19.94 13.57 -2.78
C GLY A 108 19.55 13.67 -1.31
N GLY A 1 3.60 -15.46 24.23
CA GLY A 1 3.62 -16.91 24.63
C GLY A 1 3.45 -17.83 23.44
N SER A 2 4.33 -17.67 22.44
CA SER A 2 4.29 -18.50 21.24
C SER A 2 3.05 -18.18 20.41
N SER A 3 1.88 -18.53 20.92
CA SER A 3 0.63 -18.28 20.22
C SER A 3 -0.44 -17.75 21.17
N GLY A 4 -1.35 -16.96 20.64
CA GLY A 4 -2.41 -16.39 21.46
C GLY A 4 -3.65 -16.07 20.66
N SER A 5 -3.70 -14.86 20.11
CA SER A 5 -4.85 -14.42 19.31
C SER A 5 -4.40 -13.79 18.01
N SER A 6 -4.68 -14.45 16.89
CA SER A 6 -4.30 -13.94 15.58
C SER A 6 -4.99 -14.73 14.48
N GLY A 7 -5.75 -14.03 13.65
CA GLY A 7 -6.45 -14.69 12.56
C GLY A 7 -5.51 -15.27 11.52
N GLN A 8 -4.48 -14.50 11.16
CA GLN A 8 -3.50 -14.94 10.17
C GLN A 8 -2.14 -15.15 10.82
N LEU A 9 -1.15 -15.52 10.01
CA LEU A 9 0.20 -15.75 10.50
C LEU A 9 1.07 -14.53 10.28
N LYS A 10 0.96 -13.92 9.10
CA LYS A 10 1.74 -12.74 8.76
C LYS A 10 1.32 -11.55 9.60
N ASP A 11 0.01 -11.34 9.71
CA ASP A 11 -0.53 -10.24 10.50
C ASP A 11 -0.06 -8.89 9.93
N LYS A 12 0.07 -8.84 8.61
CA LYS A 12 0.51 -7.61 7.94
C LYS A 12 -0.66 -6.66 7.73
N PHE A 13 -1.84 -7.21 7.49
CA PHE A 13 -3.04 -6.40 7.28
C PHE A 13 -3.95 -6.46 8.50
N ASP A 14 -3.36 -6.41 9.69
CA ASP A 14 -4.13 -6.45 10.92
C ASP A 14 -3.46 -5.61 12.01
N GLY A 15 -2.14 -5.77 12.16
CA GLY A 15 -1.42 -5.01 13.16
C GLY A 15 -0.79 -3.76 12.59
N ARG A 16 -1.33 -3.27 11.49
CA ARG A 16 -0.82 -2.06 10.85
C ARG A 16 -1.87 -1.44 9.93
N PRO A 17 -1.84 -0.11 9.76
CA PRO A 17 -2.79 0.60 8.90
C PRO A 17 -2.59 0.28 7.42
N THR A 18 -3.23 1.05 6.56
CA THR A 18 -3.12 0.85 5.12
C THR A 18 -1.73 1.23 4.62
N LYS A 19 -0.98 0.23 4.18
CA LYS A 19 0.37 0.47 3.67
C LYS A 19 0.34 1.15 2.30
N PRO A 20 0.77 2.42 2.22
CA PRO A 20 0.78 3.17 0.96
C PRO A 20 1.77 2.59 -0.05
N PRO A 21 1.36 2.43 -1.32
CA PRO A 21 2.23 1.88 -2.37
C PRO A 21 3.49 2.73 -2.55
N PRO A 22 4.45 2.25 -3.35
CA PRO A 22 5.70 2.96 -3.61
C PRO A 22 5.48 4.23 -4.42
N ASN A 23 4.64 4.13 -5.44
CA ASN A 23 4.34 5.28 -6.30
C ASN A 23 3.03 5.07 -7.05
N SER A 24 2.72 5.99 -7.96
CA SER A 24 1.50 5.91 -8.75
C SER A 24 1.51 4.68 -9.66
N TYR A 25 2.69 4.37 -10.21
CA TYR A 25 2.84 3.22 -11.09
C TYR A 25 2.36 1.94 -10.42
N SER A 26 2.95 1.62 -9.27
CA SER A 26 2.58 0.43 -8.53
C SER A 26 1.12 0.48 -8.11
N LEU A 27 0.68 1.63 -7.65
CA LEU A 27 -0.70 1.82 -7.22
C LEU A 27 -1.67 1.57 -8.37
N TYR A 28 -1.40 2.20 -9.51
CA TYR A 28 -2.23 2.04 -10.68
C TYR A 28 -2.27 0.60 -11.13
N CYS A 29 -1.12 -0.08 -11.05
CA CYS A 29 -1.03 -1.48 -11.43
C CYS A 29 -2.00 -2.34 -10.63
N ALA A 30 -2.01 -2.13 -9.32
CA ALA A 30 -2.89 -2.87 -8.43
C ALA A 30 -4.34 -2.42 -8.62
N GLU A 31 -4.52 -1.15 -8.97
CA GLU A 31 -5.85 -0.60 -9.18
C GLU A 31 -6.49 -1.20 -10.42
N LEU A 32 -5.74 -1.24 -11.52
CA LEU A 32 -6.24 -1.80 -12.77
C LEU A 32 -6.53 -3.29 -12.60
N MET A 33 -5.56 -4.03 -12.07
CA MET A 33 -5.73 -5.47 -11.86
C MET A 33 -6.99 -5.74 -11.06
N ALA A 34 -7.23 -4.93 -10.03
CA ALA A 34 -8.41 -5.09 -9.18
C ALA A 34 -9.69 -4.94 -10.01
N ASN A 35 -9.61 -4.12 -11.05
CA ASN A 35 -10.77 -3.89 -11.92
C ASN A 35 -10.79 -4.92 -13.04
N MET A 36 -9.61 -5.35 -13.47
CA MET A 36 -9.50 -6.35 -14.53
C MET A 36 -9.81 -7.74 -14.01
N LYS A 37 -11.02 -7.93 -13.50
CA LYS A 37 -11.45 -9.21 -12.97
C LYS A 37 -11.47 -10.28 -14.07
N ASP A 38 -11.86 -9.87 -15.27
CA ASP A 38 -11.92 -10.79 -16.40
C ASP A 38 -10.63 -10.75 -17.22
N VAL A 39 -9.50 -10.75 -16.52
CA VAL A 39 -8.19 -10.69 -17.16
C VAL A 39 -7.14 -11.42 -16.33
N PRO A 40 -6.38 -12.34 -16.96
CA PRO A 40 -5.33 -13.10 -16.26
C PRO A 40 -4.19 -12.20 -15.78
N SER A 41 -3.60 -12.56 -14.64
CA SER A 41 -2.50 -11.79 -14.07
C SER A 41 -1.47 -11.42 -15.13
N THR A 42 -1.33 -12.28 -16.14
CA THR A 42 -0.39 -12.04 -17.22
C THR A 42 -0.84 -10.86 -18.07
N GLU A 43 -2.14 -10.80 -18.33
CA GLU A 43 -2.70 -9.72 -19.13
C GLU A 43 -2.83 -8.45 -18.31
N ARG A 44 -3.16 -8.61 -17.03
CA ARG A 44 -3.30 -7.48 -16.12
C ARG A 44 -2.00 -6.71 -16.00
N MET A 45 -0.94 -7.41 -15.59
CA MET A 45 0.37 -6.81 -15.43
C MET A 45 0.81 -6.13 -16.72
N VAL A 46 0.57 -6.79 -17.85
CA VAL A 46 0.95 -6.24 -19.15
C VAL A 46 0.04 -5.07 -19.52
N LEU A 47 -1.22 -5.13 -19.08
CA LEU A 47 -2.17 -4.07 -19.36
C LEU A 47 -1.81 -2.80 -18.60
N CYS A 48 -1.49 -2.94 -17.33
CA CYS A 48 -1.12 -1.81 -16.49
C CYS A 48 0.00 -0.99 -17.13
N SER A 49 0.84 -1.65 -17.92
CA SER A 49 1.93 -0.98 -18.59
C SER A 49 1.43 -0.14 -19.77
N GLN A 50 0.53 -0.73 -20.56
CA GLN A 50 -0.03 -0.03 -21.71
C GLN A 50 -0.94 1.10 -21.27
N GLN A 51 -1.89 0.78 -20.41
CA GLN A 51 -2.84 1.77 -19.91
C GLN A 51 -2.11 2.95 -19.26
N TRP A 52 -0.95 2.67 -18.67
CA TRP A 52 -0.15 3.69 -18.01
C TRP A 52 0.65 4.49 -19.04
N LYS A 53 0.99 3.85 -20.15
CA LYS A 53 1.76 4.50 -21.20
C LYS A 53 0.89 5.41 -22.05
N LEU A 54 -0.38 5.05 -22.20
CA LEU A 54 -1.31 5.84 -22.98
C LEU A 54 -1.84 7.03 -22.19
N LEU A 55 -1.94 6.86 -20.87
CA LEU A 55 -2.42 7.92 -20.00
C LEU A 55 -1.52 9.15 -20.09
N SER A 56 -2.13 10.33 -20.05
CA SER A 56 -1.39 11.58 -20.13
C SER A 56 -0.87 11.99 -18.76
N GLN A 57 -0.14 13.10 -18.71
CA GLN A 57 0.43 13.60 -17.46
C GLN A 57 -0.68 13.94 -16.47
N LYS A 58 -1.74 14.57 -16.96
CA LYS A 58 -2.87 14.95 -16.13
C LYS A 58 -3.50 13.73 -15.47
N GLU A 59 -3.60 12.65 -16.23
CA GLU A 59 -4.18 11.41 -15.74
C GLU A 59 -3.25 10.75 -14.72
N LYS A 60 -1.97 10.67 -15.06
CA LYS A 60 -0.99 10.07 -14.17
C LYS A 60 -0.86 10.85 -12.87
N ASP A 61 -1.06 12.17 -12.96
CA ASP A 61 -0.98 13.03 -11.79
C ASP A 61 -2.06 12.69 -10.79
N ALA A 62 -3.23 12.31 -11.29
CA ALA A 62 -4.36 11.95 -10.43
C ALA A 62 -3.99 10.77 -9.53
N TYR A 63 -3.44 9.72 -10.13
CA TYR A 63 -3.04 8.54 -9.38
C TYR A 63 -1.94 8.87 -8.39
N HIS A 64 -1.11 9.86 -8.74
CA HIS A 64 -0.01 10.27 -7.87
C HIS A 64 -0.54 10.82 -6.56
N LYS A 65 -1.71 11.45 -6.62
CA LYS A 65 -2.34 12.03 -5.43
C LYS A 65 -2.80 10.93 -4.49
N LYS A 66 -3.32 9.84 -5.05
CA LYS A 66 -3.80 8.72 -4.25
C LYS A 66 -2.65 8.11 -3.46
N CYS A 67 -1.50 7.93 -4.11
CA CYS A 67 -0.34 7.36 -3.46
C CYS A 67 0.11 8.23 -2.30
N ASP A 68 0.13 9.54 -2.52
CA ASP A 68 0.52 10.49 -1.49
C ASP A 68 -0.55 10.58 -0.41
N GLN A 69 -1.81 10.46 -0.82
CA GLN A 69 -2.92 10.53 0.11
C GLN A 69 -2.85 9.38 1.11
N LYS A 70 -2.54 8.18 0.61
CA LYS A 70 -2.45 7.00 1.45
C LYS A 70 -1.37 7.19 2.51
N LYS A 71 -0.26 7.84 2.13
CA LYS A 71 0.84 8.10 3.04
C LYS A 71 0.36 8.92 4.23
N LYS A 72 -0.47 9.92 3.94
CA LYS A 72 -1.01 10.79 4.99
C LYS A 72 -1.87 9.98 5.96
N ASP A 73 -2.63 9.04 5.42
CA ASP A 73 -3.50 8.20 6.24
C ASP A 73 -2.67 7.16 6.99
N TYR A 74 -1.68 6.59 6.31
CA TYR A 74 -0.81 5.58 6.90
C TYR A 74 -0.12 6.14 8.14
N GLU A 75 0.37 7.36 8.03
CA GLU A 75 1.06 8.02 9.14
C GLU A 75 0.09 8.22 10.31
N VAL A 76 -1.07 8.80 10.02
CA VAL A 76 -2.07 9.05 11.04
C VAL A 76 -2.59 7.74 11.63
N GLU A 77 -3.07 6.86 10.76
CA GLU A 77 -3.60 5.56 11.19
C GLU A 77 -2.55 4.79 11.98
N LEU A 78 -1.29 4.96 11.60
CA LEU A 78 -0.19 4.29 12.27
C LEU A 78 0.10 4.95 13.62
N LEU A 79 -0.11 6.26 13.68
CA LEU A 79 0.12 7.01 14.91
C LEU A 79 -0.94 6.69 15.96
N ARG A 80 -2.21 6.83 15.57
CA ARG A 80 -3.31 6.56 16.48
C ARG A 80 -3.26 5.11 16.96
N PHE A 81 -2.77 4.23 16.09
CA PHE A 81 -2.66 2.81 16.44
C PHE A 81 -1.49 2.58 17.38
N LEU A 82 -0.35 3.19 17.06
CA LEU A 82 0.85 3.05 17.88
C LEU A 82 0.59 3.51 19.30
N GLU A 83 0.20 4.78 19.45
CA GLU A 83 -0.09 5.35 20.76
C GLU A 83 -1.05 4.46 21.54
N SER A 84 -1.95 3.80 20.80
CA SER A 84 -2.94 2.92 21.41
C SER A 84 -2.25 1.76 22.11
N LEU A 85 -1.14 1.31 21.54
CA LEU A 85 -0.38 0.20 22.10
C LEU A 85 0.62 0.71 23.13
N PRO A 86 1.05 -0.18 24.07
CA PRO A 86 2.01 0.20 25.11
C PRO A 86 3.37 0.56 24.55
N GLU A 87 4.27 1.00 25.43
CA GLU A 87 5.62 1.37 25.01
C GLU A 87 6.33 0.19 24.36
N GLU A 88 6.21 -0.98 24.97
CA GLU A 88 6.85 -2.19 24.45
C GLU A 88 6.38 -2.46 23.03
N GLU A 89 5.06 -2.48 22.83
CA GLU A 89 4.49 -2.72 21.51
C GLU A 89 4.91 -1.64 20.53
N GLN A 90 4.76 -0.38 20.96
CA GLN A 90 5.13 0.76 20.13
C GLN A 90 6.60 0.69 19.73
N GLN A 91 7.44 0.21 20.65
CA GLN A 91 8.87 0.10 20.39
C GLN A 91 9.14 -0.86 19.23
N ARG A 92 8.38 -1.94 19.17
CA ARG A 92 8.54 -2.93 18.11
C ARG A 92 8.08 -2.38 16.77
N VAL A 93 6.84 -1.90 16.73
CA VAL A 93 6.27 -1.33 15.51
C VAL A 93 7.06 -0.11 15.05
N LEU A 94 7.42 0.75 16.01
CA LEU A 94 8.17 1.96 15.68
C LEU A 94 9.56 1.61 15.16
N GLY A 95 10.14 0.54 15.70
CA GLY A 95 11.47 0.13 15.27
C GLY A 95 11.44 -0.66 13.97
N GLU A 96 10.25 -0.86 13.41
CA GLU A 96 10.10 -1.60 12.17
C GLU A 96 9.48 -0.74 11.08
N GLU A 97 8.46 0.03 11.45
CA GLU A 97 7.77 0.91 10.50
C GLU A 97 8.39 2.31 10.51
N LYS A 98 8.43 2.92 11.68
CA LYS A 98 8.98 4.27 11.82
C LYS A 98 10.43 4.31 11.35
N MET A 99 11.12 3.18 11.45
CA MET A 99 12.51 3.10 11.04
C MET A 99 12.64 3.08 9.52
N LEU A 100 11.63 2.53 8.86
CA LEU A 100 11.62 2.46 7.40
C LEU A 100 10.74 3.55 6.79
N ASN A 101 11.34 4.71 6.54
CA ASN A 101 10.61 5.83 5.97
C ASN A 101 11.17 6.20 4.59
N ILE A 102 11.72 5.20 3.90
CA ILE A 102 12.30 5.42 2.58
C ILE A 102 11.98 4.26 1.64
N SER A 103 12.45 4.36 0.40
CA SER A 103 12.23 3.32 -0.58
C SER A 103 13.49 3.03 -1.38
N GLY A 104 13.91 1.76 -1.38
CA GLY A 104 15.11 1.38 -2.10
C GLY A 104 16.03 0.52 -1.26
N PRO A 105 16.99 1.14 -0.55
CA PRO A 105 17.94 0.41 0.30
C PRO A 105 17.27 -0.20 1.54
N SER A 106 16.98 -1.49 1.46
CA SER A 106 16.35 -2.19 2.56
C SER A 106 17.32 -3.14 3.25
N SER A 107 16.92 -3.70 4.39
CA SER A 107 17.75 -4.62 5.13
C SER A 107 17.46 -6.06 4.74
N GLY A 108 18.19 -6.99 5.34
CA GLY A 108 18.00 -8.40 5.04
C GLY A 108 18.63 -8.81 3.73
N GLY A 1 -5.33 -15.74 7.11
CA GLY A 1 -4.63 -16.99 6.71
C GLY A 1 -5.26 -18.23 7.33
N SER A 2 -6.04 -18.95 6.54
CA SER A 2 -6.70 -20.15 7.02
C SER A 2 -5.73 -21.33 7.04
N SER A 3 -4.79 -21.34 6.10
CA SER A 3 -3.80 -22.40 6.01
C SER A 3 -2.39 -21.86 6.27
N GLY A 4 -1.78 -22.32 7.35
CA GLY A 4 -0.44 -21.88 7.69
C GLY A 4 -0.42 -20.98 8.91
N SER A 5 0.50 -21.26 9.83
CA SER A 5 0.63 -20.48 11.06
C SER A 5 1.61 -19.34 10.87
N SER A 6 2.66 -19.59 10.09
CA SER A 6 3.68 -18.58 9.82
C SER A 6 3.22 -17.62 8.73
N GLY A 7 3.25 -18.09 7.49
CA GLY A 7 2.84 -17.25 6.37
C GLY A 7 3.85 -16.18 6.05
N GLN A 8 3.98 -15.20 6.94
CA GLN A 8 4.92 -14.10 6.74
C GLN A 8 5.74 -13.85 8.00
N LEU A 9 6.97 -13.37 7.83
CA LEU A 9 7.84 -13.09 8.95
C LEU A 9 7.93 -11.59 9.22
N LYS A 10 6.88 -10.86 8.83
CA LYS A 10 6.83 -9.42 9.04
C LYS A 10 5.63 -9.02 9.88
N ASP A 11 4.47 -9.61 9.58
CA ASP A 11 3.25 -9.33 10.32
C ASP A 11 2.91 -7.85 10.25
N LYS A 12 3.07 -7.26 9.07
CA LYS A 12 2.78 -5.84 8.86
C LYS A 12 1.40 -5.65 8.24
N PHE A 13 0.48 -6.55 8.57
CA PHE A 13 -0.88 -6.49 8.05
C PHE A 13 -1.87 -7.05 9.05
N ASP A 14 -1.57 -6.89 10.34
CA ASP A 14 -2.44 -7.38 11.40
C ASP A 14 -2.99 -6.22 12.24
N GLY A 15 -2.09 -5.39 12.75
CA GLY A 15 -2.49 -4.26 13.55
C GLY A 15 -2.18 -2.93 12.90
N ARG A 16 -1.14 -2.92 12.06
CA ARG A 16 -0.74 -1.71 11.36
C ARG A 16 -1.86 -1.19 10.45
N PRO A 17 -1.85 0.10 10.13
CA PRO A 17 -2.86 0.71 9.27
C PRO A 17 -2.70 0.31 7.80
N THR A 18 -3.40 0.99 6.91
CA THR A 18 -3.33 0.71 5.49
C THR A 18 -1.97 1.10 4.92
N LYS A 19 -1.22 0.11 4.46
CA LYS A 19 0.11 0.35 3.90
C LYS A 19 0.00 0.96 2.50
N PRO A 20 0.44 2.22 2.34
CA PRO A 20 0.39 2.91 1.05
C PRO A 20 1.42 2.39 0.06
N PRO A 21 1.04 2.25 -1.23
CA PRO A 21 1.96 1.74 -2.27
C PRO A 21 3.21 2.61 -2.40
N PRO A 22 4.20 2.15 -3.18
CA PRO A 22 5.45 2.89 -3.39
C PRO A 22 5.24 4.17 -4.19
N ASN A 23 4.42 4.07 -5.24
CA ASN A 23 4.13 5.22 -6.09
C ASN A 23 2.88 4.98 -6.92
N SER A 24 2.54 5.95 -7.77
CA SER A 24 1.35 5.84 -8.62
C SER A 24 1.46 4.65 -9.57
N TYR A 25 2.68 4.38 -10.02
CA TYR A 25 2.92 3.26 -10.94
C TYR A 25 2.37 1.95 -10.38
N SER A 26 2.80 1.60 -9.18
CA SER A 26 2.35 0.38 -8.53
C SER A 26 0.88 0.48 -8.14
N LEU A 27 0.49 1.65 -7.65
CA LEU A 27 -0.89 1.88 -7.23
C LEU A 27 -1.85 1.67 -8.40
N TYR A 28 -1.48 2.19 -9.57
CA TYR A 28 -2.31 2.04 -10.76
C TYR A 28 -2.39 0.59 -11.19
N CYS A 29 -1.27 -0.12 -11.08
CA CYS A 29 -1.21 -1.53 -11.45
C CYS A 29 -2.25 -2.34 -10.69
N ALA A 30 -2.30 -2.13 -9.37
CA ALA A 30 -3.26 -2.83 -8.53
C ALA A 30 -4.68 -2.37 -8.81
N GLU A 31 -4.82 -1.10 -9.20
CA GLU A 31 -6.13 -0.54 -9.51
C GLU A 31 -6.70 -1.16 -10.78
N LEU A 32 -5.89 -1.25 -11.81
CA LEU A 32 -6.33 -1.83 -13.08
C LEU A 32 -6.61 -3.32 -12.92
N MET A 33 -5.68 -4.03 -12.30
CA MET A 33 -5.83 -5.47 -12.09
C MET A 33 -7.14 -5.76 -11.35
N ALA A 34 -7.51 -4.88 -10.43
CA ALA A 34 -8.74 -5.04 -9.67
C ALA A 34 -9.95 -4.93 -10.58
N ASN A 35 -9.83 -4.12 -11.63
CA ASN A 35 -10.91 -3.92 -12.58
C ASN A 35 -10.86 -4.98 -13.68
N MET A 36 -9.65 -5.41 -14.01
CA MET A 36 -9.45 -6.42 -15.04
C MET A 36 -9.75 -7.81 -14.50
N LYS A 37 -10.98 -8.01 -14.05
CA LYS A 37 -11.41 -9.29 -13.49
C LYS A 37 -11.32 -10.39 -14.56
N ASP A 38 -11.63 -10.04 -15.79
CA ASP A 38 -11.60 -10.99 -16.90
C ASP A 38 -10.25 -10.93 -17.62
N VAL A 39 -9.18 -10.88 -16.84
CA VAL A 39 -7.84 -10.83 -17.40
C VAL A 39 -6.83 -11.50 -16.47
N PRO A 40 -5.97 -12.40 -17.00
CA PRO A 40 -4.96 -13.09 -16.21
C PRO A 40 -3.87 -12.16 -15.70
N SER A 41 -3.34 -12.45 -14.52
CA SER A 41 -2.29 -11.63 -13.91
C SER A 41 -1.21 -11.29 -14.93
N THR A 42 -1.01 -12.18 -15.90
CA THR A 42 -0.01 -11.97 -16.94
C THR A 42 -0.45 -10.85 -17.88
N GLU A 43 -1.74 -10.84 -18.21
CA GLU A 43 -2.28 -9.83 -19.10
C GLU A 43 -2.52 -8.52 -18.34
N ARG A 44 -2.90 -8.64 -17.07
CA ARG A 44 -3.14 -7.47 -16.25
C ARG A 44 -1.86 -6.65 -16.09
N MET A 45 -0.82 -7.30 -15.58
CA MET A 45 0.47 -6.65 -15.38
C MET A 45 0.96 -5.99 -16.67
N VAL A 46 0.79 -6.69 -17.78
CA VAL A 46 1.21 -6.17 -19.08
C VAL A 46 0.33 -4.99 -19.50
N LEU A 47 -0.96 -5.07 -19.16
CA LEU A 47 -1.90 -4.02 -19.50
C LEU A 47 -1.60 -2.74 -18.74
N CYS A 48 -1.33 -2.88 -17.44
CA CYS A 48 -1.01 -1.74 -16.59
C CYS A 48 0.15 -0.94 -17.17
N SER A 49 1.04 -1.62 -17.88
CA SER A 49 2.19 -0.97 -18.49
C SER A 49 1.77 -0.12 -19.68
N GLN A 50 0.89 -0.67 -20.51
CA GLN A 50 0.41 0.03 -21.69
C GLN A 50 -0.52 1.18 -21.29
N GLN A 51 -1.52 0.87 -20.47
CA GLN A 51 -2.47 1.87 -20.02
C GLN A 51 -1.76 3.03 -19.33
N TRP A 52 -0.64 2.72 -18.66
CA TRP A 52 0.14 3.73 -17.97
C TRP A 52 0.99 4.54 -18.94
N LYS A 53 1.35 3.91 -20.06
CA LYS A 53 2.17 4.56 -21.07
C LYS A 53 1.33 5.49 -21.94
N LEU A 54 0.05 5.17 -22.08
CA LEU A 54 -0.85 5.98 -22.89
C LEU A 54 -1.48 7.09 -22.06
N LEU A 55 -1.64 6.85 -20.76
CA LEU A 55 -2.22 7.84 -19.86
C LEU A 55 -1.45 9.16 -19.92
N SER A 56 -2.18 10.27 -19.92
CA SER A 56 -1.56 11.59 -19.96
C SER A 56 -1.12 12.04 -18.58
N GLN A 57 -0.44 13.18 -18.52
CA GLN A 57 0.04 13.72 -17.25
C GLN A 57 -1.12 14.00 -16.31
N LYS A 58 -2.20 14.57 -16.85
CA LYS A 58 -3.37 14.89 -16.04
C LYS A 58 -3.95 13.63 -15.40
N GLU A 59 -3.81 12.50 -16.10
CA GLU A 59 -4.31 11.23 -15.61
C GLU A 59 -3.35 10.63 -14.59
N LYS A 60 -2.07 10.60 -14.94
CA LYS A 60 -1.05 10.05 -14.06
C LYS A 60 -1.00 10.82 -12.74
N ASP A 61 -1.32 12.10 -12.81
CA ASP A 61 -1.32 12.96 -11.61
C ASP A 61 -2.43 12.54 -10.65
N ALA A 62 -3.56 12.14 -11.20
CA ALA A 62 -4.70 11.71 -10.40
C ALA A 62 -4.33 10.53 -9.51
N TYR A 63 -3.60 9.58 -10.08
CA TYR A 63 -3.17 8.39 -9.34
C TYR A 63 -2.11 8.76 -8.31
N HIS A 64 -1.32 9.77 -8.62
CA HIS A 64 -0.27 10.23 -7.72
C HIS A 64 -0.87 10.74 -6.41
N LYS A 65 -1.99 11.45 -6.52
CA LYS A 65 -2.66 11.99 -5.35
C LYS A 65 -3.15 10.87 -4.43
N LYS A 66 -3.63 9.78 -5.05
CA LYS A 66 -4.12 8.64 -4.29
C LYS A 66 -2.99 7.99 -3.51
N CYS A 67 -1.86 7.79 -4.17
CA CYS A 67 -0.69 7.17 -3.53
C CYS A 67 -0.23 8.03 -2.35
N ASP A 68 -0.04 9.32 -2.61
CA ASP A 68 0.40 10.25 -1.58
C ASP A 68 -0.66 10.39 -0.49
N GLN A 69 -1.92 10.30 -0.90
CA GLN A 69 -3.04 10.41 0.04
C GLN A 69 -3.00 9.26 1.04
N LYS A 70 -2.72 8.06 0.56
CA LYS A 70 -2.65 6.88 1.41
C LYS A 70 -1.56 7.06 2.47
N LYS A 71 -0.51 7.77 2.11
CA LYS A 71 0.60 8.02 3.03
C LYS A 71 0.16 8.93 4.17
N LYS A 72 -0.66 9.93 3.83
CA LYS A 72 -1.17 10.87 4.82
C LYS A 72 -1.98 10.14 5.89
N ASP A 73 -2.89 9.27 5.44
CA ASP A 73 -3.73 8.49 6.35
C ASP A 73 -2.90 7.43 7.04
N TYR A 74 -1.92 6.88 6.33
CA TYR A 74 -1.05 5.85 6.88
C TYR A 74 -0.33 6.36 8.11
N GLU A 75 0.21 7.57 8.02
CA GLU A 75 0.92 8.18 9.14
C GLU A 75 -0.01 8.40 10.32
N VAL A 76 -1.15 9.01 10.06
CA VAL A 76 -2.14 9.27 11.10
C VAL A 76 -2.61 7.97 11.75
N GLU A 77 -3.10 7.06 10.91
CA GLU A 77 -3.59 5.77 11.39
C GLU A 77 -2.49 5.01 12.13
N LEU A 78 -1.25 5.21 11.68
CA LEU A 78 -0.10 4.56 12.29
C LEU A 78 0.30 5.27 13.57
N LEU A 79 0.11 6.58 13.61
CA LEU A 79 0.45 7.37 14.77
C LEU A 79 -0.57 7.16 15.89
N ARG A 80 -1.84 7.36 15.57
CA ARG A 80 -2.92 7.19 16.54
C ARG A 80 -2.89 5.78 17.13
N PHE A 81 -2.46 4.82 16.32
CA PHE A 81 -2.38 3.44 16.77
C PHE A 81 -1.16 3.22 17.66
N LEU A 82 0.01 3.62 17.17
CA LEU A 82 1.24 3.47 17.93
C LEU A 82 1.11 4.08 19.32
N GLU A 83 0.86 5.38 19.36
CA GLU A 83 0.71 6.09 20.64
C GLU A 83 -0.29 5.36 21.53
N SER A 84 -1.30 4.75 20.91
CA SER A 84 -2.32 4.03 21.65
C SER A 84 -1.71 2.87 22.42
N LEU A 85 -0.66 2.27 21.85
CA LEU A 85 0.03 1.16 22.48
C LEU A 85 1.16 1.65 23.37
N PRO A 86 1.58 0.84 24.36
CA PRO A 86 2.66 1.22 25.29
C PRO A 86 4.01 1.34 24.58
N GLU A 87 5.02 1.73 25.34
CA GLU A 87 6.36 1.89 24.79
C GLU A 87 6.88 0.57 24.22
N GLU A 88 6.71 -0.50 24.98
CA GLU A 88 7.16 -1.82 24.55
C GLU A 88 6.54 -2.19 23.20
N GLU A 89 5.22 -2.03 23.11
CA GLU A 89 4.50 -2.33 21.87
C GLU A 89 4.95 -1.40 20.76
N GLN A 90 4.98 -0.10 21.06
CA GLN A 90 5.39 0.90 20.08
C GLN A 90 6.81 0.62 19.57
N GLN A 91 7.63 0.01 20.43
CA GLN A 91 9.00 -0.32 20.07
C GLN A 91 9.03 -1.41 19.01
N ARG A 92 8.09 -2.34 19.09
CA ARG A 92 8.02 -3.44 18.13
C ARG A 92 7.59 -2.93 16.76
N VAL A 93 6.51 -2.17 16.72
CA VAL A 93 6.00 -1.64 15.47
C VAL A 93 6.98 -0.62 14.86
N LEU A 94 7.47 0.28 15.70
CA LEU A 94 8.42 1.30 15.26
C LEU A 94 9.79 0.69 15.01
N GLY A 95 10.15 -0.29 15.82
CA GLY A 95 11.45 -0.95 15.67
C GLY A 95 11.47 -1.95 14.54
N GLU A 96 10.33 -2.15 13.89
CA GLU A 96 10.24 -3.08 12.77
C GLU A 96 9.87 -2.37 11.47
N GLU A 97 9.02 -1.36 11.58
CA GLU A 97 8.59 -0.59 10.41
C GLU A 97 9.40 0.68 10.27
N LYS A 98 9.37 1.51 11.31
CA LYS A 98 10.10 2.77 11.31
C LYS A 98 11.59 2.56 11.06
N MET A 99 12.09 1.38 11.40
CA MET A 99 13.50 1.05 11.21
C MET A 99 13.77 0.63 9.77
N LEU A 100 12.77 -0.01 9.15
CA LEU A 100 12.91 -0.46 7.76
C LEU A 100 12.36 0.57 6.80
N ASN A 101 13.13 1.64 6.58
CA ASN A 101 12.72 2.71 5.67
C ASN A 101 13.48 2.61 4.35
N ILE A 102 13.83 1.39 3.96
CA ILE A 102 14.56 1.17 2.72
C ILE A 102 14.17 -0.16 2.09
N SER A 103 13.79 -0.14 0.82
CA SER A 103 13.40 -1.34 0.10
C SER A 103 14.63 -2.12 -0.35
N GLY A 104 15.49 -1.47 -1.12
CA GLY A 104 16.69 -2.12 -1.61
C GLY A 104 17.95 -1.51 -1.05
N PRO A 105 18.36 -1.92 0.16
CA PRO A 105 19.57 -1.39 0.81
C PRO A 105 20.80 -1.50 -0.09
N SER A 106 20.85 -2.57 -0.89
CA SER A 106 21.96 -2.79 -1.80
C SER A 106 21.49 -2.84 -3.25
N SER A 107 22.40 -3.17 -4.15
CA SER A 107 22.07 -3.25 -5.57
C SER A 107 23.26 -3.77 -6.38
N GLY A 108 24.45 -3.28 -6.05
CA GLY A 108 25.65 -3.71 -6.75
C GLY A 108 26.92 -3.28 -6.05
N GLY A 1 -22.15 -28.77 4.59
CA GLY A 1 -21.86 -27.97 5.80
C GLY A 1 -21.04 -28.73 6.83
N SER A 2 -19.74 -28.48 6.82
CA SER A 2 -18.84 -29.15 7.76
C SER A 2 -17.84 -28.17 8.35
N SER A 3 -17.13 -27.45 7.48
CA SER A 3 -16.14 -26.47 7.92
C SER A 3 -16.54 -25.06 7.48
N GLY A 4 -15.65 -24.10 7.72
CA GLY A 4 -15.93 -22.74 7.35
C GLY A 4 -14.88 -21.78 7.86
N SER A 5 -14.35 -22.04 9.04
CA SER A 5 -13.32 -21.20 9.64
C SER A 5 -13.84 -19.78 9.85
N SER A 6 -13.02 -18.93 10.45
CA SER A 6 -13.39 -17.55 10.70
C SER A 6 -12.17 -16.64 10.69
N GLY A 7 -12.31 -15.47 10.07
CA GLY A 7 -11.21 -14.52 10.01
C GLY A 7 -10.85 -14.15 8.58
N GLN A 8 -9.76 -13.40 8.42
CA GLN A 8 -9.32 -12.98 7.10
C GLN A 8 -7.94 -13.55 6.78
N LEU A 9 -7.47 -13.30 5.55
CA LEU A 9 -6.18 -13.80 5.12
C LEU A 9 -5.22 -12.65 4.86
N LYS A 10 -5.74 -11.56 4.30
CA LYS A 10 -4.92 -10.38 4.00
C LYS A 10 -4.28 -9.83 5.27
N ASP A 11 -5.06 -9.73 6.33
CA ASP A 11 -4.57 -9.22 7.61
C ASP A 11 -4.09 -7.79 7.46
N LYS A 12 -4.69 -7.04 6.53
CA LYS A 12 -4.31 -5.66 6.29
C LYS A 12 -4.71 -4.77 7.46
N PHE A 13 -5.80 -5.13 8.12
CA PHE A 13 -6.30 -4.37 9.26
C PHE A 13 -6.23 -5.20 10.54
N ASP A 14 -5.10 -5.10 11.24
CA ASP A 14 -4.90 -5.86 12.48
C ASP A 14 -3.83 -5.19 13.34
N GLY A 15 -2.60 -5.15 12.81
CA GLY A 15 -1.51 -4.55 13.55
C GLY A 15 -1.08 -3.21 12.98
N ARG A 16 -1.25 -3.05 11.67
CA ARG A 16 -0.88 -1.81 11.00
C ARG A 16 -2.05 -1.27 10.16
N PRO A 17 -2.10 0.05 9.96
CA PRO A 17 -3.16 0.70 9.19
C PRO A 17 -3.07 0.36 7.70
N THR A 18 -3.84 1.09 6.90
CA THR A 18 -3.84 0.88 5.45
C THR A 18 -2.46 1.07 4.86
N LYS A 19 -1.93 0.01 4.24
CA LYS A 19 -0.61 0.06 3.63
C LYS A 19 -0.62 0.92 2.37
N PRO A 20 0.06 2.07 2.39
CA PRO A 20 0.12 2.97 1.23
C PRO A 20 1.09 2.50 0.16
N PRO A 21 0.69 2.52 -1.12
CA PRO A 21 1.55 2.09 -2.23
C PRO A 21 2.86 2.87 -2.28
N PRO A 22 3.85 2.37 -3.03
CA PRO A 22 5.16 3.02 -3.17
C PRO A 22 5.09 4.29 -4.03
N ASN A 23 4.37 4.20 -5.14
CA ASN A 23 4.24 5.34 -6.05
C ASN A 23 2.98 5.19 -6.91
N SER A 24 2.81 6.11 -7.85
CA SER A 24 1.65 6.08 -8.74
C SER A 24 1.71 4.88 -9.69
N TYR A 25 2.92 4.58 -10.18
CA TYR A 25 3.11 3.45 -11.08
C TYR A 25 2.57 2.17 -10.47
N SER A 26 3.04 1.86 -9.26
CA SER A 26 2.61 0.65 -8.56
C SER A 26 1.15 0.77 -8.13
N LEU A 27 0.73 2.01 -7.84
CA LEU A 27 -0.64 2.26 -7.42
C LEU A 27 -1.62 1.93 -8.55
N TYR A 28 -1.37 2.50 -9.73
CA TYR A 28 -2.23 2.25 -10.88
C TYR A 28 -2.25 0.77 -11.24
N CYS A 29 -1.12 0.10 -11.04
CA CYS A 29 -1.00 -1.32 -11.33
C CYS A 29 -2.02 -2.12 -10.52
N ALA A 30 -2.10 -1.81 -9.22
CA ALA A 30 -3.03 -2.50 -8.34
C ALA A 30 -4.46 -2.05 -8.61
N GLU A 31 -4.61 -0.80 -9.04
CA GLU A 31 -5.93 -0.25 -9.33
C GLU A 31 -6.52 -0.90 -10.58
N LEU A 32 -5.68 -1.08 -11.59
CA LEU A 32 -6.12 -1.69 -12.84
C LEU A 32 -6.43 -3.17 -12.64
N MET A 33 -5.51 -3.89 -12.01
CA MET A 33 -5.69 -5.31 -11.76
C MET A 33 -6.99 -5.56 -10.99
N ALA A 34 -7.32 -4.65 -10.07
CA ALA A 34 -8.53 -4.76 -9.28
C ALA A 34 -9.76 -4.63 -10.16
N ASN A 35 -9.64 -3.83 -11.22
CA ASN A 35 -10.74 -3.63 -12.15
C ASN A 35 -10.74 -4.68 -13.25
N MET A 36 -9.54 -5.15 -13.59
CA MET A 36 -9.39 -6.18 -14.62
C MET A 36 -9.74 -7.56 -14.06
N LYS A 37 -10.96 -7.72 -13.59
CA LYS A 37 -11.42 -8.98 -13.03
C LYS A 37 -11.41 -10.09 -14.08
N ASP A 38 -11.70 -9.72 -15.32
CA ASP A 38 -11.72 -10.68 -16.41
C ASP A 38 -10.38 -10.69 -17.15
N VAL A 39 -9.29 -10.67 -16.39
CA VAL A 39 -7.96 -10.68 -16.96
C VAL A 39 -6.96 -11.37 -16.04
N PRO A 40 -6.14 -12.30 -16.58
CA PRO A 40 -5.14 -13.02 -15.77
C PRO A 40 -4.02 -12.12 -15.28
N SER A 41 -3.49 -12.42 -14.11
CA SER A 41 -2.40 -11.64 -13.52
C SER A 41 -1.31 -11.35 -14.55
N THR A 42 -1.15 -12.25 -15.51
CA THR A 42 -0.15 -12.09 -16.56
C THR A 42 -0.57 -10.98 -17.52
N GLU A 43 -1.86 -10.93 -17.82
CA GLU A 43 -2.39 -9.90 -18.72
C GLU A 43 -2.57 -8.59 -17.99
N ARG A 44 -2.94 -8.67 -16.71
CA ARG A 44 -3.13 -7.47 -15.90
C ARG A 44 -1.84 -6.70 -15.78
N MET A 45 -0.80 -7.36 -15.28
CA MET A 45 0.51 -6.74 -15.11
C MET A 45 0.99 -6.12 -16.43
N VAL A 46 0.78 -6.84 -17.52
CA VAL A 46 1.20 -6.36 -18.83
C VAL A 46 0.31 -5.20 -19.28
N LEU A 47 -0.96 -5.26 -18.89
CA LEU A 47 -1.91 -4.21 -19.25
C LEU A 47 -1.58 -2.90 -18.53
N CYS A 48 -1.26 -3.01 -17.25
CA CYS A 48 -0.93 -1.83 -16.44
C CYS A 48 0.18 -1.02 -17.10
N SER A 49 1.06 -1.71 -17.84
CA SER A 49 2.17 -1.05 -18.52
C SER A 49 1.67 -0.28 -19.73
N GLN A 50 0.75 -0.89 -20.48
CA GLN A 50 0.19 -0.25 -21.67
C GLN A 50 -0.75 0.89 -21.28
N GLN A 51 -1.72 0.57 -20.42
CA GLN A 51 -2.69 1.57 -19.97
C GLN A 51 -1.99 2.76 -19.33
N TRP A 52 -0.88 2.50 -18.67
CA TRP A 52 -0.11 3.56 -18.02
C TRP A 52 0.67 4.37 -19.05
N LYS A 53 1.03 3.73 -20.15
CA LYS A 53 1.78 4.40 -21.21
C LYS A 53 0.87 5.30 -22.05
N LEU A 54 -0.41 4.96 -22.10
CA LEU A 54 -1.37 5.74 -22.87
C LEU A 54 -1.98 6.86 -22.03
N LEU A 55 -1.97 6.68 -20.72
CA LEU A 55 -2.53 7.67 -19.80
C LEU A 55 -1.86 9.04 -20.01
N SER A 56 -2.63 10.10 -19.82
CA SER A 56 -2.11 11.45 -19.98
C SER A 56 -1.57 11.99 -18.66
N GLN A 57 -1.02 13.20 -18.71
CA GLN A 57 -0.46 13.83 -17.52
C GLN A 57 -1.53 14.01 -16.45
N LYS A 58 -2.70 14.47 -16.87
CA LYS A 58 -3.81 14.69 -15.94
C LYS A 58 -4.19 13.39 -15.23
N GLU A 59 -4.09 12.29 -15.94
CA GLU A 59 -4.41 10.98 -15.39
C GLU A 59 -3.32 10.51 -14.43
N LYS A 60 -2.08 10.51 -14.91
CA LYS A 60 -0.95 10.08 -14.11
C LYS A 60 -0.82 10.94 -12.85
N ASP A 61 -1.00 12.24 -13.02
CA ASP A 61 -0.92 13.17 -11.89
C ASP A 61 -2.00 12.87 -10.86
N ALA A 62 -3.15 12.42 -11.33
CA ALA A 62 -4.26 12.09 -10.45
C ALA A 62 -3.90 10.94 -9.51
N TYR A 63 -3.29 9.91 -10.08
CA TYR A 63 -2.89 8.74 -9.30
C TYR A 63 -1.75 9.08 -8.35
N HIS A 64 -0.98 10.12 -8.71
CA HIS A 64 0.14 10.54 -7.89
C HIS A 64 -0.34 11.06 -6.54
N LYS A 65 -1.53 11.66 -6.53
CA LYS A 65 -2.11 12.20 -5.31
C LYS A 65 -2.67 11.08 -4.44
N LYS A 66 -3.26 10.07 -5.09
CA LYS A 66 -3.84 8.93 -4.39
C LYS A 66 -2.77 8.20 -3.58
N CYS A 67 -1.62 7.97 -4.21
CA CYS A 67 -0.51 7.29 -3.56
C CYS A 67 -0.05 8.07 -2.34
N ASP A 68 0.09 9.38 -2.50
CA ASP A 68 0.53 10.24 -1.40
C ASP A 68 -0.57 10.34 -0.34
N GLN A 69 -1.82 10.36 -0.80
CA GLN A 69 -2.96 10.44 0.10
C GLN A 69 -3.00 9.23 1.03
N LYS A 70 -2.72 8.06 0.47
CA LYS A 70 -2.72 6.82 1.24
C LYS A 70 -1.69 6.90 2.36
N LYS A 71 -0.49 7.39 2.03
CA LYS A 71 0.58 7.52 3.00
C LYS A 71 0.17 8.49 4.11
N LYS A 72 -0.56 9.52 3.74
CA LYS A 72 -1.02 10.52 4.70
C LYS A 72 -1.89 9.85 5.76
N ASP A 73 -2.79 8.97 5.32
CA ASP A 73 -3.67 8.26 6.23
C ASP A 73 -2.89 7.18 6.99
N TYR A 74 -1.95 6.55 6.30
CA TYR A 74 -1.13 5.51 6.91
C TYR A 74 -0.37 6.07 8.12
N GLU A 75 0.18 7.26 7.95
CA GLU A 75 0.92 7.91 9.03
C GLU A 75 0.01 8.20 10.21
N VAL A 76 -1.13 8.83 9.94
CA VAL A 76 -2.08 9.18 10.98
C VAL A 76 -2.65 7.92 11.63
N GLU A 77 -3.17 7.02 10.81
CA GLU A 77 -3.74 5.77 11.30
C GLU A 77 -2.69 4.96 12.06
N LEU A 78 -1.44 5.11 11.67
CA LEU A 78 -0.34 4.40 12.33
C LEU A 78 0.02 5.07 13.64
N LEU A 79 -0.04 6.40 13.66
CA LEU A 79 0.27 7.18 14.85
C LEU A 79 -0.78 6.96 15.93
N ARG A 80 -2.04 7.15 15.56
CA ARG A 80 -3.15 6.97 16.49
C ARG A 80 -3.16 5.54 17.03
N PHE A 81 -2.73 4.60 16.21
CA PHE A 81 -2.68 3.19 16.60
C PHE A 81 -1.48 2.92 17.49
N LEU A 82 -0.32 3.44 17.09
CA LEU A 82 0.91 3.25 17.85
C LEU A 82 0.73 3.74 19.29
N GLU A 83 0.41 5.02 19.44
CA GLU A 83 0.22 5.60 20.77
C GLU A 83 -0.76 4.77 21.59
N SER A 84 -1.72 4.16 20.90
CA SER A 84 -2.72 3.33 21.56
C SER A 84 -2.06 2.14 22.23
N LEU A 85 -0.98 1.65 21.63
CA LEU A 85 -0.25 0.51 22.16
C LEU A 85 0.85 0.97 23.13
N PRO A 86 1.27 0.09 24.06
CA PRO A 86 2.30 0.42 25.04
C PRO A 86 3.65 0.70 24.40
N GLU A 87 4.61 1.12 25.21
CA GLU A 87 5.95 1.42 24.71
C GLU A 87 6.57 0.20 24.05
N GLU A 88 6.44 -0.96 24.70
CA GLU A 88 6.98 -2.19 24.16
C GLU A 88 6.41 -2.48 22.78
N GLU A 89 5.09 -2.44 22.66
CA GLU A 89 4.43 -2.69 21.40
C GLU A 89 4.83 -1.63 20.37
N GLN A 90 4.78 -0.37 20.78
CA GLN A 90 5.15 0.74 19.89
C GLN A 90 6.58 0.58 19.39
N GLN A 91 7.43 0.01 20.23
CA GLN A 91 8.83 -0.20 19.88
C GLN A 91 8.96 -1.26 18.78
N ARG A 92 8.06 -2.24 18.80
CA ARG A 92 8.08 -3.31 17.81
C ARG A 92 7.66 -2.77 16.44
N VAL A 93 6.59 -1.99 16.41
CA VAL A 93 6.09 -1.42 15.17
C VAL A 93 7.00 -0.29 14.67
N LEU A 94 7.47 0.53 15.61
CA LEU A 94 8.34 1.65 15.27
C LEU A 94 9.76 1.16 14.98
N GLY A 95 10.19 0.14 15.73
CA GLY A 95 11.53 -0.40 15.54
C GLY A 95 11.61 -1.35 14.36
N GLU A 96 10.49 -1.57 13.68
CA GLU A 96 10.46 -2.47 12.54
C GLU A 96 10.04 -1.74 11.26
N GLU A 97 9.11 -0.80 11.41
CA GLU A 97 8.61 -0.03 10.26
C GLU A 97 9.30 1.32 10.19
N LYS A 98 9.17 2.11 11.24
CA LYS A 98 9.77 3.44 11.29
C LYS A 98 11.28 3.37 11.05
N MET A 99 11.88 2.24 11.39
CA MET A 99 13.32 2.05 11.21
C MET A 99 13.67 1.91 9.73
N LEU A 100 12.74 1.34 8.97
CA LEU A 100 12.94 1.15 7.53
C LEU A 100 12.65 2.43 6.76
N ASN A 101 13.53 3.41 6.91
CA ASN A 101 13.38 4.69 6.22
C ASN A 101 14.20 4.72 4.93
N ILE A 102 14.74 3.58 4.55
CA ILE A 102 15.55 3.49 3.33
C ILE A 102 15.57 2.07 2.78
N SER A 103 16.02 1.92 1.54
CA SER A 103 16.09 0.60 0.91
C SER A 103 17.15 -0.27 1.57
N GLY A 104 16.73 -1.08 2.54
CA GLY A 104 17.66 -1.95 3.24
C GLY A 104 18.30 -2.97 2.32
N PRO A 105 18.54 -4.20 2.80
CA PRO A 105 19.16 -5.27 2.00
C PRO A 105 18.25 -5.71 0.86
N SER A 106 16.95 -5.51 1.02
CA SER A 106 15.98 -5.90 0.00
C SER A 106 15.93 -4.87 -1.12
N SER A 107 15.12 -5.14 -2.13
CA SER A 107 14.99 -4.23 -3.27
C SER A 107 16.33 -4.04 -3.98
N GLY A 108 16.28 -3.56 -5.22
CA GLY A 108 17.49 -3.35 -5.98
C GLY A 108 17.22 -2.77 -7.36
N GLY A 1 -8.94 -15.69 24.17
CA GLY A 1 -9.51 -17.06 24.27
C GLY A 1 -9.09 -17.79 25.53
N SER A 2 -9.22 -19.10 25.52
CA SER A 2 -8.84 -19.92 26.67
C SER A 2 -7.39 -20.38 26.56
N SER A 3 -6.96 -20.68 25.34
CA SER A 3 -5.60 -21.13 25.09
C SER A 3 -5.00 -20.43 23.88
N GLY A 4 -5.75 -20.44 22.77
CA GLY A 4 -5.28 -19.80 21.56
C GLY A 4 -5.85 -18.42 21.37
N SER A 5 -5.63 -17.84 20.19
CA SER A 5 -6.12 -16.50 19.89
C SER A 5 -7.37 -16.57 19.01
N SER A 6 -8.36 -15.75 19.33
CA SER A 6 -9.60 -15.72 18.57
C SER A 6 -9.68 -14.47 17.71
N GLY A 7 -9.49 -14.65 16.41
CA GLY A 7 -9.53 -13.52 15.48
C GLY A 7 -9.29 -13.95 14.05
N GLN A 8 -8.43 -13.19 13.36
CA GLN A 8 -8.11 -13.49 11.97
C GLN A 8 -6.80 -14.29 11.86
N LEU A 9 -6.54 -14.83 10.68
CA LEU A 9 -5.33 -15.60 10.45
C LEU A 9 -4.56 -15.09 9.24
N LYS A 10 -4.76 -13.81 8.93
CA LYS A 10 -4.07 -13.19 7.80
C LYS A 10 -2.93 -12.29 8.28
N ASP A 11 -3.16 -11.56 9.35
CA ASP A 11 -2.15 -10.67 9.92
C ASP A 11 -1.74 -9.61 8.90
N LYS A 12 -2.71 -9.16 8.11
CA LYS A 12 -2.44 -8.15 7.09
C LYS A 12 -2.91 -6.78 7.55
N PHE A 13 -3.96 -6.76 8.36
CA PHE A 13 -4.51 -5.51 8.87
C PHE A 13 -4.67 -5.57 10.39
N ASP A 14 -3.67 -6.12 11.07
CA ASP A 14 -3.70 -6.24 12.52
C ASP A 14 -2.45 -5.63 13.15
N GLY A 15 -1.30 -5.93 12.57
CA GLY A 15 -0.05 -5.41 13.08
C GLY A 15 0.15 -3.94 12.75
N ARG A 16 0.04 -3.60 11.47
CA ARG A 16 0.21 -2.23 11.04
C ARG A 16 -0.92 -1.81 10.09
N PRO A 17 -1.09 -0.50 9.87
CA PRO A 17 -2.13 0.04 8.99
C PRO A 17 -1.88 -0.31 7.52
N THR A 18 -2.62 0.34 6.63
CA THR A 18 -2.48 0.09 5.20
C THR A 18 -1.15 0.62 4.68
N LYS A 19 -0.31 -0.29 4.20
CA LYS A 19 1.01 0.08 3.69
C LYS A 19 0.89 0.75 2.32
N PRO A 20 1.21 2.06 2.23
CA PRO A 20 1.12 2.81 0.97
C PRO A 20 2.07 2.25 -0.10
N PRO A 21 1.61 2.16 -1.36
CA PRO A 21 2.44 1.66 -2.46
C PRO A 21 3.71 2.48 -2.65
N PRO A 22 4.62 2.02 -3.52
CA PRO A 22 5.88 2.72 -3.78
C PRO A 22 5.67 4.02 -4.56
N ASN A 23 4.79 3.97 -5.55
CA ASN A 23 4.49 5.14 -6.37
C ASN A 23 3.18 4.95 -7.14
N SER A 24 2.83 5.93 -7.97
CA SER A 24 1.61 5.87 -8.76
C SER A 24 1.64 4.71 -9.74
N TYR A 25 2.83 4.44 -10.28
CA TYR A 25 3.01 3.34 -11.24
C TYR A 25 2.47 2.04 -10.67
N SER A 26 3.04 1.61 -9.54
CA SER A 26 2.62 0.37 -8.90
C SER A 26 1.18 0.47 -8.42
N LEU A 27 0.80 1.64 -7.93
CA LEU A 27 -0.56 1.87 -7.45
C LEU A 27 -1.58 1.63 -8.56
N TYR A 28 -1.38 2.27 -9.70
CA TYR A 28 -2.28 2.11 -10.83
C TYR A 28 -2.38 0.64 -11.24
N CYS A 29 -1.27 -0.07 -11.11
CA CYS A 29 -1.22 -1.48 -11.47
C CYS A 29 -2.27 -2.27 -10.69
N ALA A 30 -2.33 -2.03 -9.38
CA ALA A 30 -3.29 -2.72 -8.52
C ALA A 30 -4.70 -2.20 -8.77
N GLU A 31 -4.81 -0.93 -9.14
CA GLU A 31 -6.10 -0.32 -9.41
C GLU A 31 -6.71 -0.87 -10.69
N LEU A 32 -5.89 -0.98 -11.73
CA LEU A 32 -6.35 -1.51 -13.01
C LEU A 32 -6.75 -2.98 -12.87
N MET A 33 -5.87 -3.77 -12.25
CA MET A 33 -6.13 -5.19 -12.05
C MET A 33 -7.45 -5.40 -11.30
N ALA A 34 -7.73 -4.49 -10.37
CA ALA A 34 -8.96 -4.57 -9.58
C ALA A 34 -10.18 -4.37 -10.47
N ASN A 35 -10.02 -3.56 -11.51
CA ASN A 35 -11.11 -3.29 -12.45
C ASN A 35 -11.13 -4.33 -13.56
N MET A 36 -9.95 -4.80 -13.95
CA MET A 36 -9.83 -5.80 -15.00
C MET A 36 -10.20 -7.18 -14.49
N LYS A 37 -11.45 -7.33 -14.05
CA LYS A 37 -11.93 -8.60 -13.52
C LYS A 37 -11.96 -9.66 -14.60
N ASP A 38 -12.22 -9.23 -15.84
CA ASP A 38 -12.28 -10.14 -16.98
C ASP A 38 -10.94 -10.19 -17.70
N VAL A 39 -9.86 -10.23 -16.92
CA VAL A 39 -8.52 -10.28 -17.49
C VAL A 39 -7.57 -11.03 -16.57
N PRO A 40 -6.76 -11.96 -17.11
CA PRO A 40 -5.81 -12.74 -16.32
C PRO A 40 -4.66 -11.89 -15.79
N SER A 41 -4.17 -12.24 -14.60
CA SER A 41 -3.07 -11.50 -13.99
C SER A 41 -1.95 -11.22 -14.98
N THR A 42 -1.80 -12.10 -15.97
CA THR A 42 -0.78 -11.95 -16.99
C THR A 42 -1.14 -10.82 -17.94
N GLU A 43 -2.43 -10.72 -18.27
CA GLU A 43 -2.90 -9.68 -19.17
C GLU A 43 -3.05 -8.36 -18.42
N ARG A 44 -3.43 -8.45 -17.14
CA ARG A 44 -3.60 -7.26 -16.31
C ARG A 44 -2.27 -6.52 -16.17
N MET A 45 -1.28 -7.23 -15.67
CA MET A 45 0.05 -6.65 -15.47
C MET A 45 0.56 -6.03 -16.77
N VAL A 46 0.35 -6.72 -17.88
CA VAL A 46 0.79 -6.23 -19.17
C VAL A 46 -0.01 -5.00 -19.58
N LEU A 47 -1.28 -4.98 -19.21
CA LEU A 47 -2.17 -3.86 -19.52
C LEU A 47 -1.76 -2.62 -18.73
N CYS A 48 -1.47 -2.80 -17.45
CA CYS A 48 -1.05 -1.70 -16.59
C CYS A 48 0.12 -0.94 -17.19
N SER A 49 0.95 -1.65 -17.96
CA SER A 49 2.11 -1.04 -18.59
C SER A 49 1.70 -0.20 -19.79
N GLN A 50 0.77 -0.70 -20.58
CA GLN A 50 0.28 0.01 -21.76
C GLN A 50 -0.60 1.19 -21.35
N GLN A 51 -1.60 0.91 -20.51
CA GLN A 51 -2.52 1.93 -20.05
C GLN A 51 -1.77 3.07 -19.38
N TRP A 52 -0.69 2.74 -18.68
CA TRP A 52 0.12 3.75 -18.00
C TRP A 52 0.96 4.55 -19.00
N LYS A 53 1.29 3.92 -20.12
CA LYS A 53 2.09 4.56 -21.15
C LYS A 53 1.23 5.47 -22.02
N LEU A 54 -0.05 5.13 -22.16
CA LEU A 54 -0.97 5.92 -22.97
C LEU A 54 -1.63 7.02 -22.15
N LEU A 55 -1.76 6.79 -20.84
CA LEU A 55 -2.37 7.77 -19.96
C LEU A 55 -1.67 9.12 -20.05
N SER A 56 -2.46 10.19 -20.08
CA SER A 56 -1.91 11.54 -20.17
C SER A 56 -1.33 11.99 -18.83
N GLN A 57 -0.71 13.16 -18.83
CA GLN A 57 -0.11 13.70 -17.61
C GLN A 57 -1.18 13.93 -16.54
N LYS A 58 -2.29 14.52 -16.94
CA LYS A 58 -3.39 14.80 -16.03
C LYS A 58 -3.90 13.51 -15.39
N GLU A 59 -3.81 12.42 -16.13
CA GLU A 59 -4.26 11.13 -15.65
C GLU A 59 -3.27 10.54 -14.65
N LYS A 60 -1.99 10.56 -15.02
CA LYS A 60 -0.94 10.04 -14.15
C LYS A 60 -0.86 10.85 -12.86
N ASP A 61 -1.15 12.14 -12.96
CA ASP A 61 -1.11 13.02 -11.81
C ASP A 61 -2.19 12.66 -10.80
N ALA A 62 -3.36 12.26 -11.32
CA ALA A 62 -4.47 11.88 -10.46
C ALA A 62 -4.10 10.69 -9.58
N TYR A 63 -3.44 9.71 -10.17
CA TYR A 63 -3.02 8.52 -9.44
C TYR A 63 -1.96 8.86 -8.41
N HIS A 64 -1.14 9.86 -8.72
CA HIS A 64 -0.08 10.29 -7.81
C HIS A 64 -0.67 10.76 -6.49
N LYS A 65 -1.82 11.42 -6.54
CA LYS A 65 -2.49 11.91 -5.35
C LYS A 65 -2.94 10.75 -4.47
N LYS A 66 -3.35 9.65 -5.10
CA LYS A 66 -3.79 8.47 -4.38
C LYS A 66 -2.64 7.83 -3.62
N CYS A 67 -1.49 7.71 -4.30
CA CYS A 67 -0.31 7.12 -3.68
C CYS A 67 0.13 7.94 -2.47
N ASP A 68 0.23 9.26 -2.65
CA ASP A 68 0.62 10.15 -1.58
C ASP A 68 -0.45 10.18 -0.50
N GLN A 69 -1.70 10.04 -0.92
CA GLN A 69 -2.83 10.05 0.00
C GLN A 69 -2.73 8.87 0.97
N LYS A 70 -2.34 7.71 0.43
CA LYS A 70 -2.20 6.51 1.25
C LYS A 70 -1.18 6.73 2.36
N LYS A 71 -0.07 7.41 2.02
CA LYS A 71 0.96 7.70 2.99
C LYS A 71 0.41 8.54 4.14
N LYS A 72 -0.43 9.51 3.80
CA LYS A 72 -1.04 10.37 4.80
C LYS A 72 -1.91 9.56 5.75
N ASP A 73 -2.55 8.52 5.21
CA ASP A 73 -3.41 7.65 6.00
C ASP A 73 -2.56 6.66 6.80
N TYR A 74 -1.50 6.16 6.17
CA TYR A 74 -0.61 5.20 6.82
C TYR A 74 0.01 5.82 8.07
N GLU A 75 0.45 7.07 7.95
CA GLU A 75 1.05 7.78 9.09
C GLU A 75 0.03 7.94 10.21
N VAL A 76 -1.16 8.41 9.85
CA VAL A 76 -2.22 8.61 10.83
C VAL A 76 -2.66 7.29 11.44
N GLU A 77 -3.01 6.33 10.58
CA GLU A 77 -3.43 5.01 11.03
C GLU A 77 -2.34 4.35 11.86
N LEU A 78 -1.09 4.64 11.54
CA LEU A 78 0.04 4.08 12.25
C LEU A 78 0.26 4.81 13.58
N LEU A 79 -0.06 6.10 13.60
CA LEU A 79 0.09 6.90 14.81
C LEU A 79 -1.01 6.58 15.80
N ARG A 80 -2.26 6.69 15.34
CA ARG A 80 -3.41 6.41 16.20
C ARG A 80 -3.33 5.00 16.77
N PHE A 81 -2.75 4.10 15.98
CA PHE A 81 -2.61 2.71 16.39
C PHE A 81 -1.47 2.56 17.39
N LEU A 82 -0.33 3.17 17.07
CA LEU A 82 0.84 3.11 17.94
C LEU A 82 0.53 3.68 19.32
N GLU A 83 0.11 4.93 19.37
CA GLU A 83 -0.24 5.58 20.62
C GLU A 83 -1.20 4.72 21.43
N SER A 84 -2.06 4.00 20.71
CA SER A 84 -3.03 3.13 21.36
C SER A 84 -2.34 2.03 22.15
N LEU A 85 -1.19 1.59 21.65
CA LEU A 85 -0.41 0.55 22.31
C LEU A 85 0.55 1.15 23.33
N PRO A 86 0.99 0.36 24.33
CA PRO A 86 1.91 0.82 25.36
C PRO A 86 3.28 1.19 24.80
N GLU A 87 4.15 1.70 25.66
CA GLU A 87 5.50 2.09 25.25
C GLU A 87 6.25 0.90 24.67
N GLU A 88 6.19 -0.24 25.37
CA GLU A 88 6.86 -1.45 24.92
C GLU A 88 6.42 -1.83 23.51
N GLU A 89 5.11 -1.91 23.31
CA GLU A 89 4.54 -2.25 22.02
C GLU A 89 4.93 -1.21 20.97
N GLN A 90 4.77 0.06 21.32
CA GLN A 90 5.12 1.15 20.42
C GLN A 90 6.58 1.09 20.02
N GLN A 91 7.42 0.63 20.95
CA GLN A 91 8.86 0.52 20.70
C GLN A 91 9.14 -0.57 19.68
N ARG A 92 8.34 -1.63 19.72
CA ARG A 92 8.51 -2.74 18.80
C ARG A 92 8.20 -2.32 17.36
N VAL A 93 7.04 -1.71 17.18
CA VAL A 93 6.62 -1.26 15.86
C VAL A 93 7.48 -0.09 15.38
N LEU A 94 7.74 0.85 16.28
CA LEU A 94 8.56 2.02 15.95
C LEU A 94 10.02 1.63 15.80
N GLY A 95 10.43 0.62 16.56
CA GLY A 95 11.81 0.17 16.50
C GLY A 95 12.09 -0.71 15.29
N GLU A 96 11.05 -0.97 14.49
CA GLU A 96 11.20 -1.79 13.30
C GLU A 96 10.82 -1.01 12.05
N GLU A 97 9.80 -0.18 12.15
CA GLU A 97 9.34 0.63 11.02
C GLU A 97 9.94 2.03 11.07
N LYS A 98 9.78 2.70 12.20
CA LYS A 98 10.31 4.05 12.37
C LYS A 98 11.83 4.07 12.23
N MET A 99 12.46 2.93 12.51
CA MET A 99 13.92 2.82 12.42
C MET A 99 14.38 2.78 10.97
N LEU A 100 13.54 2.22 10.10
CA LEU A 100 13.86 2.12 8.69
C LEU A 100 13.68 3.46 7.98
N ASN A 101 14.49 4.44 8.39
CA ASN A 101 14.43 5.77 7.80
C ASN A 101 15.64 6.02 6.91
N ILE A 102 16.17 4.96 6.32
CA ILE A 102 17.33 5.06 5.44
C ILE A 102 17.07 6.00 4.27
N SER A 103 17.85 7.07 4.19
CA SER A 103 17.70 8.05 3.12
C SER A 103 18.90 9.00 3.08
N GLY A 104 19.33 9.45 4.25
CA GLY A 104 20.46 10.35 4.34
C GLY A 104 21.74 9.66 4.76
N PRO A 105 21.87 9.32 6.05
CA PRO A 105 23.07 8.64 6.57
C PRO A 105 23.19 7.21 6.05
N SER A 106 24.41 6.83 5.69
CA SER A 106 24.67 5.49 5.18
C SER A 106 25.34 4.63 6.23
N SER A 107 24.54 3.99 7.07
CA SER A 107 25.05 3.13 8.12
C SER A 107 25.32 1.72 7.60
N GLY A 108 26.16 0.98 8.30
CA GLY A 108 26.49 -0.37 7.88
C GLY A 108 27.77 -0.45 7.08
N GLY A 1 -16.42 -15.84 2.00
CA GLY A 1 -16.38 -14.85 3.12
C GLY A 1 -17.72 -14.22 3.38
N SER A 2 -18.27 -14.44 4.57
CA SER A 2 -19.57 -13.88 4.93
C SER A 2 -19.63 -13.58 6.43
N SER A 3 -20.37 -12.54 6.79
CA SER A 3 -20.51 -12.14 8.19
C SER A 3 -19.20 -11.61 8.74
N GLY A 4 -18.22 -12.50 8.93
CA GLY A 4 -16.93 -12.10 9.45
C GLY A 4 -16.20 -13.24 10.14
N SER A 5 -15.05 -13.61 9.60
CA SER A 5 -14.26 -14.68 10.16
C SER A 5 -12.77 -14.33 10.18
N SER A 6 -12.10 -14.67 11.26
CA SER A 6 -10.67 -14.37 11.40
C SER A 6 -9.90 -15.62 11.81
N GLY A 7 -8.58 -15.51 11.87
CA GLY A 7 -7.75 -16.64 12.24
C GLY A 7 -6.37 -16.58 11.60
N GLN A 8 -5.49 -15.75 12.15
CA GLN A 8 -4.14 -15.61 11.63
C GLN A 8 -3.13 -15.47 12.76
N LEU A 9 -1.86 -15.70 12.46
CA LEU A 9 -0.80 -15.60 13.45
C LEU A 9 0.25 -14.58 13.03
N LYS A 10 -0.16 -13.62 12.20
CA LYS A 10 0.74 -12.58 11.72
C LYS A 10 0.31 -11.20 12.22
N ASP A 11 -1.00 -10.99 12.31
CA ASP A 11 -1.53 -9.72 12.77
C ASP A 11 -1.12 -8.58 11.85
N LYS A 12 -1.15 -8.85 10.54
CA LYS A 12 -0.79 -7.85 9.55
C LYS A 12 -1.90 -6.83 9.37
N PHE A 13 -3.14 -7.30 9.35
CA PHE A 13 -4.30 -6.44 9.18
C PHE A 13 -4.94 -6.12 10.52
N ASP A 14 -4.12 -6.06 11.58
CA ASP A 14 -4.61 -5.76 12.92
C ASP A 14 -3.56 -5.01 13.73
N GLY A 15 -2.33 -5.51 13.68
CA GLY A 15 -1.25 -4.87 14.42
C GLY A 15 -0.85 -3.53 13.83
N ARG A 16 -0.85 -3.45 12.50
CA ARG A 16 -0.49 -2.22 11.82
C ARG A 16 -1.59 -1.78 10.86
N PRO A 17 -1.63 -0.48 10.52
CA PRO A 17 -2.64 0.06 9.61
C PRO A 17 -2.45 -0.41 8.18
N THR A 18 -3.25 0.13 7.26
CA THR A 18 -3.17 -0.24 5.85
C THR A 18 -1.89 0.29 5.23
N LYS A 19 -1.07 -0.62 4.70
CA LYS A 19 0.19 -0.24 4.06
C LYS A 19 -0.06 0.28 2.64
N PRO A 20 0.44 1.49 2.33
CA PRO A 20 0.27 2.10 1.00
C PRO A 20 1.28 1.55 -0.01
N PRO A 21 1.02 1.79 -1.32
CA PRO A 21 1.90 1.33 -2.38
C PRO A 21 3.17 2.17 -2.50
N PRO A 22 4.15 1.73 -3.31
CA PRO A 22 5.41 2.45 -3.50
C PRO A 22 5.21 3.76 -4.26
N ASN A 23 4.45 3.70 -5.35
CA ASN A 23 4.18 4.88 -6.16
C ASN A 23 2.89 4.72 -6.96
N SER A 24 2.63 5.67 -7.85
CA SER A 24 1.43 5.64 -8.67
C SER A 24 1.46 4.46 -9.64
N TYR A 25 2.65 4.17 -10.16
CA TYR A 25 2.82 3.06 -11.09
C TYR A 25 2.32 1.75 -10.50
N SER A 26 2.82 1.41 -9.32
CA SER A 26 2.42 0.18 -8.64
C SER A 26 0.94 0.23 -8.25
N LEU A 27 0.51 1.39 -7.74
CA LEU A 27 -0.87 1.56 -7.33
C LEU A 27 -1.81 1.42 -8.53
N TYR A 28 -1.48 2.09 -9.62
CA TYR A 28 -2.28 2.03 -10.84
C TYR A 28 -2.41 0.59 -11.34
N CYS A 29 -1.32 -0.16 -11.22
CA CYS A 29 -1.31 -1.55 -11.66
C CYS A 29 -2.38 -2.35 -10.94
N ALA A 30 -2.44 -2.20 -9.62
CA ALA A 30 -3.42 -2.90 -8.81
C ALA A 30 -4.83 -2.37 -9.08
N GLU A 31 -4.91 -1.09 -9.40
CA GLU A 31 -6.19 -0.46 -9.69
C GLU A 31 -6.79 -0.99 -10.98
N LEU A 32 -5.96 -1.02 -12.03
CA LEU A 32 -6.41 -1.51 -13.33
C LEU A 32 -6.79 -2.98 -13.24
N MET A 33 -5.91 -3.79 -12.65
CA MET A 33 -6.17 -5.22 -12.51
C MET A 33 -7.50 -5.45 -11.80
N ALA A 34 -7.76 -4.66 -10.76
CA ALA A 34 -9.00 -4.78 -10.00
C ALA A 34 -10.21 -4.55 -10.90
N ASN A 35 -10.04 -3.71 -11.91
CA ASN A 35 -11.11 -3.40 -12.84
C ASN A 35 -11.12 -4.38 -14.00
N MET A 36 -9.94 -4.87 -14.36
CA MET A 36 -9.80 -5.83 -15.45
C MET A 36 -10.20 -7.23 -15.00
N LYS A 37 -11.45 -7.38 -14.57
CA LYS A 37 -11.95 -8.66 -14.12
C LYS A 37 -11.99 -9.68 -15.26
N ASP A 38 -12.22 -9.18 -16.47
CA ASP A 38 -12.27 -10.04 -17.65
C ASP A 38 -10.93 -10.05 -18.38
N VAL A 39 -9.85 -10.15 -17.60
CA VAL A 39 -8.51 -10.16 -18.16
C VAL A 39 -7.57 -10.97 -17.27
N PRO A 40 -6.79 -11.89 -17.88
CA PRO A 40 -5.83 -12.73 -17.12
C PRO A 40 -4.70 -11.91 -16.51
N SER A 41 -4.25 -12.33 -15.34
CA SER A 41 -3.16 -11.64 -14.63
C SER A 41 -2.02 -11.29 -15.58
N THR A 42 -1.85 -12.11 -16.61
CA THR A 42 -0.79 -11.89 -17.59
C THR A 42 -1.12 -10.68 -18.46
N GLU A 43 -2.38 -10.57 -18.85
CA GLU A 43 -2.84 -9.46 -19.67
C GLU A 43 -2.99 -8.20 -18.83
N ARG A 44 -3.40 -8.37 -17.58
CA ARG A 44 -3.58 -7.24 -16.67
C ARG A 44 -2.26 -6.53 -16.44
N MET A 45 -1.27 -7.27 -15.95
CA MET A 45 0.06 -6.71 -15.69
C MET A 45 0.62 -6.02 -16.93
N VAL A 46 0.45 -6.67 -18.09
CA VAL A 46 0.93 -6.11 -19.34
C VAL A 46 0.11 -4.90 -19.75
N LEU A 47 -1.17 -4.91 -19.41
CA LEU A 47 -2.07 -3.80 -19.74
C LEU A 47 -1.69 -2.56 -18.95
N CYS A 48 -1.44 -2.74 -17.65
CA CYS A 48 -1.07 -1.64 -16.77
C CYS A 48 0.14 -0.88 -17.32
N SER A 49 1.00 -1.60 -18.05
CA SER A 49 2.19 -0.99 -18.62
C SER A 49 1.82 -0.09 -19.81
N GLN A 50 0.90 -0.57 -20.64
CA GLN A 50 0.46 0.19 -21.80
C GLN A 50 -0.44 1.35 -21.38
N GLN A 51 -1.44 1.06 -20.57
CA GLN A 51 -2.37 2.08 -20.10
C GLN A 51 -1.63 3.20 -19.38
N TRP A 52 -0.55 2.86 -18.69
CA TRP A 52 0.24 3.84 -17.97
C TRP A 52 1.14 4.63 -18.92
N LYS A 53 1.50 4.01 -20.04
CA LYS A 53 2.34 4.66 -21.04
C LYS A 53 1.55 5.62 -21.91
N LEU A 54 0.27 5.30 -22.11
CA LEU A 54 -0.60 6.13 -22.94
C LEU A 54 -1.22 7.26 -22.11
N LEU A 55 -1.42 7.01 -20.83
CA LEU A 55 -2.00 8.00 -19.93
C LEU A 55 -1.14 9.27 -19.89
N SER A 56 -1.80 10.42 -19.96
CA SER A 56 -1.10 11.70 -19.93
C SER A 56 -0.67 12.05 -18.51
N GLN A 57 0.02 13.18 -18.37
CA GLN A 57 0.48 13.64 -17.07
C GLN A 57 -0.70 13.92 -16.13
N LYS A 58 -1.69 14.62 -16.66
CA LYS A 58 -2.88 14.96 -15.88
C LYS A 58 -3.56 13.70 -15.36
N GLU A 59 -3.50 12.64 -16.14
CA GLU A 59 -4.11 11.36 -15.76
C GLU A 59 -3.30 10.69 -14.66
N LYS A 60 -1.99 10.57 -14.88
CA LYS A 60 -1.11 9.94 -13.92
C LYS A 60 -1.10 10.73 -12.61
N ASP A 61 -1.27 12.03 -12.70
CA ASP A 61 -1.29 12.89 -11.52
C ASP A 61 -2.40 12.49 -10.57
N ALA A 62 -3.54 12.11 -11.13
CA ALA A 62 -4.69 11.69 -10.33
C ALA A 62 -4.34 10.50 -9.47
N TYR A 63 -3.61 9.54 -10.05
CA TYR A 63 -3.21 8.34 -9.33
C TYR A 63 -2.09 8.66 -8.34
N HIS A 64 -1.27 9.65 -8.68
CA HIS A 64 -0.17 10.06 -7.82
C HIS A 64 -0.68 10.55 -6.47
N LYS A 65 -1.84 11.19 -6.49
CA LYS A 65 -2.45 11.71 -5.28
C LYS A 65 -2.97 10.57 -4.41
N LYS A 66 -3.47 9.53 -5.05
CA LYS A 66 -3.99 8.37 -4.34
C LYS A 66 -2.89 7.68 -3.54
N CYS A 67 -1.73 7.53 -4.16
CA CYS A 67 -0.58 6.90 -3.51
C CYS A 67 -0.18 7.70 -2.28
N ASP A 68 -0.08 9.02 -2.45
CA ASP A 68 0.28 9.90 -1.35
C ASP A 68 -0.83 9.95 -0.30
N GLN A 69 -2.07 9.85 -0.77
CA GLN A 69 -3.22 9.86 0.12
C GLN A 69 -3.18 8.67 1.06
N LYS A 70 -2.86 7.50 0.51
CA LYS A 70 -2.78 6.28 1.31
C LYS A 70 -1.68 6.41 2.36
N LYS A 71 -0.60 7.11 1.99
CA LYS A 71 0.51 7.32 2.90
C LYS A 71 0.09 8.19 4.08
N LYS A 72 -0.71 9.21 3.80
CA LYS A 72 -1.19 10.12 4.82
C LYS A 72 -2.03 9.35 5.86
N ASP A 73 -2.82 8.41 5.37
CA ASP A 73 -3.66 7.59 6.24
C ASP A 73 -2.82 6.58 7.00
N TYR A 74 -1.86 5.98 6.30
CA TYR A 74 -0.97 4.98 6.90
C TYR A 74 -0.22 5.60 8.08
N GLU A 75 0.22 6.84 7.91
CA GLU A 75 0.96 7.54 8.95
C GLU A 75 0.04 7.84 10.13
N VAL A 76 -1.13 8.40 9.84
CA VAL A 76 -2.10 8.73 10.87
C VAL A 76 -2.57 7.48 11.60
N GLU A 77 -3.03 6.50 10.83
CA GLU A 77 -3.51 5.24 11.40
C GLU A 77 -2.41 4.56 12.19
N LEU A 78 -1.16 4.76 11.77
CA LEU A 78 -0.02 4.17 12.45
C LEU A 78 0.34 4.98 13.69
N LEU A 79 0.13 6.29 13.62
CA LEU A 79 0.42 7.19 14.73
C LEU A 79 -0.62 7.03 15.83
N ARG A 80 -1.90 7.18 15.46
CA ARG A 80 -2.99 7.06 16.42
C ARG A 80 -2.94 5.70 17.11
N PHE A 81 -2.47 4.68 16.39
CA PHE A 81 -2.38 3.33 16.92
C PHE A 81 -1.17 3.20 17.84
N LEU A 82 -0.03 3.68 17.36
CA LEU A 82 1.21 3.62 18.14
C LEU A 82 1.03 4.30 19.49
N GLU A 83 0.72 5.60 19.47
CA GLU A 83 0.52 6.36 20.70
C GLU A 83 -0.45 5.63 21.63
N SER A 84 -1.40 4.93 21.04
CA SER A 84 -2.40 4.19 21.81
C SER A 84 -1.73 3.11 22.64
N LEU A 85 -0.69 2.50 22.08
CA LEU A 85 0.04 1.43 22.75
C LEU A 85 1.11 2.02 23.67
N PRO A 86 1.54 1.26 24.70
CA PRO A 86 2.57 1.71 25.65
C PRO A 86 3.92 1.93 24.97
N GLU A 87 4.86 2.48 25.73
CA GLU A 87 6.20 2.74 25.21
C GLU A 87 6.85 1.44 24.74
N GLU A 88 6.67 0.38 25.52
CA GLU A 88 7.24 -0.92 25.18
C GLU A 88 6.71 -1.40 23.83
N GLU A 89 5.39 -1.32 23.66
CA GLU A 89 4.76 -1.74 22.42
C GLU A 89 5.17 -0.83 21.27
N GLN A 90 5.09 0.48 21.51
CA GLN A 90 5.45 1.46 20.50
C GLN A 90 6.90 1.26 20.05
N GLN A 91 7.75 0.85 20.98
CA GLN A 91 9.16 0.62 20.68
C GLN A 91 9.33 -0.53 19.71
N ARG A 92 8.43 -1.52 19.80
CA ARG A 92 8.49 -2.69 18.92
C ARG A 92 8.06 -2.31 17.51
N VAL A 93 6.89 -1.72 17.39
CA VAL A 93 6.35 -1.32 16.09
C VAL A 93 7.23 -0.25 15.44
N LEU A 94 7.74 0.66 16.26
CA LEU A 94 8.59 1.75 15.77
C LEU A 94 9.98 1.22 15.41
N GLY A 95 10.47 0.29 16.21
CA GLY A 95 11.79 -0.27 15.97
C GLY A 95 11.77 -1.37 14.90
N GLU A 96 10.59 -1.64 14.36
CA GLU A 96 10.46 -2.68 13.33
C GLU A 96 9.93 -2.07 12.03
N GLU A 97 9.00 -1.14 12.15
CA GLU A 97 8.41 -0.49 10.98
C GLU A 97 9.10 0.84 10.68
N LYS A 98 9.13 1.71 11.67
CA LYS A 98 9.75 3.02 11.52
C LYS A 98 11.21 2.89 11.09
N MET A 99 11.86 1.80 11.52
CA MET A 99 13.25 1.55 11.16
C MET A 99 13.39 1.23 9.69
N LEU A 100 12.37 0.62 9.11
CA LEU A 100 12.38 0.26 7.70
C LEU A 100 11.53 1.23 6.87
N ASN A 101 12.05 2.44 6.68
CA ASN A 101 11.33 3.46 5.91
C ASN A 101 11.33 3.11 4.42
N ILE A 102 12.28 2.30 4.00
CA ILE A 102 12.38 1.90 2.60
C ILE A 102 11.79 0.51 2.38
N SER A 103 11.22 0.30 1.21
CA SER A 103 10.61 -0.99 0.87
C SER A 103 10.37 -1.09 -0.63
N GLY A 104 10.25 -2.33 -1.12
CA GLY A 104 10.03 -2.54 -2.54
C GLY A 104 9.06 -3.67 -2.81
N PRO A 105 8.28 -3.60 -3.91
CA PRO A 105 7.30 -4.62 -4.27
C PRO A 105 7.92 -5.78 -5.04
N SER A 106 9.24 -5.88 -5.02
CA SER A 106 9.94 -6.95 -5.73
C SER A 106 9.74 -6.82 -7.23
N SER A 107 10.23 -5.72 -7.80
CA SER A 107 10.11 -5.47 -9.23
C SER A 107 11.28 -4.64 -9.74
N GLY A 108 11.55 -3.53 -9.07
CA GLY A 108 12.65 -2.67 -9.48
C GLY A 108 13.42 -2.11 -8.28
N GLY A 1 -9.58 -26.81 12.62
CA GLY A 1 -10.03 -28.22 12.75
C GLY A 1 -10.08 -28.93 11.41
N SER A 2 -10.46 -28.20 10.37
CA SER A 2 -10.54 -28.77 9.02
C SER A 2 -9.99 -27.79 7.98
N SER A 3 -9.01 -26.99 8.39
CA SER A 3 -8.40 -26.02 7.49
C SER A 3 -9.44 -25.02 6.99
N GLY A 4 -10.44 -24.74 7.81
CA GLY A 4 -11.48 -23.81 7.43
C GLY A 4 -12.01 -23.01 8.60
N SER A 5 -11.17 -22.80 9.60
CA SER A 5 -11.55 -22.06 10.79
C SER A 5 -10.39 -21.22 11.32
N SER A 6 -9.54 -20.77 10.41
CA SER A 6 -8.38 -19.96 10.77
C SER A 6 -8.71 -18.47 10.71
N GLY A 7 -7.78 -17.64 11.16
CA GLY A 7 -8.00 -16.21 11.14
C GLY A 7 -8.18 -15.66 9.74
N GLN A 8 -8.15 -14.34 9.62
CA GLN A 8 -8.31 -13.70 8.32
C GLN A 8 -7.12 -13.99 7.41
N LEU A 9 -7.25 -13.63 6.14
CA LEU A 9 -6.19 -13.85 5.17
C LEU A 9 -5.50 -12.55 4.79
N LYS A 10 -6.23 -11.44 4.92
CA LYS A 10 -5.70 -10.13 4.58
C LYS A 10 -4.42 -9.84 5.38
N ASP A 11 -4.50 -10.01 6.69
CA ASP A 11 -3.36 -9.78 7.57
C ASP A 11 -2.88 -8.33 7.46
N LYS A 12 -3.82 -7.42 7.23
CA LYS A 12 -3.49 -6.01 7.10
C LYS A 12 -3.70 -5.28 8.42
N PHE A 13 -4.68 -5.75 9.20
CA PHE A 13 -4.98 -5.14 10.49
C PHE A 13 -4.53 -6.05 11.63
N ASP A 14 -3.32 -6.57 11.53
CA ASP A 14 -2.78 -7.46 12.56
C ASP A 14 -1.78 -6.71 13.45
N GLY A 15 -1.90 -5.39 13.50
CA GLY A 15 -1.00 -4.60 14.32
C GLY A 15 -0.65 -3.27 13.69
N ARG A 16 -0.68 -3.22 12.36
CA ARG A 16 -0.36 -2.00 11.62
C ARG A 16 -1.54 -1.60 10.73
N PRO A 17 -1.65 -0.29 10.42
CA PRO A 17 -2.72 0.23 9.56
C PRO A 17 -2.59 -0.25 8.12
N THR A 18 -3.37 0.35 7.23
CA THR A 18 -3.34 -0.01 5.83
C THR A 18 -2.05 0.47 5.16
N LYS A 19 -1.22 -0.49 4.72
CA LYS A 19 0.04 -0.17 4.07
C LYS A 19 -0.21 0.41 2.67
N PRO A 20 0.22 1.67 2.43
CA PRO A 20 0.03 2.33 1.14
C PRO A 20 1.07 1.89 0.11
N PRO A 21 0.72 1.93 -1.18
CA PRO A 21 1.63 1.53 -2.26
C PRO A 21 2.90 2.38 -2.29
N PRO A 22 3.93 1.93 -3.03
CA PRO A 22 5.20 2.66 -3.13
C PRO A 22 5.07 3.94 -3.95
N ASN A 23 4.35 3.85 -5.06
CA ASN A 23 4.14 5.00 -5.94
C ASN A 23 2.89 4.83 -6.78
N SER A 24 2.64 5.79 -7.67
CA SER A 24 1.47 5.73 -8.55
C SER A 24 1.56 4.57 -9.53
N TYR A 25 2.78 4.26 -9.96
CA TYR A 25 3.00 3.16 -10.90
C TYR A 25 2.39 1.87 -10.37
N SER A 26 2.78 1.49 -9.16
CA SER A 26 2.28 0.28 -8.53
C SER A 26 0.80 0.43 -8.18
N LEU A 27 0.43 1.63 -7.73
CA LEU A 27 -0.95 1.91 -7.35
C LEU A 27 -1.89 1.70 -8.53
N TYR A 28 -1.51 2.24 -9.69
CA TYR A 28 -2.31 2.10 -10.89
C TYR A 28 -2.37 0.66 -11.35
N CYS A 29 -1.28 -0.07 -11.14
CA CYS A 29 -1.21 -1.48 -11.52
C CYS A 29 -2.26 -2.29 -10.77
N ALA A 30 -2.36 -2.07 -9.46
CA ALA A 30 -3.33 -2.77 -8.64
C ALA A 30 -4.74 -2.28 -8.91
N GLU A 31 -4.86 -1.01 -9.28
CA GLU A 31 -6.15 -0.40 -9.58
C GLU A 31 -6.75 -1.01 -10.84
N LEU A 32 -5.93 -1.14 -11.88
CA LEU A 32 -6.38 -1.71 -13.14
C LEU A 32 -6.69 -3.20 -12.98
N MET A 33 -5.76 -3.92 -12.36
CA MET A 33 -5.94 -5.36 -12.15
C MET A 33 -7.26 -5.64 -11.44
N ALA A 34 -7.58 -4.81 -10.44
CA ALA A 34 -8.81 -4.97 -9.68
C ALA A 34 -10.03 -4.85 -10.60
N ASN A 35 -9.91 -4.02 -11.62
CA ASN A 35 -10.99 -3.82 -12.58
C ASN A 35 -10.96 -4.89 -13.65
N MET A 36 -9.75 -5.36 -13.97
CA MET A 36 -9.57 -6.40 -14.98
C MET A 36 -9.87 -7.78 -14.41
N LYS A 37 -11.10 -7.96 -13.94
CA LYS A 37 -11.53 -9.23 -13.36
C LYS A 37 -11.47 -10.35 -14.40
N ASP A 38 -11.82 -10.01 -15.64
CA ASP A 38 -11.81 -10.98 -16.72
C ASP A 38 -10.50 -10.92 -17.49
N VAL A 39 -9.40 -10.86 -16.77
CA VAL A 39 -8.07 -10.81 -17.38
C VAL A 39 -7.03 -11.50 -16.50
N PRO A 40 -6.21 -12.39 -17.08
CA PRO A 40 -5.17 -13.11 -16.33
C PRO A 40 -4.08 -12.17 -15.82
N SER A 41 -3.54 -12.48 -14.65
CA SER A 41 -2.48 -11.67 -14.04
C SER A 41 -1.41 -11.30 -15.07
N THR A 42 -1.21 -12.17 -16.05
CA THR A 42 -0.23 -11.93 -17.10
C THR A 42 -0.68 -10.81 -18.01
N GLU A 43 -1.97 -10.81 -18.32
CA GLU A 43 -2.53 -9.77 -19.19
C GLU A 43 -2.74 -8.48 -18.41
N ARG A 44 -3.09 -8.60 -17.13
CA ARG A 44 -3.30 -7.44 -16.28
C ARG A 44 -2.02 -6.65 -16.12
N MET A 45 -0.96 -7.30 -15.64
CA MET A 45 0.33 -6.66 -15.45
C MET A 45 0.80 -5.99 -16.73
N VAL A 46 0.62 -6.68 -17.86
CA VAL A 46 1.03 -6.14 -19.15
C VAL A 46 0.15 -4.97 -19.56
N LEU A 47 -1.12 -5.04 -19.19
CA LEU A 47 -2.07 -3.97 -19.51
C LEU A 47 -1.74 -2.70 -18.73
N CYS A 48 -1.45 -2.87 -17.44
CA CYS A 48 -1.11 -1.73 -16.59
C CYS A 48 0.02 -0.91 -17.18
N SER A 49 0.90 -1.57 -17.94
CA SER A 49 2.03 -0.90 -18.56
C SER A 49 1.57 -0.06 -19.74
N GLN A 50 0.70 -0.63 -20.57
CA GLN A 50 0.19 0.08 -21.74
C GLN A 50 -0.72 1.23 -21.32
N GLN A 51 -1.71 0.91 -20.49
CA GLN A 51 -2.66 1.92 -20.01
C GLN A 51 -1.92 3.06 -19.31
N TRP A 52 -0.79 2.73 -18.70
CA TRP A 52 0.00 3.74 -17.99
C TRP A 52 0.88 4.52 -18.96
N LYS A 53 1.24 3.89 -20.07
CA LYS A 53 2.08 4.54 -21.07
C LYS A 53 1.26 5.48 -21.96
N LEU A 54 -0.02 5.15 -22.14
CA LEU A 54 -0.90 5.97 -22.97
C LEU A 54 -1.47 7.14 -22.17
N LEU A 55 -1.63 6.93 -20.86
CA LEU A 55 -2.16 7.98 -19.99
C LEU A 55 -1.31 9.24 -20.05
N SER A 56 -1.98 10.39 -20.02
CA SER A 56 -1.29 11.68 -20.09
C SER A 56 -0.73 12.06 -18.72
N GLN A 57 0.05 13.13 -18.68
CA GLN A 57 0.64 13.60 -17.44
C GLN A 57 -0.45 13.97 -16.43
N LYS A 58 -1.55 14.51 -16.93
CA LYS A 58 -2.66 14.91 -16.07
C LYS A 58 -3.33 13.69 -15.46
N GLU A 59 -3.46 12.62 -16.24
CA GLU A 59 -4.08 11.39 -15.78
C GLU A 59 -3.20 10.70 -14.73
N LYS A 60 -1.91 10.63 -15.01
CA LYS A 60 -0.97 10.00 -14.10
C LYS A 60 -0.90 10.76 -12.77
N ASP A 61 -0.94 12.09 -12.87
CA ASP A 61 -0.89 12.93 -11.67
C ASP A 61 -2.06 12.63 -10.75
N ALA A 62 -3.20 12.25 -11.34
CA ALA A 62 -4.39 11.94 -10.55
C ALA A 62 -4.11 10.77 -9.60
N TYR A 63 -3.45 9.74 -10.12
CA TYR A 63 -3.13 8.57 -9.31
C TYR A 63 -2.05 8.89 -8.28
N HIS A 64 -1.18 9.84 -8.62
CA HIS A 64 -0.11 10.24 -7.73
C HIS A 64 -0.68 10.78 -6.42
N LYS A 65 -1.86 11.40 -6.50
CA LYS A 65 -2.51 11.96 -5.33
C LYS A 65 -3.04 10.85 -4.43
N LYS A 66 -3.55 9.79 -5.05
CA LYS A 66 -4.08 8.65 -4.31
C LYS A 66 -2.99 7.96 -3.50
N CYS A 67 -1.84 7.76 -4.14
CA CYS A 67 -0.70 7.12 -3.50
C CYS A 67 -0.26 7.93 -2.28
N ASP A 68 -0.11 9.24 -2.48
CA ASP A 68 0.31 10.13 -1.41
C ASP A 68 -0.77 10.20 -0.33
N GLN A 69 -2.03 10.15 -0.76
CA GLN A 69 -3.15 10.20 0.17
C GLN A 69 -3.12 9.00 1.11
N LYS A 70 -2.85 7.82 0.54
CA LYS A 70 -2.79 6.59 1.33
C LYS A 70 -1.70 6.69 2.38
N LYS A 71 -0.63 7.41 2.07
CA LYS A 71 0.48 7.59 2.98
C LYS A 71 0.08 8.49 4.15
N LYS A 72 -0.71 9.53 3.83
CA LYS A 72 -1.17 10.45 4.85
C LYS A 72 -2.02 9.73 5.91
N ASP A 73 -2.90 8.85 5.43
CA ASP A 73 -3.76 8.07 6.32
C ASP A 73 -2.95 7.01 7.05
N TYR A 74 -1.98 6.43 6.35
CA TYR A 74 -1.13 5.40 6.93
C TYR A 74 -0.38 5.94 8.14
N GLU A 75 0.15 7.15 8.00
CA GLU A 75 0.88 7.80 9.08
C GLU A 75 -0.03 8.06 10.27
N VAL A 76 -1.22 8.60 10.00
CA VAL A 76 -2.18 8.89 11.04
C VAL A 76 -2.66 7.61 11.71
N GLU A 77 -3.11 6.66 10.90
CA GLU A 77 -3.59 5.38 11.42
C GLU A 77 -2.50 4.67 12.20
N LEU A 78 -1.26 4.87 11.78
CA LEU A 78 -0.12 4.26 12.45
C LEU A 78 0.25 5.01 13.72
N LEU A 79 0.03 6.33 13.70
CA LEU A 79 0.32 7.17 14.84
C LEU A 79 -0.71 6.96 15.94
N ARG A 80 -1.98 7.09 15.59
CA ARG A 80 -3.07 6.92 16.55
C ARG A 80 -3.02 5.53 17.16
N PHE A 81 -2.57 4.55 16.38
CA PHE A 81 -2.48 3.17 16.85
C PHE A 81 -1.26 3.00 17.75
N LEU A 82 -0.12 3.51 17.30
CA LEU A 82 1.12 3.41 18.07
C LEU A 82 0.94 3.99 19.47
N GLU A 83 0.61 5.28 19.52
CA GLU A 83 0.39 5.95 20.81
C GLU A 83 -0.57 5.16 21.69
N SER A 84 -1.51 4.49 21.05
CA SER A 84 -2.50 3.69 21.76
C SER A 84 -1.82 2.54 22.51
N LEU A 85 -0.76 2.01 21.92
CA LEU A 85 -0.02 0.92 22.53
C LEU A 85 1.05 1.44 23.47
N PRO A 86 1.50 0.63 24.44
CA PRO A 86 2.52 1.03 25.41
C PRO A 86 3.87 1.29 24.76
N GLU A 87 4.84 1.75 25.55
CA GLU A 87 6.17 2.05 25.05
C GLU A 87 6.80 0.80 24.41
N GLU A 88 6.72 -0.32 25.13
CA GLU A 88 7.27 -1.57 24.63
C GLU A 88 6.70 -1.91 23.26
N GLU A 89 5.38 -1.93 23.16
CA GLU A 89 4.70 -2.24 21.90
C GLU A 89 5.08 -1.24 20.83
N GLN A 90 5.02 0.05 21.17
CA GLN A 90 5.37 1.11 20.23
C GLN A 90 6.80 0.95 19.74
N GLN A 91 7.66 0.41 20.60
CA GLN A 91 9.06 0.20 20.25
C GLN A 91 9.20 -0.87 19.17
N ARG A 92 8.40 -1.92 19.29
CA ARG A 92 8.43 -3.02 18.33
C ARG A 92 7.97 -2.55 16.96
N VAL A 93 6.82 -1.88 16.91
CA VAL A 93 6.26 -1.39 15.66
C VAL A 93 7.13 -0.26 15.08
N LEU A 94 7.59 0.63 15.95
CA LEU A 94 8.42 1.74 15.53
C LEU A 94 9.82 1.27 15.15
N GLY A 95 10.33 0.28 15.89
CA GLY A 95 11.65 -0.25 15.62
C GLY A 95 11.66 -1.24 14.47
N GLU A 96 10.49 -1.50 13.88
CA GLU A 96 10.39 -2.43 12.77
C GLU A 96 9.90 -1.73 11.51
N GLU A 97 8.97 -0.79 11.68
CA GLU A 97 8.42 -0.04 10.54
C GLU A 97 9.10 1.32 10.40
N LYS A 98 9.06 2.11 11.47
CA LYS A 98 9.66 3.45 11.46
C LYS A 98 11.14 3.38 11.10
N MET A 99 11.75 2.21 11.32
CA MET A 99 13.17 2.02 11.01
C MET A 99 13.38 1.81 9.51
N LEU A 100 12.37 1.28 8.84
CA LEU A 100 12.46 1.03 7.40
C LEU A 100 11.87 2.19 6.61
N ASN A 101 10.68 2.64 7.03
CA ASN A 101 10.02 3.75 6.35
C ASN A 101 9.78 3.44 4.88
N ILE A 102 9.59 2.16 4.57
CA ILE A 102 9.35 1.73 3.21
C ILE A 102 10.55 2.06 2.31
N SER A 103 11.49 1.14 2.23
CA SER A 103 12.68 1.34 1.41
C SER A 103 12.71 0.34 0.25
N GLY A 104 12.71 -0.95 0.58
CA GLY A 104 12.74 -1.98 -0.43
C GLY A 104 12.90 -3.37 0.15
N PRO A 105 12.33 -4.40 -0.50
CA PRO A 105 12.42 -5.78 -0.02
C PRO A 105 13.82 -6.37 -0.20
N SER A 106 14.54 -6.47 0.90
CA SER A 106 15.90 -7.02 0.87
C SER A 106 15.88 -8.54 1.00
N SER A 107 16.72 -9.20 0.20
CA SER A 107 16.79 -10.66 0.21
C SER A 107 18.17 -11.13 -0.24
N GLY A 108 18.88 -11.81 0.65
CA GLY A 108 20.20 -12.31 0.32
C GLY A 108 21.23 -11.21 0.21
#